data_6S1I
#
_entry.id   6S1I
#
_cell.length_a   244.317
_cell.length_b   64.504
_cell.length_c   147.586
_cell.angle_alpha   90.000
_cell.angle_beta   115.740
_cell.angle_gamma   90.000
#
_symmetry.space_group_name_H-M   'C 1 2 1'
#
loop_
_entity.id
_entity.type
_entity.pdbx_description
1 polymer 'Dual specificity tyrosine-phosphorylation-regulated kinase 1A'
2 non-polymer 'SULFATE ION'
3 non-polymer 'TETRAETHYLENE GLYCOL'
4 non-polymer ~{N}-methyl-~{N}-phenyl-4-pyrazolo[1,5-b]pyridazin-3-yl-pyrimidin-2-amine
5 water water
#
_entity_poly.entity_id   1
_entity_poly.type   'polypeptide(L)'
_entity_poly.pdbx_seq_one_letter_code
;SMSSHKKERKVYNDGYDDDNYDYIVKNGEKWMDRYEIDSLIGKGSFGQVVKAYDRVEQEWVAIKIIKNKKAFLNQAQIEV
RLLELMNKHDTEMKYYIVHLKRHFMFRNHLCLVFEMLSYNLYDLLRNTNFRGVSLNLTRKFAQQMCTALLFLATPELSII
HCDLKPENILLCNPKRSAIKIVDFGSSCQLGQRIYQ(PTR)IQSRFYRSPEVLLGMPYDLAIDMWSLGCILVEMHTGEPL
FSGANEVDQMNKIVEVLGIPPAHILDQAPKARKFFEKLPDGTWNLKKTKDGKREYKPPGTRKLHNILGVETGGPGGRRAG
ESGHTVADYLKFKDLILRMLDYDPKTRIQPYYALQHSFFKKTADE
;
_entity_poly.pdbx_strand_id   A,B,C,D
#
loop_
_chem_comp.id
_chem_comp.type
_chem_comp.name
_chem_comp.formula
KR8 non-polymer ~{N}-methyl-~{N}-phenyl-4-pyrazolo[1,5-b]pyridazin-3-yl-pyrimidin-2-amine 'C17 H14 N6'
PG4 non-polymer 'TETRAETHYLENE GLYCOL' 'C8 H18 O5'
SO4 non-polymer 'SULFATE ION' 'O4 S -2'
#
# COMPACT_ATOMS: atom_id res chain seq x y z
N VAL A 11 -33.37 51.31 28.38
CA VAL A 11 -32.85 51.73 27.08
C VAL A 11 -31.46 51.17 26.83
N TYR A 12 -31.39 50.11 26.03
CA TYR A 12 -30.13 49.45 25.69
C TYR A 12 -29.79 49.74 24.24
N ASN A 13 -28.55 50.17 24.00
CA ASN A 13 -28.07 50.45 22.65
C ASN A 13 -28.99 51.45 21.92
N ASP A 14 -29.32 52.54 22.61
CA ASP A 14 -30.23 53.56 22.09
C ASP A 14 -31.56 52.97 21.63
N GLY A 15 -31.94 51.84 22.21
CA GLY A 15 -33.23 51.23 21.94
C GLY A 15 -33.21 50.02 21.03
N TYR A 16 -32.11 49.75 20.33
CA TYR A 16 -32.08 48.67 19.34
C TYR A 16 -31.87 47.30 19.95
N ASP A 17 -31.41 47.22 21.20
CA ASP A 17 -31.10 45.95 21.85
C ASP A 17 -32.13 45.63 22.93
N ASP A 18 -32.19 44.34 23.27
CA ASP A 18 -32.94 43.88 24.43
C ASP A 18 -32.01 43.81 25.64
N ASP A 19 -32.51 43.20 26.72
CA ASP A 19 -31.80 43.03 27.98
C ASP A 19 -30.69 42.01 27.90
N ASN A 20 -30.52 41.32 26.77
CA ASN A 20 -29.58 40.22 26.65
C ASN A 20 -28.54 40.50 25.56
N TYR A 21 -28.25 41.78 25.32
CA TYR A 21 -27.27 42.23 24.33
C TYR A 21 -27.61 41.79 22.91
N ASP A 22 -28.83 41.33 22.66
CA ASP A 22 -29.28 40.93 21.33
C ASP A 22 -29.96 42.09 20.61
N TYR A 23 -29.82 42.12 19.29
CA TYR A 23 -30.55 43.09 18.47
C TYR A 23 -32.02 42.71 18.39
N ILE A 24 -32.91 43.68 18.63
CA ILE A 24 -34.34 43.41 18.54
C ILE A 24 -34.71 43.31 17.06
N VAL A 25 -34.87 42.09 16.57
CA VAL A 25 -35.11 41.87 15.14
C VAL A 25 -36.54 42.26 14.79
N LYS A 26 -36.68 43.02 13.72
CA LYS A 26 -37.98 43.49 13.24
C LYS A 26 -38.16 43.10 11.78
N ASN A 27 -39.21 42.35 11.50
CA ASN A 27 -39.39 41.77 10.17
C ASN A 27 -39.66 42.85 9.13
N GLY A 28 -39.07 42.69 7.94
CA GLY A 28 -39.24 43.62 6.85
C GLY A 28 -38.30 44.80 6.87
N GLU A 29 -37.47 44.94 7.90
CA GLU A 29 -36.54 46.05 7.98
C GLU A 29 -35.48 45.92 6.89
N LYS A 30 -35.12 47.03 6.28
CA LYS A 30 -34.06 47.06 5.28
C LYS A 30 -32.81 47.67 5.90
N TRP A 31 -31.67 47.03 5.68
CA TRP A 31 -30.39 47.46 6.22
C TRP A 31 -29.50 47.96 5.09
N MET A 32 -28.92 49.13 5.28
CA MET A 32 -27.85 49.62 4.41
C MET A 32 -28.28 49.66 2.95
N ASP A 33 -29.59 49.86 2.72
CA ASP A 33 -30.17 49.81 1.37
C ASP A 33 -29.69 48.59 0.60
N ARG A 34 -29.61 47.45 1.28
CA ARG A 34 -29.12 46.24 0.65
C ARG A 34 -29.84 44.98 1.15
N TYR A 35 -29.92 44.80 2.47
CA TYR A 35 -30.47 43.58 3.05
C TYR A 35 -31.88 43.83 3.56
N GLU A 36 -32.81 42.96 3.15
CA GLU A 36 -34.18 42.99 3.62
C GLU A 36 -34.38 41.84 4.60
N ILE A 37 -34.54 42.18 5.88
CA ILE A 37 -34.64 41.17 6.92
C ILE A 37 -36.00 40.48 6.82
N ASP A 38 -35.98 39.17 6.55
CA ASP A 38 -37.24 38.44 6.53
C ASP A 38 -37.67 38.05 7.93
N SER A 39 -36.87 37.24 8.62
CA SER A 39 -37.29 36.76 9.92
C SER A 39 -36.13 36.18 10.71
N LEU A 40 -36.36 36.04 12.01
CA LEU A 40 -35.48 35.28 12.88
C LEU A 40 -35.60 33.80 12.54
N ILE A 41 -34.46 33.14 12.36
CA ILE A 41 -34.48 31.69 12.10
C ILE A 41 -33.79 30.89 13.20
N GLY A 42 -33.01 31.52 14.07
CA GLY A 42 -32.34 30.79 15.13
C GLY A 42 -31.80 31.71 16.20
N LYS A 43 -31.56 31.11 17.37
CA LYS A 43 -30.98 31.81 18.50
C LYS A 43 -29.83 30.98 19.06
N GLY A 44 -28.88 31.66 19.69
CA GLY A 44 -27.80 30.97 20.36
C GLY A 44 -27.22 31.86 21.44
N SER A 45 -26.23 31.32 22.15
CA SER A 45 -25.51 32.13 23.13
C SER A 45 -24.75 33.27 22.44
N PHE A 46 -24.39 33.07 21.17
CA PHE A 46 -23.68 34.09 20.39
C PHE A 46 -24.56 35.27 20.02
N GLY A 47 -25.87 35.09 20.00
CA GLY A 47 -26.76 36.07 19.41
C GLY A 47 -27.86 35.42 18.59
N GLN A 48 -28.06 35.88 17.37
CA GLN A 48 -29.21 35.47 16.57
C GLN A 48 -28.77 35.24 15.12
N VAL A 49 -29.59 34.48 14.39
CA VAL A 49 -29.44 34.31 12.95
C VAL A 49 -30.77 34.66 12.31
N VAL A 50 -30.73 35.55 11.31
CA VAL A 50 -31.94 35.99 10.63
C VAL A 50 -31.85 35.58 9.17
N LYS A 51 -33.02 35.39 8.57
CA LYS A 51 -33.15 35.22 7.13
C LYS A 51 -33.29 36.59 6.49
N ALA A 52 -32.49 36.87 5.46
CA ALA A 52 -32.54 38.15 4.79
C ALA A 52 -32.34 37.98 3.29
N TYR A 53 -32.88 38.91 2.52
CA TYR A 53 -32.61 38.99 1.09
C TYR A 53 -31.56 40.05 0.82
N ASP A 54 -30.49 39.64 0.13
CA ASP A 54 -29.48 40.56 -0.36
C ASP A 54 -29.93 41.05 -1.74
N ARG A 55 -30.41 42.29 -1.81
CA ARG A 55 -30.88 42.79 -3.09
C ARG A 55 -29.75 43.03 -4.08
N VAL A 56 -28.52 43.23 -3.61
CA VAL A 56 -27.41 43.50 -4.52
C VAL A 56 -27.01 42.23 -5.25
N GLU A 57 -26.73 41.15 -4.51
CA GLU A 57 -26.41 39.87 -5.12
C GLU A 57 -27.64 39.10 -5.54
N GLN A 58 -28.84 39.57 -5.18
CA GLN A 58 -30.11 38.95 -5.54
C GLN A 58 -30.16 37.47 -5.15
N GLU A 59 -30.03 37.22 -3.85
CA GLU A 59 -30.04 35.87 -3.31
C GLU A 59 -30.41 35.94 -1.84
N TRP A 60 -30.99 34.85 -1.34
CA TRP A 60 -31.26 34.72 0.08
C TRP A 60 -29.98 34.40 0.83
N VAL A 61 -29.82 35.01 2.01
CA VAL A 61 -28.65 34.81 2.84
C VAL A 61 -29.08 34.66 4.29
N ALA A 62 -28.19 34.09 5.10
CA ALA A 62 -28.35 34.00 6.54
C ALA A 62 -27.36 34.94 7.20
N ILE A 63 -27.86 35.79 8.10
CA ILE A 63 -27.03 36.77 8.79
C ILE A 63 -26.97 36.41 10.27
N LYS A 64 -25.76 36.14 10.76
CA LYS A 64 -25.51 35.88 12.17
C LYS A 64 -25.27 37.23 12.86
N ILE A 65 -26.22 37.64 13.71
CA ILE A 65 -26.10 38.89 14.45
C ILE A 65 -25.46 38.57 15.79
N ILE A 66 -24.18 38.91 15.93
CA ILE A 66 -23.47 38.66 17.17
C ILE A 66 -23.96 39.63 18.24
N LYS A 67 -24.00 39.15 19.49
CA LYS A 67 -24.35 39.99 20.62
C LYS A 67 -23.47 41.24 20.69
N ASN A 68 -24.11 42.35 21.05
CA ASN A 68 -23.42 43.62 21.27
C ASN A 68 -22.78 43.58 22.65
N LYS A 69 -21.73 42.78 22.77
CA LYS A 69 -20.96 42.68 23.99
C LYS A 69 -19.54 42.21 23.67
N LYS A 70 -18.56 42.81 24.34
CA LYS A 70 -17.17 42.68 23.95
C LYS A 70 -16.73 41.22 23.88
N ALA A 71 -17.04 40.44 24.91
CA ALA A 71 -16.56 39.06 24.95
C ALA A 71 -17.11 38.26 23.77
N PHE A 72 -18.37 38.49 23.40
CA PHE A 72 -18.93 37.78 22.26
C PHE A 72 -18.37 38.32 20.95
N LEU A 73 -18.15 39.63 20.87
CA LEU A 73 -17.55 40.21 19.67
C LEU A 73 -16.13 39.71 19.47
N ASN A 74 -15.33 39.70 20.54
CA ASN A 74 -13.96 39.19 20.43
C ASN A 74 -13.95 37.76 19.92
N GLN A 75 -14.87 36.94 20.41
CA GLN A 75 -14.95 35.55 19.96
C GLN A 75 -15.36 35.46 18.50
N ALA A 76 -16.35 36.25 18.07
CA ALA A 76 -16.78 36.19 16.67
C ALA A 76 -15.70 36.66 15.71
N GLN A 77 -14.76 37.50 16.17
CA GLN A 77 -13.64 37.88 15.33
C GLN A 77 -12.74 36.68 15.06
N ILE A 78 -12.51 35.86 16.09
CA ILE A 78 -11.77 34.61 15.88
C ILE A 78 -12.51 33.75 14.85
N GLU A 79 -13.84 33.66 14.97
CA GLU A 79 -14.64 32.91 14.02
C GLU A 79 -14.46 33.45 12.60
N VAL A 80 -14.47 34.78 12.44
CA VAL A 80 -14.28 35.37 11.12
C VAL A 80 -12.92 35.01 10.55
N ARG A 81 -11.88 35.09 11.37
CA ARG A 81 -10.54 34.76 10.90
C ARG A 81 -10.48 33.31 10.43
N LEU A 82 -11.05 32.38 11.21
CA LEU A 82 -10.99 30.98 10.83
C LEU A 82 -11.85 30.69 9.60
N LEU A 83 -13.05 31.28 9.53
CA LEU A 83 -13.89 31.09 8.36
C LEU A 83 -13.20 31.54 7.08
N GLU A 84 -12.67 32.77 7.08
CA GLU A 84 -12.02 33.29 5.89
C GLU A 84 -10.79 32.46 5.52
N LEU A 85 -10.10 31.91 6.52
CA LEU A 85 -8.96 31.05 6.24
C LEU A 85 -9.37 29.74 5.60
N MET A 86 -10.47 29.14 6.07
CA MET A 86 -10.96 27.91 5.48
C MET A 86 -11.55 28.14 4.10
N ASN A 87 -12.37 29.18 3.96
CA ASN A 87 -13.11 29.41 2.71
C ASN A 87 -12.19 29.72 1.54
N LYS A 88 -11.00 30.25 1.80
CA LYS A 88 -10.05 30.59 0.75
C LYS A 88 -9.11 29.45 0.39
N HIS A 89 -9.12 28.34 1.12
CA HIS A 89 -8.20 27.25 0.84
C HIS A 89 -8.49 26.63 -0.52
N ASP A 90 -7.45 26.06 -1.11
CA ASP A 90 -7.48 25.54 -2.48
C ASP A 90 -7.69 24.03 -2.49
N THR A 91 -8.83 23.61 -1.95
CA THR A 91 -9.22 22.20 -1.99
C THR A 91 -10.73 22.10 -2.18
N GLU A 92 -11.15 20.94 -2.70
CA GLU A 92 -12.58 20.65 -2.78
C GLU A 92 -13.17 20.30 -1.43
N MET A 93 -12.34 19.89 -0.47
CA MET A 93 -12.84 19.49 0.85
C MET A 93 -13.39 20.66 1.64
N LYS A 94 -13.22 21.89 1.15
CA LYS A 94 -13.58 23.07 1.91
C LYS A 94 -15.07 23.37 1.81
N TYR A 95 -15.79 22.63 0.99
CA TYR A 95 -17.20 22.87 0.80
C TYR A 95 -18.06 22.14 1.83
N TYR A 96 -17.44 21.41 2.75
CA TYR A 96 -18.16 20.93 3.92
C TYR A 96 -18.17 21.94 5.05
N ILE A 97 -17.63 23.14 4.83
CA ILE A 97 -17.67 24.22 5.80
C ILE A 97 -18.52 25.33 5.20
N VAL A 98 -19.39 25.91 6.03
CA VAL A 98 -20.28 26.96 5.56
C VAL A 98 -19.47 28.14 5.00
N HIS A 99 -20.00 28.76 3.95
CA HIS A 99 -19.33 29.87 3.27
C HIS A 99 -19.68 31.18 3.95
N LEU A 100 -18.68 31.86 4.50
CA LEU A 100 -18.84 33.22 4.99
C LEU A 100 -18.67 34.17 3.81
N LYS A 101 -19.75 34.85 3.42
CA LYS A 101 -19.67 35.73 2.25
C LYS A 101 -19.03 37.07 2.60
N ARG A 102 -19.51 37.73 3.65
CA ARG A 102 -18.90 38.98 4.11
C ARG A 102 -19.37 39.23 5.53
N HIS A 103 -18.83 40.30 6.14
CA HIS A 103 -19.22 40.73 7.46
C HIS A 103 -19.22 42.25 7.52
N PHE A 104 -20.01 42.80 8.44
CA PHE A 104 -20.08 44.24 8.62
C PHE A 104 -20.57 44.55 10.03
N MET A 105 -20.27 45.77 10.48
CA MET A 105 -20.80 46.28 11.72
C MET A 105 -22.07 47.06 11.43
N PHE A 106 -23.15 46.72 12.13
CA PHE A 106 -24.42 47.40 11.95
C PHE A 106 -25.05 47.63 13.31
N ARG A 107 -25.34 48.89 13.61
CA ARG A 107 -25.91 49.30 14.88
C ARG A 107 -25.18 48.66 16.06
N ASN A 108 -23.84 48.70 15.97
CA ASN A 108 -22.92 48.21 16.99
C ASN A 108 -23.00 46.69 17.17
N HIS A 109 -23.46 45.96 16.16
CA HIS A 109 -23.43 44.50 16.14
C HIS A 109 -22.57 44.01 15.00
N LEU A 110 -21.68 43.06 15.26
CA LEU A 110 -21.01 42.36 14.18
C LEU A 110 -22.00 41.41 13.51
N CYS A 111 -22.08 41.47 12.19
CA CYS A 111 -23.01 40.68 11.41
C CYS A 111 -22.24 39.85 10.40
N LEU A 112 -22.47 38.55 10.42
CA LEU A 112 -21.82 37.61 9.51
C LEU A 112 -22.83 37.14 8.50
N VAL A 113 -22.54 37.34 7.21
CA VAL A 113 -23.45 36.96 6.13
C VAL A 113 -22.98 35.62 5.56
N PHE A 114 -23.84 34.62 5.64
CA PHE A 114 -23.55 33.29 5.11
C PHE A 114 -24.48 32.96 3.96
N GLU A 115 -24.06 31.99 3.15
CA GLU A 115 -24.98 31.29 2.27
C GLU A 115 -26.12 30.70 3.10
N MET A 116 -27.29 30.64 2.49
CA MET A 116 -28.44 30.08 3.19
C MET A 116 -28.39 28.56 3.14
N LEU A 117 -28.48 27.92 4.29
CA LEU A 117 -28.54 26.47 4.35
C LEU A 117 -29.93 26.05 4.84
N SER A 118 -30.09 24.77 5.16
CA SER A 118 -31.38 24.25 5.60
C SER A 118 -31.29 23.90 7.09
N TYR A 119 -32.19 23.01 7.55
CA TYR A 119 -32.24 22.74 8.98
C TYR A 119 -31.08 21.82 9.39
N ASN A 120 -30.80 21.82 10.70
CA ASN A 120 -29.71 21.03 11.27
C ASN A 120 -30.11 19.58 11.47
N LEU A 121 -29.12 18.76 11.86
CA LEU A 121 -29.35 17.34 12.03
C LEU A 121 -30.16 17.04 13.28
N TYR A 122 -30.24 17.97 14.24
CA TYR A 122 -31.17 17.76 15.35
C TYR A 122 -32.61 17.83 14.86
N ASP A 123 -32.94 18.86 14.08
CA ASP A 123 -34.28 18.95 13.50
C ASP A 123 -34.60 17.71 12.69
N LEU A 124 -33.62 17.20 11.96
CA LEU A 124 -33.84 15.99 11.18
C LEU A 124 -34.18 14.81 12.10
N LEU A 125 -33.48 14.69 13.22
CA LEU A 125 -33.82 13.68 14.22
C LEU A 125 -35.22 13.90 14.77
N ARG A 126 -35.58 15.14 15.07
CA ARG A 126 -36.91 15.43 15.58
CA ARG A 126 -36.91 15.43 15.58
C ARG A 126 -37.98 15.01 14.57
N ASN A 127 -37.68 15.10 13.27
CA ASN A 127 -38.66 14.76 12.25
C ASN A 127 -38.90 13.27 12.13
N THR A 128 -37.95 12.43 12.51
CA THR A 128 -38.22 11.01 12.63
C THR A 128 -38.86 10.64 13.95
N ASN A 129 -39.27 11.64 14.74
CA ASN A 129 -39.76 11.42 16.10
C ASN A 129 -38.71 10.67 16.92
N PHE A 130 -37.44 11.01 16.70
CA PHE A 130 -36.30 10.41 17.41
C PHE A 130 -36.25 8.90 17.25
N ARG A 131 -36.78 8.42 16.12
CA ARG A 131 -36.53 7.03 15.73
C ARG A 131 -35.12 6.87 15.18
N GLY A 132 -34.50 7.95 14.75
CA GLY A 132 -33.17 7.92 14.13
C GLY A 132 -33.26 7.73 12.64
N VAL A 133 -32.24 8.22 11.94
CA VAL A 133 -32.17 8.00 10.50
C VAL A 133 -31.54 6.66 10.21
N SER A 134 -31.74 6.19 8.98
CA SER A 134 -31.21 4.91 8.53
C SER A 134 -29.70 4.85 8.70
N LEU A 135 -29.18 3.62 8.77
CA LEU A 135 -27.73 3.43 8.81
C LEU A 135 -27.08 3.93 7.53
N ASN A 136 -27.75 3.75 6.38
CA ASN A 136 -27.21 4.28 5.13
C ASN A 136 -27.07 5.80 5.18
N LEU A 137 -28.05 6.50 5.73
CA LEU A 137 -27.94 7.95 5.83
C LEU A 137 -26.89 8.35 6.85
N THR A 138 -26.82 7.62 7.97
CA THR A 138 -25.77 7.86 8.95
C THR A 138 -24.39 7.73 8.31
N ARG A 139 -24.20 6.71 7.47
CA ARG A 139 -22.92 6.54 6.81
C ARG A 139 -22.59 7.74 5.92
N LYS A 140 -23.59 8.26 5.21
CA LYS A 140 -23.36 9.44 4.38
C LYS A 140 -22.94 10.63 5.22
N PHE A 141 -23.62 10.86 6.35
CA PHE A 141 -23.20 11.91 7.25
C PHE A 141 -21.80 11.66 7.78
N ALA A 142 -21.50 10.41 8.11
CA ALA A 142 -20.19 10.06 8.67
C ALA A 142 -19.06 10.29 7.68
N GLN A 143 -19.26 9.95 6.41
N GLN A 143 -19.27 9.91 6.41
CA GLN A 143 -18.19 10.14 5.43
CA GLN A 143 -18.25 10.14 5.38
C GLN A 143 -17.95 11.62 5.17
C GLN A 143 -17.97 11.62 5.22
N GLN A 144 -19.02 12.43 5.12
CA GLN A 144 -18.84 13.86 4.93
C GLN A 144 -18.16 14.49 6.12
N MET A 145 -18.59 14.14 7.34
CA MET A 145 -17.97 14.70 8.53
C MET A 145 -16.51 14.29 8.64
N CYS A 146 -16.20 13.03 8.29
CA CYS A 146 -14.82 12.59 8.31
C CYS A 146 -13.98 13.37 7.30
N THR A 147 -14.53 13.62 6.11
CA THR A 147 -13.83 14.44 5.13
C THR A 147 -13.64 15.85 5.64
N ALA A 148 -14.63 16.39 6.36
CA ALA A 148 -14.52 17.72 6.93
C ALA A 148 -13.45 17.78 8.00
N LEU A 149 -13.38 16.78 8.88
CA LEU A 149 -12.34 16.76 9.91
C LEU A 149 -10.96 16.60 9.28
N LEU A 150 -10.85 15.86 8.18
CA LEU A 150 -9.60 15.81 7.44
C LEU A 150 -9.22 17.20 6.92
N PHE A 151 -10.20 17.95 6.42
CA PHE A 151 -9.92 19.31 5.96
C PHE A 151 -9.44 20.19 7.11
N LEU A 152 -10.12 20.13 8.26
CA LEU A 152 -9.68 20.91 9.41
C LEU A 152 -8.27 20.49 9.85
N ALA A 153 -7.89 19.25 9.58
CA ALA A 153 -6.60 18.73 10.02
C ALA A 153 -5.43 19.07 9.10
N THR A 154 -5.66 19.70 7.94
CA THR A 154 -4.53 20.05 7.10
C THR A 154 -3.64 21.04 7.86
N PRO A 155 -2.31 20.83 7.84
CA PRO A 155 -1.46 21.51 8.84
C PRO A 155 -1.57 23.02 8.83
N GLU A 156 -1.70 23.63 7.66
CA GLU A 156 -1.85 25.09 7.60
C GLU A 156 -3.08 25.57 8.34
N LEU A 157 -4.11 24.72 8.46
CA LEU A 157 -5.30 25.09 9.21
C LEU A 157 -5.19 24.65 10.67
N SER A 158 -5.15 23.33 10.90
CA SER A 158 -5.08 22.76 12.24
C SER A 158 -6.16 23.33 13.15
N ILE A 159 -7.39 23.29 12.67
CA ILE A 159 -8.52 23.93 13.34
C ILE A 159 -9.29 22.88 14.14
N ILE A 160 -9.55 23.19 15.41
CA ILE A 160 -10.44 22.42 16.26
C ILE A 160 -11.77 23.13 16.32
N HIS A 161 -12.84 22.47 15.86
CA HIS A 161 -14.15 23.10 15.90
C HIS A 161 -14.60 23.39 17.33
N CYS A 162 -14.40 22.41 18.23
CA CYS A 162 -14.60 22.51 19.67
C CYS A 162 -16.07 22.50 20.09
N ASP A 163 -17.02 22.47 19.16
CA ASP A 163 -18.42 22.39 19.56
C ASP A 163 -19.24 21.64 18.50
N LEU A 164 -18.74 20.50 18.03
CA LEU A 164 -19.54 19.69 17.12
C LEU A 164 -20.70 19.06 17.88
N LYS A 165 -21.88 19.21 17.32
CA LYS A 165 -23.11 18.64 17.84
C LYS A 165 -24.13 18.63 16.71
N PRO A 166 -25.24 17.91 16.84
CA PRO A 166 -26.18 17.86 15.71
C PRO A 166 -26.68 19.23 15.30
N GLU A 167 -26.80 20.16 16.25
CA GLU A 167 -27.25 21.50 15.93
C GLU A 167 -26.29 22.28 15.03
N ASN A 168 -25.00 21.92 15.02
CA ASN A 168 -24.00 22.65 14.26
C ASN A 168 -23.64 21.99 12.93
N ILE A 169 -24.39 20.95 12.54
CA ILE A 169 -24.29 20.32 11.23
C ILE A 169 -25.60 20.57 10.49
N LEU A 170 -25.51 21.17 9.31
CA LEU A 170 -26.69 21.66 8.60
C LEU A 170 -26.87 20.96 7.26
N LEU A 171 -28.12 20.67 6.92
CA LEU A 171 -28.40 20.21 5.57
C LEU A 171 -28.30 21.40 4.62
N CYS A 172 -27.72 21.16 3.45
CA CYS A 172 -27.65 22.23 2.44
C CYS A 172 -29.02 22.49 1.85
N ASN A 173 -29.79 21.44 1.65
CA ASN A 173 -31.06 21.45 0.99
C ASN A 173 -31.89 20.52 1.87
N PRO A 174 -33.16 20.87 2.15
CA PRO A 174 -33.89 20.12 3.14
C PRO A 174 -34.14 18.72 2.70
N LYS A 175 -33.96 18.44 1.44
CA LYS A 175 -34.46 17.11 1.16
C LYS A 175 -33.43 16.26 0.43
N ARG A 176 -32.17 16.59 0.70
CA ARG A 176 -30.94 15.97 0.23
C ARG A 176 -30.02 15.73 1.43
N SER A 177 -29.00 14.91 1.24
CA SER A 177 -28.12 14.48 2.33
C SER A 177 -26.81 15.26 2.46
N ALA A 178 -26.53 16.21 1.56
CA ALA A 178 -25.32 17.03 1.69
C ALA A 178 -25.38 17.90 2.95
N ILE A 179 -24.25 17.97 3.68
CA ILE A 179 -24.19 18.73 4.91
C ILE A 179 -22.98 19.67 4.93
N LYS A 180 -23.05 20.69 5.77
CA LYS A 180 -21.93 21.56 6.09
C LYS A 180 -21.90 21.82 7.59
N ILE A 181 -20.70 22.11 8.10
CA ILE A 181 -20.49 22.45 9.51
C ILE A 181 -20.61 23.96 9.69
N VAL A 182 -21.29 24.39 10.75
CA VAL A 182 -21.41 25.80 11.06
C VAL A 182 -20.96 26.06 12.50
N ASP A 183 -21.00 27.34 12.89
CA ASP A 183 -20.73 27.83 14.22
C ASP A 183 -19.30 27.55 14.65
N PHE A 184 -18.36 28.36 14.16
CA PHE A 184 -16.98 28.27 14.60
C PHE A 184 -16.69 29.25 15.73
N GLY A 185 -17.75 29.59 16.48
CA GLY A 185 -17.64 30.55 17.57
C GLY A 185 -16.69 30.16 18.68
N SER A 186 -16.58 28.86 18.99
CA SER A 186 -15.65 28.42 20.03
C SER A 186 -14.40 27.76 19.45
N SER A 187 -14.18 27.85 18.14
CA SER A 187 -13.07 27.14 17.53
C SER A 187 -11.73 27.80 17.86
N CYS A 188 -10.66 27.03 17.66
CA CYS A 188 -9.31 27.51 17.86
C CYS A 188 -8.40 26.73 16.94
N GLN A 189 -7.14 27.16 16.87
CA GLN A 189 -6.13 26.42 16.15
C GLN A 189 -5.21 25.72 17.15
N LEU A 190 -4.46 24.76 16.64
CA LEU A 190 -3.66 23.90 17.51
C LEU A 190 -2.76 24.72 18.40
N GLY A 191 -2.25 25.84 17.90
CA GLY A 191 -1.40 26.67 18.72
C GLY A 191 -2.14 27.61 19.67
N GLN A 192 -3.37 27.99 19.34
CA GLN A 192 -4.05 29.11 19.99
C GLN A 192 -5.32 28.66 20.70
N ARG A 193 -5.16 27.86 21.76
CA ARG A 193 -6.27 27.41 22.58
C ARG A 193 -6.37 28.26 23.84
N ILE A 194 -7.59 28.70 24.16
CA ILE A 194 -7.80 29.71 25.18
C ILE A 194 -8.88 29.35 26.20
N TYR A 195 -9.44 28.15 26.12
CA TYR A 195 -10.50 27.76 27.05
C TYR A 195 -10.20 26.38 27.63
N GLN A 196 -10.91 26.07 28.71
CA GLN A 196 -10.78 24.79 29.38
C GLN A 196 -12.14 24.09 29.44
N PTR A 197 -13.20 24.89 29.63
CA PTR A 197 -14.56 24.39 29.62
C PTR A 197 -15.15 24.52 28.23
O PTR A 197 -15.78 25.54 27.91
CB PTR A 197 -15.39 25.17 30.65
CG PTR A 197 -16.73 24.56 31.01
CD1 PTR A 197 -16.82 23.34 31.65
CD2 PTR A 197 -17.92 25.24 30.74
CE1 PTR A 197 -18.04 22.80 32.00
CE2 PTR A 197 -19.15 24.71 31.09
CZ PTR A 197 -19.21 23.48 31.71
OH PTR A 197 -20.34 22.96 32.07
P PTR A 197 -21.66 22.70 31.19
O1P PTR A 197 -21.79 21.19 30.97
O2P PTR A 197 -21.58 23.36 29.87
O3P PTR A 197 -22.88 23.21 31.97
N ILE A 198 -14.94 23.52 27.39
CA ILE A 198 -15.38 23.57 26.00
C ILE A 198 -16.16 22.33 25.59
N GLN A 199 -16.86 22.47 24.47
CA GLN A 199 -17.74 21.47 23.86
C GLN A 199 -19.06 21.42 24.62
N SER A 200 -20.16 21.17 23.91
CA SER A 200 -21.43 20.93 24.56
C SER A 200 -21.34 19.61 25.32
N ARG A 201 -21.95 19.57 26.51
CA ARG A 201 -21.60 18.55 27.49
C ARG A 201 -21.75 17.13 26.94
N PHE A 202 -22.86 16.84 26.26
CA PHE A 202 -23.09 15.49 25.75
C PHE A 202 -21.95 15.02 24.85
N TYR A 203 -21.26 15.96 24.18
CA TYR A 203 -20.25 15.67 23.19
C TYR A 203 -18.85 16.02 23.67
N ARG A 204 -18.69 16.24 24.97
CA ARG A 204 -17.42 16.66 25.54
C ARG A 204 -16.49 15.47 25.71
N SER A 205 -15.25 15.62 25.26
CA SER A 205 -14.28 14.54 25.24
C SER A 205 -13.74 14.27 26.65
N PRO A 206 -13.22 13.05 26.89
CA PRO A 206 -12.60 12.78 28.19
C PRO A 206 -11.48 13.73 28.56
N GLU A 207 -10.63 14.10 27.60
CA GLU A 207 -9.50 14.99 27.92
C GLU A 207 -9.99 16.34 28.43
N VAL A 208 -11.09 16.84 27.89
CA VAL A 208 -11.62 18.13 28.37
C VAL A 208 -12.21 17.98 29.76
N LEU A 209 -12.99 16.90 29.98
CA LEU A 209 -13.54 16.67 31.32
C LEU A 209 -12.43 16.53 32.36
N LEU A 210 -11.30 15.94 31.97
CA LEU A 210 -10.21 15.73 32.90
C LEU A 210 -9.28 16.93 33.01
N GLY A 211 -9.57 18.01 32.28
CA GLY A 211 -8.75 19.20 32.34
C GLY A 211 -7.36 19.02 31.73
N MET A 212 -7.21 18.10 30.80
CA MET A 212 -5.93 17.81 30.18
C MET A 212 -5.77 18.60 28.90
N PRO A 213 -4.55 18.70 28.37
CA PRO A 213 -4.38 19.28 27.03
C PRO A 213 -5.20 18.51 26.00
N TYR A 214 -5.61 19.21 24.96
CA TYR A 214 -6.43 18.61 23.92
C TYR A 214 -5.99 19.13 22.56
N ASP A 215 -6.44 18.43 21.52
CA ASP A 215 -6.09 18.78 20.16
C ASP A 215 -7.30 18.45 19.28
N LEU A 216 -7.05 18.26 17.98
CA LEU A 216 -8.14 18.02 17.04
C LEU A 216 -8.89 16.73 17.35
N ALA A 217 -8.30 15.83 18.13
CA ALA A 217 -8.96 14.56 18.43
C ALA A 217 -10.26 14.74 19.21
N ILE A 218 -10.47 15.90 19.86
CA ILE A 218 -11.72 16.09 20.58
C ILE A 218 -12.90 16.19 19.61
N ASP A 219 -12.64 16.69 18.40
CA ASP A 219 -13.72 16.73 17.41
C ASP A 219 -14.11 15.34 16.96
N MET A 220 -13.15 14.41 16.91
CA MET A 220 -13.46 13.04 16.53
C MET A 220 -14.29 12.34 17.61
N TRP A 221 -13.99 12.62 18.88
CA TRP A 221 -14.85 12.12 19.95
C TRP A 221 -16.29 12.59 19.76
N SER A 222 -16.48 13.90 19.54
CA SER A 222 -17.83 14.42 19.35
C SER A 222 -18.53 13.72 18.20
N LEU A 223 -17.80 13.47 17.10
CA LEU A 223 -18.40 12.85 15.94
C LEU A 223 -18.88 11.44 16.25
N GLY A 224 -18.08 10.69 17.01
CA GLY A 224 -18.53 9.37 17.45
C GLY A 224 -19.84 9.43 18.21
N CYS A 225 -19.95 10.36 19.17
CA CYS A 225 -21.19 10.51 19.91
C CYS A 225 -22.34 10.92 18.99
N ILE A 226 -22.05 11.80 18.03
CA ILE A 226 -23.10 12.30 17.14
C ILE A 226 -23.63 11.18 16.25
N LEU A 227 -22.73 10.37 15.69
CA LEU A 227 -23.17 9.34 14.75
C LEU A 227 -24.06 8.30 15.44
N VAL A 228 -23.74 7.94 16.69
CA VAL A 228 -24.59 7.00 17.41
C VAL A 228 -25.97 7.61 17.61
N GLU A 229 -26.02 8.88 18.02
CA GLU A 229 -27.29 9.55 18.27
C GLU A 229 -28.11 9.70 17.00
N MET A 230 -27.46 9.93 15.86
CA MET A 230 -28.19 10.06 14.61
C MET A 230 -28.92 8.77 14.25
N HIS A 231 -28.34 7.63 14.59
CA HIS A 231 -28.98 6.36 14.26
C HIS A 231 -29.90 5.84 15.37
N THR A 232 -29.58 6.09 16.64
CA THR A 232 -30.47 5.66 17.71
C THR A 232 -31.54 6.70 18.04
N GLY A 233 -31.32 7.96 17.71
CA GLY A 233 -32.26 9.00 18.01
C GLY A 233 -32.08 9.67 19.35
N GLU A 234 -31.18 9.18 20.19
CA GLU A 234 -30.99 9.77 21.50
C GLU A 234 -29.50 9.87 21.80
N PRO A 235 -29.11 10.83 22.66
CA PRO A 235 -27.68 11.03 22.94
C PRO A 235 -27.05 9.79 23.57
N LEU A 236 -25.80 9.54 23.19
CA LEU A 236 -25.07 8.40 23.74
C LEU A 236 -24.73 8.64 25.22
N PHE A 237 -24.21 9.83 25.54
CA PHE A 237 -23.80 10.19 26.90
C PHE A 237 -24.52 11.47 27.27
N SER A 238 -25.63 11.34 28.00
CA SER A 238 -26.51 12.48 28.29
C SER A 238 -26.35 12.96 29.74
N GLY A 239 -25.13 13.36 30.09
CA GLY A 239 -24.88 13.78 31.45
C GLY A 239 -25.61 15.07 31.79
N ALA A 240 -26.08 15.16 33.04
CA ALA A 240 -26.71 16.39 33.51
C ALA A 240 -25.68 17.40 34.00
N ASN A 241 -24.46 16.93 34.28
CA ASN A 241 -23.35 17.75 34.72
C ASN A 241 -22.08 16.94 34.46
N GLU A 242 -20.92 17.54 34.72
CA GLU A 242 -19.67 16.89 34.35
C GLU A 242 -19.50 15.54 35.04
N VAL A 243 -19.85 15.44 36.33
CA VAL A 243 -19.71 14.18 37.04
C VAL A 243 -20.60 13.11 36.41
N ASP A 244 -21.87 13.47 36.16
CA ASP A 244 -22.80 12.56 35.49
C ASP A 244 -22.31 12.20 34.09
N GLN A 245 -21.74 13.17 33.38
CA GLN A 245 -21.24 12.90 32.03
C GLN A 245 -20.09 11.90 32.05
N MET A 246 -19.13 12.08 32.95
CA MET A 246 -18.02 11.14 33.01
C MET A 246 -18.50 9.74 33.41
N ASN A 247 -19.42 9.67 34.37
CA ASN A 247 -19.94 8.36 34.79
C ASN A 247 -20.69 7.67 33.66
N LYS A 248 -21.38 8.44 32.81
CA LYS A 248 -22.10 7.82 31.70
C LYS A 248 -21.14 7.29 30.63
N ILE A 249 -20.01 7.98 30.43
CA ILE A 249 -18.99 7.45 29.54
C ILE A 249 -18.42 6.16 30.10
N VAL A 250 -18.17 6.14 31.42
CA VAL A 250 -17.61 4.96 32.07
C VAL A 250 -18.57 3.78 32.02
N GLU A 251 -19.88 4.03 32.05
CA GLU A 251 -20.84 2.93 31.92
C GLU A 251 -20.59 2.13 30.64
N VAL A 252 -20.26 2.83 29.55
CA VAL A 252 -20.10 2.20 28.25
C VAL A 252 -18.67 1.73 28.01
N LEU A 253 -17.68 2.52 28.42
CA LEU A 253 -16.29 2.28 28.02
C LEU A 253 -15.38 1.85 29.16
N GLY A 254 -15.88 1.80 30.39
CA GLY A 254 -15.05 1.41 31.52
C GLY A 254 -14.26 2.56 32.10
N ILE A 255 -13.47 2.24 33.11
CA ILE A 255 -12.58 3.24 33.72
C ILE A 255 -11.51 3.64 32.70
N PRO A 256 -11.25 4.93 32.51
CA PRO A 256 -10.16 5.31 31.61
C PRO A 256 -8.86 4.72 32.09
N PRO A 257 -7.94 4.42 31.17
CA PRO A 257 -6.70 3.73 31.56
C PRO A 257 -5.84 4.57 32.48
N ALA A 258 -5.00 3.86 33.25
CA ALA A 258 -4.23 4.51 34.30
C ALA A 258 -3.27 5.56 33.75
N HIS A 259 -2.69 5.32 32.57
CA HIS A 259 -1.73 6.28 32.04
C HIS A 259 -2.37 7.63 31.72
N ILE A 260 -3.68 7.65 31.44
CA ILE A 260 -4.37 8.92 31.27
C ILE A 260 -4.68 9.57 32.61
N LEU A 261 -5.30 8.81 33.52
CA LEU A 261 -5.69 9.38 34.80
C LEU A 261 -4.49 9.84 35.62
N ASP A 262 -3.35 9.17 35.48
CA ASP A 262 -2.15 9.59 36.20
C ASP A 262 -1.68 10.98 35.79
N GLN A 263 -2.09 11.47 34.63
CA GLN A 263 -1.73 12.79 34.14
C GLN A 263 -2.91 13.76 34.09
N ALA A 264 -4.06 13.39 34.66
CA ALA A 264 -5.27 14.18 34.48
C ALA A 264 -5.42 15.14 35.67
N PRO A 265 -5.37 16.45 35.45
CA PRO A 265 -5.52 17.38 36.58
C PRO A 265 -6.82 17.22 37.35
N LYS A 266 -7.90 16.85 36.69
CA LYS A 266 -9.20 16.69 37.34
C LYS A 266 -9.57 15.24 37.56
N ALA A 267 -8.58 14.33 37.60
CA ALA A 267 -8.86 12.92 37.83
C ALA A 267 -9.70 12.70 39.08
N ARG A 268 -9.37 13.41 40.16
CA ARG A 268 -10.05 13.14 41.42
C ARG A 268 -11.40 13.85 41.53
N LYS A 269 -11.85 14.50 40.46
CA LYS A 269 -13.24 14.95 40.41
C LYS A 269 -14.18 13.78 40.16
N PHE A 270 -13.68 12.70 39.55
CA PHE A 270 -14.48 11.53 39.24
C PHE A 270 -13.92 10.24 39.83
N PHE A 271 -12.61 10.13 40.01
CA PHE A 271 -11.95 8.88 40.32
C PHE A 271 -11.08 9.01 41.56
N GLU A 272 -10.69 7.85 42.12
CA GLU A 272 -9.71 7.80 43.19
C GLU A 272 -8.68 6.73 42.86
N LYS A 273 -7.41 7.02 43.17
CA LYS A 273 -6.30 6.13 42.86
C LYS A 273 -6.02 5.25 44.07
N LEU A 274 -5.97 3.93 43.85
CA LEU A 274 -5.82 2.93 44.89
C LEU A 274 -4.34 2.68 45.20
N PRO A 275 -4.04 2.04 46.34
CA PRO A 275 -2.63 1.80 46.70
C PRO A 275 -1.82 1.10 45.62
N ASP A 276 -2.43 0.20 44.85
CA ASP A 276 -1.71 -0.48 43.79
C ASP A 276 -1.57 0.36 42.53
N GLY A 277 -2.01 1.60 42.54
CA GLY A 277 -1.90 2.45 41.37
C GLY A 277 -3.05 2.31 40.39
N THR A 278 -4.04 1.48 40.68
CA THR A 278 -5.20 1.39 39.80
C THR A 278 -6.24 2.42 40.23
N TRP A 279 -7.16 2.72 39.32
CA TRP A 279 -8.16 3.75 39.51
C TRP A 279 -9.56 3.14 39.55
N ASN A 280 -10.42 3.70 40.40
CA ASN A 280 -11.84 3.39 40.42
C ASN A 280 -12.62 4.69 40.45
N LEU A 281 -13.95 4.58 40.32
CA LEU A 281 -14.82 5.72 40.52
C LEU A 281 -14.74 6.16 41.98
N LYS A 282 -15.06 7.43 42.21
CA LYS A 282 -15.18 7.92 43.58
C LYS A 282 -16.34 7.22 44.28
N LYS A 283 -16.15 6.97 45.58
CA LYS A 283 -17.18 6.31 46.38
C LYS A 283 -18.45 7.15 46.45
N THR A 284 -19.59 6.48 46.29
CA THR A 284 -20.90 7.11 46.19
C THR A 284 -21.61 7.10 47.54
N LYS A 285 -22.47 8.11 47.74
CA LYS A 285 -23.00 8.43 49.08
C LYS A 285 -23.84 7.31 49.66
N ASP A 286 -23.51 6.89 50.87
CA ASP A 286 -24.14 5.73 51.52
C ASP A 286 -24.22 4.53 50.59
N GLY A 287 -23.36 4.49 49.57
CA GLY A 287 -23.37 3.42 48.60
C GLY A 287 -24.54 3.45 47.64
N LYS A 288 -25.13 4.62 47.39
CA LYS A 288 -26.36 4.68 46.62
C LYS A 288 -26.10 4.30 45.17
N ARG A 289 -26.89 3.37 44.65
CA ARG A 289 -26.65 2.82 43.32
C ARG A 289 -27.29 3.71 42.27
N GLU A 290 -26.48 4.15 41.31
CA GLU A 290 -27.01 5.02 40.27
C GLU A 290 -26.57 4.66 38.84
N TYR A 291 -25.39 4.06 38.67
CA TYR A 291 -24.83 3.80 37.36
C TYR A 291 -24.64 2.30 37.16
N LYS A 292 -24.68 1.86 35.90
CA LYS A 292 -24.24 0.52 35.59
C LYS A 292 -22.77 0.37 35.95
N PRO A 293 -22.33 -0.82 36.37
CA PRO A 293 -20.91 -1.02 36.65
C PRO A 293 -20.08 -0.72 35.40
N PRO A 294 -18.83 -0.32 35.58
CA PRO A 294 -18.04 0.17 34.44
C PRO A 294 -17.98 -0.84 33.29
N GLY A 295 -18.22 -0.34 32.08
CA GLY A 295 -18.15 -1.15 30.88
C GLY A 295 -19.29 -2.11 30.65
N THR A 296 -20.34 -2.10 31.47
CA THR A 296 -21.44 -3.05 31.29
C THR A 296 -22.59 -2.52 30.46
N ARG A 297 -22.61 -1.23 30.11
CA ARG A 297 -23.60 -0.73 29.16
C ARG A 297 -22.97 -0.79 27.77
N LYS A 298 -23.04 -1.97 27.18
CA LYS A 298 -22.30 -2.25 25.95
C LYS A 298 -22.90 -1.52 24.75
N LEU A 299 -22.04 -0.84 23.99
CA LEU A 299 -22.47 -0.27 22.71
C LEU A 299 -23.06 -1.32 21.77
N HIS A 300 -22.56 -2.55 21.85
CA HIS A 300 -23.13 -3.67 21.10
C HIS A 300 -24.63 -3.77 21.29
N ASN A 301 -25.11 -3.48 22.52
CA ASN A 301 -26.54 -3.56 22.82
C ASN A 301 -27.26 -2.24 22.60
N ILE A 302 -26.61 -1.10 22.84
CA ILE A 302 -27.23 0.18 22.51
C ILE A 302 -27.59 0.22 21.03
N LEU A 303 -26.69 -0.26 20.19
CA LEU A 303 -26.91 -0.27 18.75
C LEU A 303 -27.80 -1.42 18.29
N GLY A 304 -27.99 -2.44 19.13
CA GLY A 304 -28.73 -3.62 18.71
C GLY A 304 -28.07 -4.36 17.56
N VAL A 305 -26.75 -4.54 17.64
CA VAL A 305 -25.96 -5.11 16.55
C VAL A 305 -26.58 -6.41 16.03
N GLU A 306 -27.02 -7.29 16.94
CA GLU A 306 -27.53 -8.59 16.57
C GLU A 306 -29.02 -8.77 16.82
N THR A 307 -29.73 -7.72 17.24
CA THR A 307 -31.13 -7.84 17.61
C THR A 307 -32.01 -6.84 16.85
N GLY A 308 -31.65 -6.53 15.60
CA GLY A 308 -32.45 -5.67 14.77
C GLY A 308 -32.23 -4.19 14.94
N GLY A 309 -31.04 -3.77 15.34
CA GLY A 309 -30.73 -2.36 15.45
C GLY A 309 -31.27 -1.73 16.71
N PRO A 310 -31.14 -0.39 16.82
CA PRO A 310 -31.57 0.29 18.05
C PRO A 310 -33.00 0.01 18.43
N GLY A 311 -33.19 -0.52 19.65
CA GLY A 311 -34.52 -0.86 20.11
C GLY A 311 -35.21 -1.92 19.29
N GLY A 312 -34.46 -2.66 18.47
CA GLY A 312 -35.02 -3.59 17.52
C GLY A 312 -35.80 -2.99 16.37
N ARG A 313 -35.68 -1.67 16.14
CA ARG A 313 -36.56 -1.00 15.19
C ARG A 313 -36.15 -1.20 13.72
N ARG A 314 -34.98 -1.76 13.43
CA ARG A 314 -34.55 -1.96 12.04
C ARG A 314 -34.65 -3.42 11.61
N ALA A 315 -35.24 -4.29 12.43
CA ALA A 315 -35.40 -5.69 12.06
C ALA A 315 -36.25 -5.83 10.80
N GLY A 316 -35.76 -6.61 9.83
CA GLY A 316 -36.47 -6.82 8.60
C GLY A 316 -36.25 -5.76 7.54
N GLU A 317 -35.35 -4.82 7.79
CA GLU A 317 -35.04 -3.75 6.86
C GLU A 317 -33.73 -4.07 6.16
N SER A 318 -33.64 -3.72 4.87
CA SER A 318 -32.38 -3.79 4.16
C SER A 318 -31.45 -2.69 4.67
N GLY A 319 -30.16 -2.84 4.36
CA GLY A 319 -29.20 -1.84 4.78
C GLY A 319 -28.91 -1.84 6.27
N HIS A 320 -29.26 -2.92 6.97
CA HIS A 320 -29.04 -3.01 8.41
C HIS A 320 -28.65 -4.43 8.80
N THR A 321 -27.65 -5.00 8.11
CA THR A 321 -27.23 -6.35 8.45
C THR A 321 -26.40 -6.34 9.73
N VAL A 322 -26.28 -7.52 10.35
CA VAL A 322 -25.38 -7.65 11.49
C VAL A 322 -23.97 -7.22 11.10
N ALA A 323 -23.53 -7.62 9.90
CA ALA A 323 -22.21 -7.21 9.42
C ALA A 323 -22.09 -5.69 9.35
N ASP A 324 -23.14 -5.01 8.86
CA ASP A 324 -23.13 -3.55 8.85
C ASP A 324 -22.98 -2.98 10.24
N TYR A 325 -23.77 -3.47 11.19
CA TYR A 325 -23.71 -2.93 12.54
C TYR A 325 -22.35 -3.18 13.17
N LEU A 326 -21.76 -4.35 12.92
CA LEU A 326 -20.44 -4.65 13.47
C LEU A 326 -19.38 -3.70 12.93
N LYS A 327 -19.44 -3.40 11.63
CA LYS A 327 -18.52 -2.42 11.07
C LYS A 327 -18.75 -1.05 11.68
N PHE A 328 -20.02 -0.65 11.80
CA PHE A 328 -20.36 0.63 12.41
C PHE A 328 -19.83 0.70 13.85
N LYS A 329 -20.08 -0.35 14.64
CA LYS A 329 -19.66 -0.34 16.03
C LYS A 329 -18.14 -0.23 16.15
N ASP A 330 -17.40 -0.93 15.30
CA ASP A 330 -15.94 -0.85 15.36
C ASP A 330 -15.47 0.58 15.11
N LEU A 331 -16.02 1.23 14.08
CA LEU A 331 -15.61 2.61 13.79
C LEU A 331 -15.93 3.53 14.96
N ILE A 332 -17.15 3.43 15.51
CA ILE A 332 -17.53 4.26 16.64
C ILE A 332 -16.58 4.07 17.80
N LEU A 333 -16.23 2.82 18.12
CA LEU A 333 -15.32 2.57 19.23
C LEU A 333 -13.92 3.14 18.96
N ARG A 334 -13.47 3.11 17.71
CA ARG A 334 -12.19 3.75 17.40
CA ARG A 334 -12.18 3.75 17.40
C ARG A 334 -12.27 5.26 17.52
N MET A 335 -13.45 5.84 17.25
CA MET A 335 -13.66 7.27 17.46
C MET A 335 -13.78 7.63 18.93
N LEU A 336 -14.10 6.66 19.80
CA LEU A 336 -14.27 6.91 21.22
C LEU A 336 -13.14 6.32 22.04
N ASP A 337 -11.99 6.09 21.41
CA ASP A 337 -10.77 5.73 22.12
C ASP A 337 -10.49 6.76 23.22
N TYR A 338 -10.26 6.27 24.44
CA TYR A 338 -9.93 7.14 25.56
C TYR A 338 -8.63 7.90 25.30
N ASP A 339 -7.69 7.29 24.57
CA ASP A 339 -6.38 7.88 24.34
C ASP A 339 -6.46 8.79 23.13
N PRO A 340 -6.32 10.11 23.30
CA PRO A 340 -6.37 11.00 22.12
C PRO A 340 -5.25 10.75 21.13
N LYS A 341 -4.17 10.09 21.56
CA LYS A 341 -3.07 9.80 20.65
C LYS A 341 -3.37 8.64 19.71
N THR A 342 -4.26 7.72 20.12
CA THR A 342 -4.59 6.56 19.29
C THR A 342 -6.03 6.56 18.80
N ARG A 343 -6.86 7.52 19.25
CA ARG A 343 -8.18 7.70 18.66
C ARG A 343 -8.05 7.81 17.15
N ILE A 344 -8.96 7.17 16.43
CA ILE A 344 -8.84 7.14 14.98
C ILE A 344 -8.84 8.56 14.43
N GLN A 345 -8.04 8.78 13.41
CA GLN A 345 -7.90 10.09 12.81
C GLN A 345 -8.58 10.12 11.45
N PRO A 346 -8.98 11.29 10.97
CA PRO A 346 -9.86 11.36 9.79
C PRO A 346 -9.39 10.57 8.58
N TYR A 347 -8.11 10.68 8.20
CA TYR A 347 -7.62 9.97 7.01
C TYR A 347 -7.84 8.47 7.13
N TYR A 348 -7.57 7.89 8.31
CA TYR A 348 -7.72 6.45 8.48
C TYR A 348 -9.17 6.06 8.73
N ALA A 349 -9.97 6.94 9.34
CA ALA A 349 -11.39 6.66 9.47
C ALA A 349 -12.05 6.53 8.10
N LEU A 350 -11.64 7.36 7.15
CA LEU A 350 -12.18 7.29 5.80
C LEU A 350 -11.85 5.97 5.11
N GLN A 351 -10.82 5.27 5.57
CA GLN A 351 -10.42 3.99 4.99
C GLN A 351 -11.10 2.80 5.67
N HIS A 352 -11.95 3.05 6.65
CA HIS A 352 -12.57 2.00 7.44
C HIS A 352 -13.51 1.15 6.59
N SER A 353 -13.65 -0.13 6.96
CA SER A 353 -14.49 -1.02 6.17
C SER A 353 -15.96 -0.59 6.19
N PHE A 354 -16.37 0.19 7.20
CA PHE A 354 -17.74 0.73 7.23
C PHE A 354 -18.05 1.60 6.01
N PHE A 355 -17.02 2.19 5.39
CA PHE A 355 -17.25 3.07 4.25
C PHE A 355 -17.05 2.37 2.92
N LYS A 356 -16.52 1.15 2.91
CA LYS A 356 -16.48 0.37 1.70
C LYS A 356 -17.90 0.01 1.29
N LYS A 357 -18.26 0.31 0.04
CA LYS A 357 -19.62 0.12 -0.40
C LYS A 357 -19.68 -0.48 -1.80
N VAL B 11 -46.65 14.85 -34.22
CA VAL B 11 -46.69 13.99 -33.04
C VAL B 11 -45.59 12.94 -33.13
N TYR B 12 -44.49 13.16 -32.41
CA TYR B 12 -43.36 12.25 -32.39
C TYR B 12 -43.25 11.62 -31.00
N ASN B 13 -43.15 10.28 -30.97
CA ASN B 13 -43.04 9.50 -29.74
C ASN B 13 -44.16 9.84 -28.75
N ASP B 14 -45.38 9.88 -29.28
CA ASP B 14 -46.58 10.23 -28.50
C ASP B 14 -46.42 11.59 -27.81
N GLY B 15 -45.61 12.48 -28.40
CA GLY B 15 -45.45 13.84 -27.91
C GLY B 15 -44.15 14.11 -27.18
N TYR B 16 -43.39 13.08 -26.79
CA TYR B 16 -42.20 13.30 -25.98
C TYR B 16 -40.97 13.68 -26.80
N ASP B 17 -40.97 13.43 -28.10
CA ASP B 17 -39.81 13.70 -28.95
C ASP B 17 -40.07 14.91 -29.85
N ASP B 18 -38.98 15.50 -30.32
CA ASP B 18 -39.06 16.52 -31.37
C ASP B 18 -38.91 15.84 -32.74
N ASP B 19 -38.75 16.65 -33.77
CA ASP B 19 -38.61 16.14 -35.14
C ASP B 19 -37.26 15.50 -35.41
N ASN B 20 -36.34 15.50 -34.44
CA ASN B 20 -34.97 15.03 -34.63
C ASN B 20 -34.64 13.86 -33.72
N TYR B 21 -35.63 13.05 -33.36
CA TYR B 21 -35.49 11.87 -32.50
C TYR B 21 -34.92 12.19 -31.12
N ASP B 22 -34.88 13.47 -30.72
CA ASP B 22 -34.42 13.88 -29.41
C ASP B 22 -35.60 13.96 -28.43
N TYR B 23 -35.30 13.68 -27.16
CA TYR B 23 -36.28 13.87 -26.09
C TYR B 23 -36.41 15.37 -25.78
N ILE B 24 -37.65 15.86 -25.73
CA ILE B 24 -37.88 17.27 -25.41
C ILE B 24 -37.65 17.46 -23.91
N VAL B 25 -36.48 18.00 -23.55
CA VAL B 25 -36.08 18.10 -22.15
C VAL B 25 -36.91 19.19 -21.48
N LYS B 26 -37.40 18.87 -20.28
CA LYS B 26 -38.20 19.80 -19.48
C LYS B 26 -37.59 19.93 -18.10
N ASN B 27 -37.23 21.15 -17.70
CA ASN B 27 -36.54 21.35 -16.44
C ASN B 27 -37.46 21.01 -15.28
N GLY B 28 -36.91 20.35 -14.27
CA GLY B 28 -37.68 19.96 -13.10
C GLY B 28 -38.42 18.63 -13.20
N GLU B 29 -38.38 17.97 -14.35
CA GLU B 29 -39.12 16.71 -14.51
C GLU B 29 -38.50 15.62 -13.64
N LYS B 30 -39.37 14.79 -13.05
CA LYS B 30 -38.96 13.66 -12.23
C LYS B 30 -39.11 12.38 -13.06
N TRP B 31 -38.08 11.55 -13.04
CA TRP B 31 -38.08 10.28 -13.78
C TRP B 31 -38.05 9.11 -12.81
N MET B 32 -38.98 8.17 -12.98
CA MET B 32 -38.95 6.87 -12.28
C MET B 32 -38.89 7.01 -10.77
N ASP B 33 -39.43 8.12 -10.23
CA ASP B 33 -39.29 8.46 -8.81
C ASP B 33 -37.83 8.39 -8.37
N ARG B 34 -36.92 8.86 -9.22
CA ARG B 34 -35.51 8.77 -8.88
C ARG B 34 -34.70 9.98 -9.36
N TYR B 35 -34.79 10.32 -10.64
CA TYR B 35 -33.97 11.36 -11.21
C TYR B 35 -34.76 12.65 -11.35
N GLU B 36 -34.18 13.75 -10.86
CA GLU B 36 -34.76 15.07 -10.99
C GLU B 36 -33.98 15.83 -12.05
N ILE B 37 -34.61 16.08 -13.20
CA ILE B 37 -33.93 16.69 -14.33
C ILE B 37 -33.71 18.17 -14.02
N ASP B 38 -32.45 18.59 -13.99
CA ASP B 38 -32.15 20.00 -13.77
C ASP B 38 -32.23 20.80 -15.06
N SER B 39 -31.37 20.48 -16.02
CA SER B 39 -31.32 21.25 -17.26
C SER B 39 -30.50 20.51 -18.29
N LEU B 40 -30.67 20.91 -19.55
CA LEU B 40 -29.82 20.48 -20.64
C LEU B 40 -28.42 21.07 -20.48
N ILE B 41 -27.39 20.23 -20.59
CA ILE B 41 -26.02 20.73 -20.54
C ILE B 41 -25.23 20.47 -21.83
N GLY B 42 -25.70 19.62 -22.73
CA GLY B 42 -24.97 19.42 -23.96
C GLY B 42 -25.80 18.69 -25.00
N LYS B 43 -25.42 18.89 -26.25
CA LYS B 43 -26.03 18.22 -27.40
C LYS B 43 -24.93 17.68 -28.29
N GLY B 44 -25.26 16.60 -29.01
CA GLY B 44 -24.38 16.02 -30.00
C GLY B 44 -25.23 15.25 -30.99
N SER B 45 -24.56 14.66 -31.99
CA SER B 45 -25.30 13.83 -32.94
C SER B 45 -25.92 12.61 -32.27
N PHE B 46 -25.39 12.18 -31.14
CA PHE B 46 -25.96 11.04 -30.41
C PHE B 46 -27.29 11.36 -29.76
N GLY B 47 -27.57 12.62 -29.47
CA GLY B 47 -28.67 13.01 -28.63
C GLY B 47 -28.30 14.13 -27.68
N GLN B 48 -28.62 13.99 -26.39
CA GLN B 48 -28.48 15.07 -25.44
C GLN B 48 -27.92 14.57 -24.13
N VAL B 49 -27.35 15.48 -23.35
CA VAL B 49 -26.87 15.22 -21.99
C VAL B 49 -27.52 16.23 -21.06
N VAL B 50 -28.12 15.74 -19.97
CA VAL B 50 -28.75 16.59 -18.96
C VAL B 50 -28.03 16.38 -17.64
N LYS B 51 -28.05 17.43 -16.82
CA LYS B 51 -27.67 17.35 -15.41
C LYS B 51 -28.90 16.97 -14.60
N ALA B 52 -28.75 15.99 -13.72
CA ALA B 52 -29.87 15.51 -12.92
C ALA B 52 -29.40 15.21 -11.50
N TYR B 53 -30.34 15.26 -10.56
CA TYR B 53 -30.08 14.78 -9.21
C TYR B 53 -30.64 13.38 -9.07
N ASP B 54 -29.79 12.46 -8.60
CA ASP B 54 -30.18 11.09 -8.29
C ASP B 54 -30.65 11.03 -6.84
N ARG B 55 -31.98 10.87 -6.64
CA ARG B 55 -32.51 10.83 -5.28
C ARG B 55 -32.05 9.58 -4.53
N VAL B 56 -31.74 8.50 -5.25
CA VAL B 56 -31.36 7.25 -4.60
C VAL B 56 -29.94 7.29 -4.08
N GLU B 57 -28.98 7.60 -4.96
CA GLU B 57 -27.58 7.70 -4.56
C GLU B 57 -27.24 9.04 -3.94
N GLN B 58 -28.18 9.99 -3.95
CA GLN B 58 -28.00 11.32 -3.39
C GLN B 58 -26.74 11.99 -3.97
N GLU B 59 -26.76 12.17 -5.28
CA GLU B 59 -25.64 12.78 -5.97
C GLU B 59 -26.11 13.35 -7.31
N TRP B 60 -25.39 14.35 -7.77
CA TRP B 60 -25.59 14.88 -9.12
C TRP B 60 -25.01 13.92 -10.15
N VAL B 61 -25.72 13.77 -11.28
CA VAL B 61 -25.29 12.91 -12.36
C VAL B 61 -25.52 13.61 -13.68
N ALA B 62 -24.83 13.11 -14.71
CA ALA B 62 -25.06 13.50 -16.09
C ALA B 62 -25.72 12.32 -16.79
N ILE B 63 -26.85 12.58 -17.43
CA ILE B 63 -27.60 11.54 -18.13
C ILE B 63 -27.55 11.84 -19.61
N LYS B 64 -26.95 10.92 -20.38
CA LYS B 64 -26.89 11.02 -21.83
C LYS B 64 -28.16 10.39 -22.39
N ILE B 65 -29.01 11.22 -23.00
CA ILE B 65 -30.26 10.74 -23.59
C ILE B 65 -30.00 10.45 -25.06
N ILE B 66 -29.94 9.16 -25.40
CA ILE B 66 -29.70 8.76 -26.79
C ILE B 66 -30.94 9.03 -27.63
N LYS B 67 -30.72 9.45 -28.89
CA LYS B 67 -31.82 9.64 -29.82
C LYS B 67 -32.64 8.37 -29.95
N ASN B 68 -33.96 8.55 -30.01
CA ASN B 68 -34.90 7.44 -30.19
C ASN B 68 -34.93 7.03 -31.66
N LYS B 69 -33.85 6.37 -32.08
CA LYS B 69 -33.77 5.85 -33.43
C LYS B 69 -32.74 4.71 -33.48
N LYS B 70 -33.05 3.68 -34.26
CA LYS B 70 -32.33 2.42 -34.23
C LYS B 70 -30.83 2.60 -34.38
N ALA B 71 -30.41 3.41 -35.37
CA ALA B 71 -28.99 3.56 -35.66
C ALA B 71 -28.22 4.14 -34.47
N PHE B 72 -28.82 5.12 -33.79
CA PHE B 72 -28.15 5.74 -32.65
C PHE B 72 -28.19 4.83 -31.41
N LEU B 73 -29.29 4.09 -31.25
CA LEU B 73 -29.37 3.14 -30.14
C LEU B 73 -28.32 2.04 -30.28
N ASN B 74 -28.17 1.48 -31.49
CA ASN B 74 -27.12 0.48 -31.71
C ASN B 74 -25.75 1.05 -31.39
N GLN B 75 -25.52 2.31 -31.77
CA GLN B 75 -24.24 2.94 -31.49
C GLN B 75 -24.03 3.07 -29.99
N ALA B 76 -25.08 3.47 -29.27
CA ALA B 76 -24.96 3.62 -27.82
C ALA B 76 -24.80 2.29 -27.11
N GLN B 77 -25.32 1.20 -27.69
CA GLN B 77 -25.11 -0.12 -27.10
C GLN B 77 -23.65 -0.53 -27.19
N ILE B 78 -22.99 -0.23 -28.31
CA ILE B 78 -21.55 -0.45 -28.42
C ILE B 78 -20.83 0.34 -27.34
N GLU B 79 -21.19 1.61 -27.18
CA GLU B 79 -20.59 2.48 -26.18
C GLU B 79 -20.79 1.93 -24.76
N VAL B 80 -21.99 1.41 -24.47
CA VAL B 80 -22.23 0.86 -23.13
C VAL B 80 -21.30 -0.33 -22.88
N ARG B 81 -21.18 -1.21 -23.88
CA ARG B 81 -20.31 -2.37 -23.76
C ARG B 81 -18.86 -1.96 -23.51
N LEU B 82 -18.36 -0.97 -24.24
CA LEU B 82 -16.99 -0.53 -24.07
C LEU B 82 -16.81 0.17 -22.73
N LEU B 83 -17.76 1.03 -22.35
CA LEU B 83 -17.69 1.71 -21.06
C LEU B 83 -17.64 0.71 -19.91
N GLU B 84 -18.56 -0.25 -19.91
CA GLU B 84 -18.60 -1.22 -18.81
C GLU B 84 -17.34 -2.08 -18.81
N LEU B 85 -16.79 -2.37 -19.99
CA LEU B 85 -15.57 -3.15 -20.05
C LEU B 85 -14.39 -2.36 -19.49
N MET B 86 -14.32 -1.07 -19.79
CA MET B 86 -13.24 -0.23 -19.29
C MET B 86 -13.37 0.01 -17.79
N ASN B 87 -14.57 0.33 -17.33
CA ASN B 87 -14.75 0.74 -15.93
C ASN B 87 -14.44 -0.39 -14.97
N LYS B 88 -14.57 -1.64 -15.43
CA LYS B 88 -14.35 -2.80 -14.57
C LYS B 88 -12.89 -3.26 -14.51
N HIS B 89 -12.00 -2.70 -15.33
CA HIS B 89 -10.62 -3.14 -15.31
C HIS B 89 -9.96 -2.79 -13.99
N ASP B 90 -8.98 -3.62 -13.61
CA ASP B 90 -8.34 -3.54 -12.30
C ASP B 90 -7.02 -2.78 -12.39
N THR B 91 -7.12 -1.51 -12.74
CA THR B 91 -5.96 -0.63 -12.76
C THR B 91 -6.39 0.77 -12.35
N GLU B 92 -5.44 1.52 -11.77
CA GLU B 92 -5.72 2.91 -11.46
C GLU B 92 -5.78 3.79 -12.70
N MET B 93 -5.22 3.33 -13.83
CA MET B 93 -5.26 4.13 -15.04
C MET B 93 -6.66 4.23 -15.63
N LYS B 94 -7.65 3.59 -15.01
CA LYS B 94 -8.98 3.53 -15.59
C LYS B 94 -9.80 4.76 -15.25
N TYR B 95 -9.30 5.64 -14.39
CA TYR B 95 -10.02 6.83 -13.99
C TYR B 95 -9.75 8.01 -14.90
N TYR B 96 -8.98 7.84 -15.97
CA TYR B 96 -9.01 8.84 -17.02
C TYR B 96 -10.13 8.61 -18.01
N ILE B 97 -10.99 7.62 -17.77
CA ILE B 97 -12.17 7.38 -18.58
C ILE B 97 -13.39 7.60 -17.70
N VAL B 98 -14.38 8.30 -18.26
CA VAL B 98 -15.58 8.64 -17.49
C VAL B 98 -16.25 7.37 -16.99
N HIS B 99 -16.81 7.45 -15.78
CA HIS B 99 -17.46 6.31 -15.15
C HIS B 99 -18.93 6.26 -15.57
N LEU B 100 -19.32 5.19 -16.24
CA LEU B 100 -20.72 4.91 -16.52
C LEU B 100 -21.32 4.19 -15.32
N LYS B 101 -22.27 4.84 -14.63
CA LYS B 101 -22.85 4.26 -13.43
C LYS B 101 -23.93 3.23 -13.77
N ARG B 102 -24.88 3.59 -14.63
CA ARG B 102 -25.90 2.65 -15.06
C ARG B 102 -26.54 3.15 -16.34
N HIS B 103 -27.46 2.35 -16.88
CA HIS B 103 -28.27 2.73 -18.02
C HIS B 103 -29.66 2.17 -17.85
N PHE B 104 -30.63 2.82 -18.50
CA PHE B 104 -32.02 2.41 -18.43
C PHE B 104 -32.74 2.92 -19.67
N MET B 105 -33.87 2.27 -19.98
CA MET B 105 -34.76 2.74 -21.02
C MET B 105 -35.86 3.59 -20.39
N PHE B 106 -36.04 4.81 -20.92
CA PHE B 106 -37.07 5.72 -20.41
C PHE B 106 -37.74 6.41 -21.59
N ARG B 107 -39.06 6.24 -21.70
CA ARG B 107 -39.86 6.81 -22.78
C ARG B 107 -39.23 6.56 -24.15
N ASN B 108 -38.77 5.31 -24.34
CA ASN B 108 -38.17 4.81 -25.58
C ASN B 108 -36.83 5.47 -25.90
N HIS B 109 -36.14 6.02 -24.92
CA HIS B 109 -34.78 6.51 -25.11
C HIS B 109 -33.85 5.71 -24.23
N LEU B 110 -32.73 5.26 -24.79
CA LEU B 110 -31.66 4.73 -23.97
C LEU B 110 -30.97 5.88 -23.25
N CYS B 111 -30.81 5.74 -21.93
CA CYS B 111 -30.24 6.80 -21.10
C CYS B 111 -29.03 6.23 -20.36
N LEU B 112 -27.89 6.89 -20.50
CA LEU B 112 -26.65 6.48 -19.84
C LEU B 112 -26.38 7.47 -18.72
N VAL B 113 -26.25 6.95 -17.50
CA VAL B 113 -26.01 7.79 -16.31
C VAL B 113 -24.52 7.78 -16.01
N PHE B 114 -23.91 8.96 -16.02
CA PHE B 114 -22.49 9.11 -15.73
C PHE B 114 -22.31 9.91 -14.45
N GLU B 115 -21.12 9.78 -13.87
CA GLU B 115 -20.65 10.77 -12.91
C GLU B 115 -20.71 12.14 -13.57
N MET B 116 -20.97 13.16 -12.77
CA MET B 116 -21.01 14.51 -13.28
C MET B 116 -19.61 15.09 -13.39
N LEU B 117 -19.25 15.59 -14.55
CA LEU B 117 -17.97 16.26 -14.76
C LEU B 117 -18.21 17.75 -14.98
N SER B 118 -17.16 18.44 -15.43
CA SER B 118 -17.25 19.87 -15.72
C SER B 118 -17.18 20.06 -17.24
N TYR B 119 -16.84 21.27 -17.69
CA TYR B 119 -16.91 21.56 -19.11
C TYR B 119 -15.71 20.97 -19.87
N ASN B 120 -15.87 20.86 -21.20
CA ASN B 120 -14.86 20.27 -22.05
C ASN B 120 -13.72 21.24 -22.38
N LEU B 121 -12.69 20.69 -23.05
CA LEU B 121 -11.48 21.47 -23.33
C LEU B 121 -11.69 22.51 -24.41
N TYR B 122 -12.70 22.34 -25.27
CA TYR B 122 -13.03 23.42 -26.20
C TYR B 122 -13.59 24.61 -25.44
N ASP B 123 -14.51 24.36 -24.50
CA ASP B 123 -15.03 25.43 -23.67
C ASP B 123 -13.91 26.14 -22.92
N LEU B 124 -12.90 25.39 -22.46
CA LEU B 124 -11.77 26.01 -21.79
C LEU B 124 -11.01 26.95 -22.71
N LEU B 125 -10.77 26.54 -23.96
CA LEU B 125 -10.13 27.43 -24.92
C LEU B 125 -10.98 28.67 -25.17
N ARG B 126 -12.30 28.50 -25.31
CA ARG B 126 -13.17 29.64 -25.55
CA ARG B 126 -13.18 29.64 -25.53
C ARG B 126 -13.12 30.63 -24.37
N ASN B 127 -12.86 30.13 -23.16
CA ASN B 127 -12.78 31.02 -22.01
C ASN B 127 -11.50 31.86 -22.01
N THR B 128 -10.43 31.41 -22.66
CA THR B 128 -9.26 32.26 -22.86
C THR B 128 -9.39 33.17 -24.08
N ASN B 129 -10.57 33.25 -24.70
CA ASN B 129 -10.72 33.92 -26.00
C ASN B 129 -9.75 33.32 -27.02
N PHE B 130 -9.55 32.01 -26.93
CA PHE B 130 -8.69 31.26 -27.84
C PHE B 130 -7.26 31.78 -27.84
N ARG B 131 -6.80 32.33 -26.71
CA ARG B 131 -5.39 32.62 -26.56
C ARG B 131 -4.58 31.35 -26.33
N GLY B 132 -5.23 30.26 -25.94
CA GLY B 132 -4.55 29.03 -25.59
C GLY B 132 -4.19 29.00 -24.13
N VAL B 133 -4.07 27.79 -23.60
CA VAL B 133 -3.63 27.60 -22.23
C VAL B 133 -2.11 27.53 -22.19
N SER B 134 -1.56 27.72 -21.00
CA SER B 134 -0.11 27.69 -20.80
C SER B 134 0.47 26.34 -21.24
N LEU B 135 1.76 26.37 -21.54
CA LEU B 135 2.47 25.13 -21.87
C LEU B 135 2.47 24.17 -20.69
N ASN B 136 2.56 24.73 -19.47
CA ASN B 136 2.49 23.90 -18.26
C ASN B 136 1.18 23.14 -18.17
N LEU B 137 0.06 23.80 -18.48
CA LEU B 137 -1.23 23.09 -18.45
C LEU B 137 -1.34 22.12 -19.61
N THR B 138 -0.85 22.51 -20.80
CA THR B 138 -0.84 21.60 -21.92
C THR B 138 -0.13 20.30 -21.58
N ARG B 139 1.00 20.40 -20.88
CA ARG B 139 1.77 19.23 -20.49
C ARG B 139 0.98 18.32 -19.55
N LYS B 140 0.22 18.92 -18.62
CA LYS B 140 -0.62 18.11 -17.74
C LYS B 140 -1.69 17.37 -18.52
N PHE B 141 -2.33 18.06 -19.48
CA PHE B 141 -3.31 17.39 -20.33
C PHE B 141 -2.65 16.27 -21.13
N ALA B 142 -1.44 16.54 -21.65
CA ALA B 142 -0.75 15.56 -22.46
C ALA B 142 -0.38 14.32 -21.66
N GLN B 143 0.12 14.50 -20.43
CA GLN B 143 0.50 13.35 -19.63
C GLN B 143 -0.71 12.48 -19.29
N GLN B 144 -1.80 13.10 -18.86
CA GLN B 144 -3.01 12.34 -18.58
C GLN B 144 -3.54 11.66 -19.83
N MET B 145 -3.56 12.37 -20.96
CA MET B 145 -4.08 11.77 -22.19
C MET B 145 -3.21 10.61 -22.65
N CYS B 146 -1.89 10.74 -22.54
CA CYS B 146 -1.03 9.61 -22.89
C CYS B 146 -1.28 8.43 -21.98
N THR B 147 -1.51 8.68 -20.69
CA THR B 147 -1.81 7.60 -19.76
C THR B 147 -3.15 6.94 -20.09
N ALA B 148 -4.16 7.73 -20.47
CA ALA B 148 -5.43 7.14 -20.85
C ALA B 148 -5.28 6.28 -22.09
N LEU B 149 -4.52 6.77 -23.07
CA LEU B 149 -4.27 5.99 -24.28
C LEU B 149 -3.48 4.73 -23.98
N LEU B 150 -2.57 4.77 -23.02
CA LEU B 150 -1.92 3.55 -22.56
C LEU B 150 -2.93 2.57 -21.99
N PHE B 151 -3.89 3.08 -21.19
CA PHE B 151 -4.95 2.23 -20.65
C PHE B 151 -5.80 1.64 -21.78
N LEU B 152 -6.15 2.46 -22.76
CA LEU B 152 -6.92 1.92 -23.89
C LEU B 152 -6.15 0.85 -24.63
N ALA B 153 -4.82 0.91 -24.60
CA ALA B 153 -3.99 -0.05 -25.33
C ALA B 153 -3.73 -1.35 -24.57
N THR B 154 -4.17 -1.49 -23.33
CA THR B 154 -3.93 -2.74 -22.64
C THR B 154 -4.63 -3.86 -23.42
N PRO B 155 -3.97 -5.00 -23.61
CA PRO B 155 -4.40 -5.94 -24.67
C PRO B 155 -5.83 -6.42 -24.55
N GLU B 156 -6.31 -6.69 -23.34
CA GLU B 156 -7.69 -7.13 -23.17
C GLU B 156 -8.70 -6.09 -23.62
N LEU B 157 -8.32 -4.81 -23.63
CA LEU B 157 -9.21 -3.75 -24.12
C LEU B 157 -8.98 -3.49 -25.61
N SER B 158 -7.79 -2.99 -25.95
CA SER B 158 -7.44 -2.65 -27.34
C SER B 158 -8.53 -1.78 -27.96
N ILE B 159 -8.88 -0.70 -27.28
CA ILE B 159 -10.00 0.16 -27.65
C ILE B 159 -9.45 1.36 -28.43
N ILE B 160 -10.04 1.62 -29.59
CA ILE B 160 -9.80 2.84 -30.36
C ILE B 160 -10.96 3.78 -30.12
N HIS B 161 -10.67 4.95 -29.55
CA HIS B 161 -11.74 5.91 -29.27
C HIS B 161 -12.39 6.44 -30.55
N CYS B 162 -11.56 6.83 -31.54
CA CYS B 162 -11.94 7.24 -32.89
C CYS B 162 -12.56 8.64 -33.00
N ASP B 163 -12.75 9.38 -31.91
CA ASP B 163 -13.25 10.74 -32.04
C ASP B 163 -12.67 11.63 -30.96
N LEU B 164 -11.37 11.49 -30.71
CA LEU B 164 -10.71 12.35 -29.75
C LEU B 164 -10.65 13.76 -30.32
N LYS B 165 -11.13 14.71 -29.54
CA LYS B 165 -11.14 16.11 -29.90
C LYS B 165 -11.36 16.90 -28.62
N PRO B 166 -11.15 18.22 -28.64
CA PRO B 166 -11.31 18.98 -27.38
C PRO B 166 -12.68 18.84 -26.75
N GLU B 167 -13.73 18.66 -27.57
CA GLU B 167 -15.08 18.50 -27.02
C GLU B 167 -15.25 17.21 -26.24
N ASN B 168 -14.46 16.18 -26.51
CA ASN B 168 -14.63 14.88 -25.87
C ASN B 168 -13.65 14.65 -24.72
N ILE B 169 -12.92 15.68 -24.30
CA ILE B 169 -12.07 15.66 -23.13
C ILE B 169 -12.65 16.67 -22.14
N LEU B 170 -12.99 16.20 -20.94
CA LEU B 170 -13.71 17.01 -19.97
C LEU B 170 -12.89 17.20 -18.71
N LEU B 171 -12.97 18.39 -18.13
CA LEU B 171 -12.41 18.61 -16.81
C LEU B 171 -13.30 17.97 -15.74
N CYS B 172 -12.66 17.39 -14.73
CA CYS B 172 -13.43 16.86 -13.60
C CYS B 172 -13.99 18.01 -12.77
N ASN B 173 -13.20 19.07 -12.61
CA ASN B 173 -13.48 20.20 -11.76
C ASN B 173 -13.05 21.44 -12.53
N PRO B 174 -13.83 22.52 -12.48
CA PRO B 174 -13.47 23.70 -13.28
C PRO B 174 -12.20 24.39 -12.82
N LYS B 175 -11.76 24.17 -11.58
CA LYS B 175 -10.58 24.85 -11.04
C LYS B 175 -9.36 23.96 -11.00
N ARG B 176 -9.40 22.78 -11.60
CA ARG B 176 -8.32 21.83 -11.51
C ARG B 176 -8.08 21.20 -12.88
N SER B 177 -6.94 20.54 -13.05
CA SER B 177 -6.49 20.07 -14.36
C SER B 177 -6.82 18.60 -14.64
N ALA B 178 -7.43 17.88 -13.71
CA ALA B 178 -7.82 16.49 -13.98
C ALA B 178 -8.83 16.43 -15.12
N ILE B 179 -8.64 15.47 -16.03
CA ILE B 179 -9.52 15.29 -17.17
C ILE B 179 -9.94 13.82 -17.27
N LYS B 180 -11.06 13.62 -17.97
CA LYS B 180 -11.49 12.29 -18.36
C LYS B 180 -11.96 12.36 -19.81
N ILE B 181 -11.88 11.24 -20.49
CA ILE B 181 -12.33 11.11 -21.87
C ILE B 181 -13.77 10.63 -21.88
N VAL B 182 -14.59 11.22 -22.75
CA VAL B 182 -15.98 10.80 -22.87
C VAL B 182 -16.31 10.44 -24.31
N ASP B 183 -17.55 10.03 -24.54
CA ASP B 183 -18.12 9.75 -25.85
C ASP B 183 -17.40 8.63 -26.59
N PHE B 184 -17.72 7.39 -26.24
CA PHE B 184 -17.23 6.22 -26.97
C PHE B 184 -18.24 5.70 -27.97
N GLY B 185 -19.14 6.57 -28.44
CA GLY B 185 -20.18 6.12 -29.36
C GLY B 185 -19.64 5.56 -30.66
N SER B 186 -18.58 6.16 -31.19
CA SER B 186 -17.99 5.69 -32.44
C SER B 186 -16.74 4.85 -32.22
N SER B 187 -16.46 4.49 -30.97
CA SER B 187 -15.28 3.71 -30.66
C SER B 187 -15.45 2.27 -31.13
N CYS B 188 -14.33 1.56 -31.21
CA CYS B 188 -14.32 0.15 -31.56
C CYS B 188 -13.11 -0.48 -30.91
N GLN B 189 -13.01 -1.80 -31.04
CA GLN B 189 -11.83 -2.51 -30.60
C GLN B 189 -11.02 -2.94 -31.81
N LEU B 190 -9.75 -3.28 -31.53
CA LEU B 190 -8.76 -3.54 -32.57
C LEU B 190 -9.17 -4.65 -33.54
N GLY B 191 -9.93 -5.63 -33.09
CA GLY B 191 -10.24 -6.77 -33.91
C GLY B 191 -11.16 -6.56 -35.10
N GLN B 192 -11.80 -5.40 -35.22
CA GLN B 192 -12.87 -5.21 -36.20
C GLN B 192 -12.58 -4.07 -37.17
N ARG B 193 -13.35 -4.02 -38.26
CA ARG B 193 -13.45 -2.84 -39.13
C ARG B 193 -14.91 -2.60 -39.46
N ILE B 194 -15.40 -1.39 -39.17
CA ILE B 194 -16.82 -1.07 -39.32
C ILE B 194 -17.04 0.20 -40.15
N TYR B 195 -16.00 0.99 -40.38
CA TYR B 195 -16.22 2.29 -41.01
C TYR B 195 -14.96 2.80 -41.69
N GLN B 196 -15.14 3.84 -42.51
CA GLN B 196 -14.07 4.50 -43.25
C GLN B 196 -13.92 6.00 -42.92
N PTR B 197 -15.01 6.74 -42.96
CA PTR B 197 -14.99 8.19 -42.68
C PTR B 197 -15.14 8.45 -41.17
O PTR B 197 -16.14 9.02 -40.74
CB PTR B 197 -16.10 8.92 -43.46
CG PTR B 197 -15.67 9.87 -44.58
CD1 PTR B 197 -15.42 9.40 -45.87
CD2 PTR B 197 -15.57 11.24 -44.38
CE1 PTR B 197 -15.05 10.26 -46.90
CE2 PTR B 197 -15.20 12.11 -45.40
CZ PTR B 197 -14.94 11.61 -46.66
OH PTR B 197 -14.57 12.39 -47.66
P PTR B 197 -15.17 13.85 -48.11
O1P PTR B 197 -16.64 13.80 -48.18
O2P PTR B 197 -14.74 14.97 -47.14
O3P PTR B 197 -14.61 14.21 -49.50
N ILE B 198 -14.14 8.03 -40.40
CA ILE B 198 -14.18 8.19 -38.95
C ILE B 198 -13.26 9.30 -38.48
N GLN B 199 -13.48 9.76 -37.25
CA GLN B 199 -12.78 10.87 -36.59
C GLN B 199 -13.32 12.20 -37.11
N SER B 200 -13.35 13.20 -36.23
CA SER B 200 -13.68 14.56 -36.68
C SER B 200 -12.56 15.07 -37.58
N ARG B 201 -12.95 15.80 -38.62
CA ARG B 201 -12.05 16.02 -39.75
C ARG B 201 -10.72 16.65 -39.31
N PHE B 202 -10.78 17.67 -38.45
CA PHE B 202 -9.55 18.33 -38.01
C PHE B 202 -8.59 17.35 -37.37
N TYR B 203 -9.11 16.29 -36.75
CA TYR B 203 -8.31 15.36 -35.97
C TYR B 203 -8.19 14.01 -36.65
N ARG B 204 -8.55 13.94 -37.93
CA ARG B 204 -8.55 12.69 -38.67
C ARG B 204 -7.14 12.37 -39.16
N SER B 205 -6.72 11.13 -38.96
CA SER B 205 -5.37 10.69 -39.27
C SER B 205 -5.17 10.46 -40.77
N PRO B 206 -3.92 10.52 -41.23
CA PRO B 206 -3.65 10.23 -42.65
C PRO B 206 -4.15 8.88 -43.12
N GLU B 207 -4.00 7.82 -42.30
CA GLU B 207 -4.43 6.50 -42.74
C GLU B 207 -5.93 6.44 -42.99
N VAL B 208 -6.72 7.16 -42.18
CA VAL B 208 -8.16 7.17 -42.40
C VAL B 208 -8.49 7.99 -43.65
N LEU B 209 -7.84 9.15 -43.81
CA LEU B 209 -8.02 9.94 -45.01
C LEU B 209 -7.66 9.14 -46.25
N LEU B 210 -6.66 8.28 -46.14
CA LEU B 210 -6.16 7.50 -47.26
C LEU B 210 -6.93 6.19 -47.46
N GLY B 211 -7.93 5.92 -46.63
CA GLY B 211 -8.71 4.69 -46.78
C GLY B 211 -7.95 3.43 -46.43
N MET B 212 -6.95 3.52 -45.57
CA MET B 212 -6.09 2.40 -45.20
C MET B 212 -6.58 1.75 -43.93
N PRO B 213 -6.07 0.54 -43.62
CA PRO B 213 -6.33 -0.03 -42.30
C PRO B 213 -5.84 0.90 -41.21
N TYR B 214 -6.47 0.82 -40.04
CA TYR B 214 -6.08 1.69 -38.94
C TYR B 214 -6.13 0.91 -37.63
N ASP B 215 -5.45 1.45 -36.63
CA ASP B 215 -5.40 0.83 -35.32
C ASP B 215 -5.35 1.94 -34.28
N LEU B 216 -4.89 1.61 -33.08
CA LEU B 216 -4.94 2.55 -31.97
C LEU B 216 -4.14 3.82 -32.24
N ALA B 217 -3.20 3.79 -33.19
CA ALA B 217 -2.37 4.95 -33.46
C ALA B 217 -3.15 6.16 -33.96
N ILE B 218 -4.37 5.98 -34.47
CA ILE B 218 -5.13 7.14 -34.94
C ILE B 218 -5.50 8.04 -33.77
N ASP B 219 -5.66 7.46 -32.58
CA ASP B 219 -5.92 8.29 -31.40
C ASP B 219 -4.71 9.14 -31.04
N MET B 220 -3.50 8.62 -31.27
CA MET B 220 -2.31 9.40 -30.98
C MET B 220 -2.14 10.55 -31.96
N TRP B 221 -2.47 10.33 -33.23
CA TRP B 221 -2.50 11.42 -34.18
C TRP B 221 -3.42 12.53 -33.70
N SER B 222 -4.66 12.16 -33.34
CA SER B 222 -5.62 13.15 -32.85
C SER B 222 -5.06 13.90 -31.64
N LEU B 223 -4.38 13.19 -30.74
CA LEU B 223 -3.86 13.84 -29.54
C LEU B 223 -2.81 14.88 -29.90
N GLY B 224 -1.93 14.56 -30.85
CA GLY B 224 -0.98 15.56 -31.34
C GLY B 224 -1.68 16.81 -31.84
N CYS B 225 -2.72 16.63 -32.65
CA CYS B 225 -3.48 17.78 -33.13
C CYS B 225 -4.14 18.54 -31.98
N ILE B 226 -4.68 17.81 -31.00
CA ILE B 226 -5.37 18.45 -29.89
C ILE B 226 -4.40 19.26 -29.05
N LEU B 227 -3.23 18.69 -28.77
CA LEU B 227 -2.28 19.35 -27.87
C LEU B 227 -1.78 20.67 -28.45
N VAL B 228 -1.54 20.71 -29.76
CA VAL B 228 -1.11 21.96 -30.39
C VAL B 228 -2.19 23.01 -30.25
N GLU B 229 -3.45 22.61 -30.51
CA GLU B 229 -4.56 23.55 -30.44
C GLU B 229 -4.80 24.06 -29.03
N MET B 230 -4.57 23.23 -28.01
CA MET B 230 -4.78 23.70 -26.65
C MET B 230 -3.83 24.84 -26.31
N HIS B 231 -2.61 24.83 -26.86
CA HIS B 231 -1.64 25.88 -26.55
C HIS B 231 -1.72 27.06 -27.51
N THR B 232 -2.04 26.86 -28.79
CA THR B 232 -2.18 27.97 -29.72
C THR B 232 -3.59 28.55 -29.73
N GLY B 233 -4.59 27.77 -29.33
CA GLY B 233 -5.96 28.23 -29.35
C GLY B 233 -6.73 27.96 -30.63
N GLU B 234 -6.08 27.48 -31.67
CA GLU B 234 -6.75 27.25 -32.94
C GLU B 234 -6.33 25.91 -33.51
N PRO B 235 -7.18 25.29 -34.34
CA PRO B 235 -6.86 23.95 -34.86
C PRO B 235 -5.57 23.93 -35.67
N LEU B 236 -4.82 22.83 -35.54
CA LEU B 236 -3.59 22.67 -36.29
C LEU B 236 -3.87 22.50 -37.78
N PHE B 237 -4.82 21.62 -38.12
CA PHE B 237 -5.20 21.33 -39.51
C PHE B 237 -6.71 21.51 -39.63
N SER B 238 -7.16 22.69 -40.08
CA SER B 238 -8.59 23.03 -40.08
C SER B 238 -9.19 22.91 -41.48
N GLY B 239 -9.11 21.71 -42.05
CA GLY B 239 -9.64 21.49 -43.39
C GLY B 239 -11.15 21.58 -43.44
N ALA B 240 -11.67 22.17 -44.53
CA ALA B 240 -13.10 22.25 -44.78
C ALA B 240 -13.67 20.98 -45.38
N ASN B 241 -12.80 20.11 -45.92
CA ASN B 241 -13.18 18.82 -46.48
C ASN B 241 -11.92 17.98 -46.53
N GLU B 242 -12.06 16.71 -46.95
CA GLU B 242 -10.92 15.79 -46.88
C GLU B 242 -9.75 16.27 -47.74
N VAL B 243 -10.02 16.79 -48.93
CA VAL B 243 -8.93 17.28 -49.78
C VAL B 243 -8.23 18.44 -49.08
N ASP B 244 -8.99 19.41 -48.57
CA ASP B 244 -8.40 20.53 -47.84
C ASP B 244 -7.64 20.05 -46.61
N GLN B 245 -8.16 19.03 -45.92
CA GLN B 245 -7.51 18.52 -44.72
C GLN B 245 -6.15 17.92 -45.03
N MET B 246 -6.07 17.06 -46.06
CA MET B 246 -4.80 16.44 -46.40
C MET B 246 -3.80 17.47 -46.90
N ASN B 247 -4.25 18.45 -47.69
CA ASN B 247 -3.34 19.49 -48.14
C ASN B 247 -2.81 20.30 -46.98
N LYS B 248 -3.64 20.52 -45.95
CA LYS B 248 -3.19 21.29 -44.79
C LYS B 248 -2.16 20.51 -43.98
N ILE B 249 -2.32 19.19 -43.89
CA ILE B 249 -1.31 18.36 -43.24
C ILE B 249 -0.01 18.40 -44.04
N VAL B 250 -0.14 18.37 -45.37
CA VAL B 250 1.04 18.39 -46.26
C VAL B 250 1.81 19.70 -46.12
N GLU B 251 1.11 20.82 -45.86
CA GLU B 251 1.79 22.09 -45.66
C GLU B 251 2.79 22.01 -44.52
N VAL B 252 2.44 21.30 -43.46
CA VAL B 252 3.27 21.22 -42.26
C VAL B 252 4.26 20.08 -42.35
N LEU B 253 3.83 18.93 -42.87
CA LEU B 253 4.58 17.69 -42.76
C LEU B 253 5.13 17.17 -44.08
N GLY B 254 4.81 17.81 -45.20
CA GLY B 254 5.31 17.35 -46.48
C GLY B 254 4.50 16.20 -47.05
N ILE B 255 4.93 15.75 -48.23
CA ILE B 255 4.29 14.61 -48.90
C ILE B 255 4.50 13.36 -48.06
N PRO B 256 3.47 12.54 -47.83
CA PRO B 256 3.68 11.28 -47.12
C PRO B 256 4.64 10.39 -47.88
N PRO B 257 5.35 9.51 -47.18
CA PRO B 257 6.34 8.65 -47.85
C PRO B 257 5.68 7.68 -48.81
N ALA B 258 6.44 7.24 -49.80
CA ALA B 258 5.92 6.38 -50.84
C ALA B 258 5.46 5.03 -50.30
N HIS B 259 6.17 4.48 -49.30
CA HIS B 259 5.80 3.17 -48.80
C HIS B 259 4.40 3.16 -48.20
N ILE B 260 3.89 4.33 -47.78
CA ILE B 260 2.50 4.44 -47.39
C ILE B 260 1.60 4.65 -48.61
N LEU B 261 1.91 5.66 -49.43
CA LEU B 261 1.02 6.02 -50.54
C LEU B 261 0.89 4.90 -51.56
N ASP B 262 1.94 4.09 -51.74
CA ASP B 262 1.85 2.95 -52.65
C ASP B 262 0.82 1.92 -52.18
N GLN B 263 0.44 1.96 -50.90
CA GLN B 263 -0.53 1.03 -50.34
C GLN B 263 -1.85 1.70 -49.98
N ALA B 264 -2.05 2.95 -50.39
CA ALA B 264 -3.21 3.73 -49.96
C ALA B 264 -4.31 3.67 -50.99
N PRO B 265 -5.48 3.08 -50.68
CA PRO B 265 -6.56 3.04 -51.67
C PRO B 265 -6.99 4.41 -52.16
N LYS B 266 -6.95 5.43 -51.32
CA LYS B 266 -7.38 6.77 -51.72
C LYS B 266 -6.23 7.71 -51.99
N ALA B 267 -5.04 7.18 -52.27
CA ALA B 267 -3.88 8.02 -52.55
C ALA B 267 -4.16 9.01 -53.67
N ARG B 268 -4.83 8.57 -54.72
CA ARG B 268 -5.02 9.42 -55.89
C ARG B 268 -6.19 10.40 -55.75
N LYS B 269 -6.79 10.48 -54.55
CA LYS B 269 -7.70 11.58 -54.22
C LYS B 269 -6.95 12.86 -53.89
N PHE B 270 -5.69 12.76 -53.45
CA PHE B 270 -4.88 13.90 -53.07
C PHE B 270 -3.56 14.00 -53.82
N PHE B 271 -2.98 12.87 -54.24
CA PHE B 271 -1.62 12.82 -54.77
C PHE B 271 -1.63 12.13 -56.13
N GLU B 272 -0.53 12.30 -56.87
CA GLU B 272 -0.33 11.56 -58.11
C GLU B 272 1.09 11.00 -58.16
N LYS B 273 1.21 9.79 -58.70
CA LYS B 273 2.47 9.07 -58.76
C LYS B 273 3.14 9.36 -60.10
N LEU B 274 4.39 9.78 -60.04
CA LEU B 274 5.16 10.20 -61.22
C LEU B 274 5.87 9.00 -61.84
N PRO B 275 6.37 9.15 -63.07
CA PRO B 275 7.05 8.01 -63.73
C PRO B 275 8.17 7.38 -62.92
N ASP B 276 8.93 8.16 -62.15
CA ASP B 276 10.02 7.60 -61.36
C ASP B 276 9.56 6.95 -60.05
N GLY B 277 8.25 6.86 -59.82
CA GLY B 277 7.75 6.24 -58.61
C GLY B 277 7.59 7.15 -57.41
N THR B 278 7.92 8.43 -57.54
CA THR B 278 7.71 9.37 -56.45
C THR B 278 6.33 10.00 -56.56
N TRP B 279 5.88 10.60 -55.46
CA TRP B 279 4.55 11.17 -55.34
C TRP B 279 4.65 12.68 -55.20
N ASN B 280 3.69 13.38 -55.81
CA ASN B 280 3.48 14.80 -55.60
C ASN B 280 1.99 15.01 -55.33
N LEU B 281 1.65 16.24 -54.97
CA LEU B 281 0.26 16.60 -54.87
C LEU B 281 -0.38 16.50 -56.26
N LYS B 282 -1.68 16.30 -56.28
CA LYS B 282 -2.39 16.35 -57.55
C LYS B 282 -2.26 17.75 -58.10
N LYS B 283 -2.07 17.87 -59.42
CA LYS B 283 -2.01 19.19 -60.01
C LYS B 283 -3.35 19.87 -59.81
N THR B 284 -3.32 21.11 -59.33
CA THR B 284 -4.54 21.80 -58.92
C THR B 284 -5.56 21.84 -60.05
N ASP B 286 -7.79 24.15 -62.38
CA ASP B 286 -7.09 25.43 -62.39
C ASP B 286 -5.75 25.29 -61.69
N GLY B 287 -4.76 26.07 -62.09
CA GLY B 287 -3.44 25.95 -61.48
C GLY B 287 -3.20 26.93 -60.35
N LYS B 288 -4.26 27.42 -59.73
CA LYS B 288 -4.14 28.54 -58.79
C LYS B 288 -3.43 28.13 -57.51
N ARG B 289 -2.81 29.12 -56.85
CA ARG B 289 -2.00 28.89 -55.67
C ARG B 289 -2.88 29.01 -54.44
N GLU B 290 -2.88 27.97 -53.60
CA GLU B 290 -3.74 28.00 -52.42
C GLU B 290 -3.03 27.55 -51.14
N TYR B 291 -2.05 26.68 -51.25
CA TYR B 291 -1.40 26.11 -50.08
C TYR B 291 0.08 26.49 -50.09
N LYS B 292 0.65 26.58 -48.90
CA LYS B 292 2.09 26.66 -48.81
C LYS B 292 2.69 25.41 -49.45
N PRO B 293 3.85 25.53 -50.08
CA PRO B 293 4.51 24.35 -50.63
C PRO B 293 4.76 23.31 -49.55
N PRO B 294 4.86 22.04 -49.91
CA PRO B 294 4.89 20.98 -48.90
C PRO B 294 5.99 21.18 -47.88
N GLY B 295 5.63 21.05 -46.60
CA GLY B 295 6.57 21.13 -45.52
C GLY B 295 7.08 22.52 -45.18
N THR B 296 6.56 23.57 -45.82
CA THR B 296 7.10 24.91 -45.58
C THR B 296 6.36 25.68 -44.49
N ARG B 297 5.24 25.14 -43.99
CA ARG B 297 4.55 25.71 -42.84
C ARG B 297 5.10 25.01 -41.60
N LYS B 298 6.19 25.54 -41.07
CA LYS B 298 6.93 24.85 -40.01
C LYS B 298 6.13 24.87 -38.70
N LEU B 299 5.97 23.70 -38.08
CA LEU B 299 5.45 23.65 -36.72
C LEU B 299 6.30 24.49 -35.78
N HIS B 300 7.61 24.54 -36.06
CA HIS B 300 8.54 25.40 -35.35
C HIS B 300 8.05 26.83 -35.28
N ASN B 301 7.40 27.31 -36.35
CA ASN B 301 6.88 28.66 -36.38
C ASN B 301 5.43 28.77 -35.91
N ILE B 302 4.61 27.74 -36.14
CA ILE B 302 3.26 27.72 -35.58
C ILE B 302 3.34 27.85 -34.07
N LEU B 303 4.26 27.13 -33.44
CA LEU B 303 4.43 27.18 -32.00
C LEU B 303 5.20 28.40 -31.53
N GLY B 304 5.92 29.08 -32.42
CA GLY B 304 6.76 30.19 -31.97
C GLY B 304 7.87 29.75 -31.04
N VAL B 305 8.53 28.64 -31.37
CA VAL B 305 9.54 28.03 -30.50
C VAL B 305 10.54 29.07 -30.00
N GLU B 306 10.99 29.95 -30.88
CA GLU B 306 12.04 30.90 -30.57
C GLU B 306 11.58 32.36 -30.57
N THR B 307 10.29 32.61 -30.74
CA THR B 307 9.79 33.97 -30.83
C THR B 307 8.69 34.22 -29.80
N GLY B 308 8.80 33.57 -28.64
CA GLY B 308 7.87 33.81 -27.55
C GLY B 308 6.57 33.03 -27.61
N GLY B 309 6.57 31.85 -28.21
CA GLY B 309 5.39 31.03 -28.24
C GLY B 309 4.40 31.48 -29.29
N PRO B 310 3.22 30.84 -29.33
CA PRO B 310 2.23 31.13 -30.37
C PRO B 310 1.86 32.61 -30.48
N GLY B 311 2.04 33.18 -31.67
CA GLY B 311 1.74 34.57 -31.89
C GLY B 311 2.56 35.52 -31.05
N GLY B 312 3.67 35.05 -30.49
CA GLY B 312 4.47 35.82 -29.56
C GLY B 312 3.83 36.14 -28.23
N ARG B 313 2.70 35.52 -27.90
CA ARG B 313 1.96 35.92 -26.71
C ARG B 313 2.52 35.35 -25.40
N ARG B 314 3.52 34.47 -25.45
CA ARG B 314 4.13 33.92 -24.25
C ARG B 314 5.49 34.55 -23.93
N ALA B 315 5.90 35.57 -24.69
CA ALA B 315 7.18 36.23 -24.44
C ALA B 315 7.21 36.87 -23.06
N GLY B 316 8.27 36.60 -22.31
CA GLY B 316 8.46 37.14 -20.98
C GLY B 316 7.79 36.37 -19.88
N GLU B 317 7.19 35.23 -20.19
CA GLU B 317 6.49 34.40 -19.21
C GLU B 317 7.39 33.25 -18.80
N SER B 318 7.32 32.88 -17.53
CA SER B 318 7.99 31.67 -17.09
C SER B 318 7.28 30.44 -17.66
N GLY B 319 7.97 29.31 -17.64
CA GLY B 319 7.40 28.08 -18.13
C GLY B 319 7.24 27.99 -19.63
N HIS B 320 7.91 28.85 -20.39
CA HIS B 320 7.81 28.86 -21.84
C HIS B 320 9.19 29.12 -22.44
N THR B 321 10.18 28.35 -21.99
CA THR B 321 11.53 28.54 -22.51
C THR B 321 11.62 27.95 -23.91
N VAL B 322 12.65 28.36 -24.64
CA VAL B 322 12.93 27.80 -25.95
C VAL B 322 13.09 26.28 -25.85
N ALA B 323 13.86 25.83 -24.84
CA ALA B 323 14.05 24.40 -24.63
C ALA B 323 12.73 23.68 -24.37
N ASP B 324 11.84 24.29 -23.59
CA ASP B 324 10.52 23.71 -23.38
C ASP B 324 9.79 23.51 -24.69
N TYR B 325 9.76 24.55 -25.53
CA TYR B 325 9.05 24.44 -26.81
C TYR B 325 9.69 23.40 -27.72
N LEU B 326 11.02 23.31 -27.72
CA LEU B 326 11.70 22.33 -28.55
C LEU B 326 11.34 20.91 -28.12
N LYS B 327 11.29 20.65 -26.81
CA LYS B 327 10.87 19.34 -26.35
C LYS B 327 9.42 19.07 -26.75
N PHE B 328 8.54 20.07 -26.55
CA PHE B 328 7.15 19.94 -26.97
C PHE B 328 7.05 19.65 -28.46
N LYS B 329 7.77 20.42 -29.29
CA LYS B 329 7.69 20.25 -30.73
C LYS B 329 8.12 18.84 -31.14
N ASP B 330 9.20 18.33 -30.54
CA ASP B 330 9.66 16.98 -30.86
C ASP B 330 8.60 15.94 -30.54
N LEU B 331 7.97 16.04 -29.37
CA LEU B 331 6.94 15.08 -29.00
C LEU B 331 5.77 15.14 -29.99
N ILE B 332 5.30 16.34 -30.31
CA ILE B 332 4.19 16.49 -31.25
C ILE B 332 4.52 15.85 -32.59
N LEU B 333 5.73 16.10 -33.11
CA LEU B 333 6.10 15.54 -34.39
C LEU B 333 6.15 14.02 -34.36
N ARG B 334 6.52 13.43 -33.22
CA ARG B 334 6.48 11.97 -33.09
CA ARG B 334 6.47 11.98 -33.11
C ARG B 334 5.03 11.48 -33.03
N MET B 335 4.13 12.27 -32.45
CA MET B 335 2.71 11.95 -32.48
C MET B 335 2.13 12.12 -33.89
N LEU B 336 2.78 12.91 -34.74
CA LEU B 336 2.29 13.19 -36.09
C LEU B 336 3.13 12.50 -37.15
N ASP B 337 3.86 11.45 -36.76
CA ASP B 337 4.50 10.55 -37.70
C ASP B 337 3.45 10.03 -38.69
N TYR B 338 3.76 10.16 -40.00
CA TYR B 338 2.85 9.65 -41.02
C TYR B 338 2.64 8.14 -40.92
N ASP B 339 3.67 7.41 -40.50
CA ASP B 339 3.64 5.97 -40.50
C ASP B 339 3.02 5.50 -39.19
N PRO B 340 1.85 4.85 -39.20
CA PRO B 340 1.26 4.39 -37.94
C PRO B 340 2.08 3.31 -37.24
N LYS B 341 2.97 2.59 -37.93
CA LYS B 341 3.78 1.60 -37.25
C LYS B 341 4.91 2.24 -36.44
N THR B 342 5.34 3.44 -36.79
CA THR B 342 6.41 4.10 -36.05
C THR B 342 5.96 5.34 -35.30
N ARG B 343 4.71 5.78 -35.46
CA ARG B 343 4.17 6.84 -34.63
C ARG B 343 4.40 6.49 -33.16
N ILE B 344 4.78 7.49 -32.37
CA ILE B 344 5.11 7.22 -30.98
C ILE B 344 3.92 6.60 -30.28
N GLN B 345 4.20 5.68 -29.37
CA GLN B 345 3.16 4.96 -28.67
C GLN B 345 3.09 5.39 -27.21
N PRO B 346 1.93 5.19 -26.56
CA PRO B 346 1.71 5.80 -25.23
C PRO B 346 2.81 5.52 -24.20
N TYR B 347 3.25 4.27 -24.05
CA TYR B 347 4.30 3.98 -23.07
C TYR B 347 5.55 4.81 -23.35
N TYR B 348 5.93 4.92 -24.62
CA TYR B 348 7.14 5.66 -24.94
C TYR B 348 6.92 7.16 -24.93
N ALA B 349 5.72 7.62 -25.25
CA ALA B 349 5.44 9.05 -25.12
C ALA B 349 5.58 9.51 -23.68
N LEU B 350 5.15 8.68 -22.73
CA LEU B 350 5.27 9.02 -21.31
C LEU B 350 6.73 9.16 -20.88
N GLN B 351 7.66 8.56 -21.61
CA GLN B 351 9.08 8.66 -21.29
C GLN B 351 9.74 9.86 -21.96
N HIS B 352 8.99 10.67 -22.71
CA HIS B 352 9.58 11.76 -23.46
C HIS B 352 10.15 12.83 -22.53
N SER B 353 11.18 13.52 -23.01
CA SER B 353 11.83 14.54 -22.21
C SER B 353 10.91 15.71 -21.91
N PHE B 354 9.86 15.92 -22.72
CA PHE B 354 8.89 16.97 -22.45
C PHE B 354 8.27 16.80 -21.07
N PHE B 355 8.28 15.58 -20.54
CA PHE B 355 7.66 15.31 -19.24
C PHE B 355 8.62 15.23 -18.06
N LYS B 356 9.93 15.23 -18.29
CA LYS B 356 10.87 15.28 -17.16
C LYS B 356 10.67 16.59 -16.41
N LYS B 357 10.55 16.52 -15.07
CA LYS B 357 10.25 17.72 -14.25
C LYS B 357 11.13 17.67 -13.02
N VAL C 11 9.42 -35.97 -28.21
CA VAL C 11 9.32 -36.48 -26.83
C VAL C 11 10.71 -36.57 -26.20
N TYR C 12 11.00 -35.57 -25.37
CA TYR C 12 12.23 -35.41 -24.61
C TYR C 12 11.96 -35.67 -23.13
N ASN C 13 12.78 -36.53 -22.52
CA ASN C 13 12.63 -36.89 -21.11
C ASN C 13 11.21 -37.37 -20.81
N ASP C 14 10.73 -38.27 -21.68
CA ASP C 14 9.36 -38.79 -21.62
C ASP C 14 8.32 -37.67 -21.61
N GLY C 15 8.66 -36.53 -22.21
CA GLY C 15 7.73 -35.43 -22.36
C GLY C 15 7.96 -34.26 -21.43
N TYR C 16 8.80 -34.42 -20.40
CA TYR C 16 8.97 -33.39 -19.40
C TYR C 16 9.97 -32.31 -19.81
N ASP C 17 10.82 -32.57 -20.80
CA ASP C 17 11.85 -31.63 -21.22
C ASP C 17 11.53 -31.01 -22.58
N ASP C 18 12.16 -29.87 -22.84
CA ASP C 18 12.14 -29.25 -24.17
C ASP C 18 13.35 -29.77 -24.98
N ASP C 19 13.60 -29.16 -26.14
CA ASP C 19 14.73 -29.59 -26.96
C ASP C 19 16.07 -29.11 -26.42
N ASN C 20 16.09 -28.40 -25.30
CA ASN C 20 17.31 -27.82 -24.73
C ASN C 20 17.60 -28.40 -23.34
N TYR C 21 17.14 -29.63 -23.10
CA TYR C 21 17.35 -30.36 -21.84
C TYR C 21 16.82 -29.59 -20.63
N ASP C 22 15.95 -28.60 -20.86
CA ASP C 22 15.33 -27.84 -19.78
C ASP C 22 14.00 -28.48 -19.38
N TYR C 23 13.67 -28.38 -18.09
CA TYR C 23 12.36 -28.83 -17.63
C TYR C 23 11.29 -27.85 -18.06
N ILE C 24 10.22 -28.37 -18.68
CA ILE C 24 9.11 -27.54 -19.15
C ILE C 24 8.31 -27.11 -17.93
N VAL C 25 8.46 -25.85 -17.54
CA VAL C 25 7.83 -25.38 -16.31
C VAL C 25 6.34 -25.17 -16.56
N LYS C 26 5.53 -25.70 -15.65
CA LYS C 26 4.08 -25.53 -15.70
C LYS C 26 3.68 -24.92 -14.37
N ASN C 27 3.12 -23.73 -14.42
CA ASN C 27 2.82 -22.98 -13.21
C ASN C 27 1.66 -23.64 -12.47
N GLY C 28 1.73 -23.64 -11.14
CA GLY C 28 0.72 -24.27 -10.33
C GLY C 28 0.93 -25.75 -10.10
N GLU C 29 1.95 -26.33 -10.72
CA GLU C 29 2.25 -27.75 -10.55
C GLU C 29 2.75 -28.02 -9.14
N LYS C 30 2.34 -29.15 -8.58
CA LYS C 30 2.80 -29.59 -7.26
C LYS C 30 3.82 -30.71 -7.41
N TRP C 31 4.93 -30.61 -6.67
CA TRP C 31 6.02 -31.58 -6.68
C TRP C 31 6.15 -32.26 -5.31
N MET C 32 6.22 -33.60 -5.32
CA MET C 32 6.63 -34.41 -4.14
C MET C 32 5.78 -34.10 -2.92
N ASP C 33 4.62 -33.61 -3.29
CA ASP C 33 3.56 -33.08 -2.51
C ASP C 33 4.14 -32.17 -1.45
N ARG C 34 5.02 -31.25 -1.86
CA ARG C 34 5.72 -30.34 -0.98
C ARG C 34 5.78 -28.96 -1.62
N TYR C 35 6.26 -28.89 -2.84
CA TYR C 35 6.50 -27.63 -3.53
C TYR C 35 5.39 -27.34 -4.53
N GLU C 36 4.85 -26.12 -4.46
CA GLU C 36 3.86 -25.64 -5.42
C GLU C 36 4.54 -24.60 -6.31
N ILE C 37 4.74 -24.94 -7.58
CA ILE C 37 5.47 -24.08 -8.49
C ILE C 37 4.60 -22.89 -8.87
N ASP C 38 5.09 -21.68 -8.55
CA ASP C 38 4.38 -20.46 -8.91
C ASP C 38 4.71 -20.05 -10.35
N SER C 39 5.98 -19.77 -10.63
CA SER C 39 6.33 -19.33 -11.98
C SER C 39 7.84 -19.40 -12.20
N LEU C 40 8.20 -19.34 -13.48
CA LEU C 40 9.59 -19.14 -13.91
C LEU C 40 10.04 -17.72 -13.58
N ILE C 41 11.21 -17.60 -12.96
CA ILE C 41 11.77 -16.28 -12.67
C ILE C 41 13.08 -16.00 -13.38
N GLY C 42 13.77 -17.01 -13.91
CA GLY C 42 15.04 -16.76 -14.57
C GLY C 42 15.48 -17.94 -15.40
N LYS C 43 16.36 -17.65 -16.35
CA LYS C 43 16.96 -18.66 -17.23
C LYS C 43 18.47 -18.45 -17.28
N GLY C 44 19.18 -19.54 -17.54
CA GLY C 44 20.61 -19.45 -17.74
C GLY C 44 21.08 -20.65 -18.55
N SER C 45 22.39 -20.68 -18.79
CA SER C 45 22.97 -21.86 -19.43
C SER C 45 22.84 -23.08 -18.52
N PHE C 46 22.77 -22.85 -17.20
CA PHE C 46 22.62 -23.94 -16.24
C PHE C 46 21.26 -24.60 -16.31
N GLY C 47 20.24 -23.88 -16.79
CA GLY C 47 18.87 -24.34 -16.67
C GLY C 47 17.94 -23.21 -16.30
N GLN C 48 17.10 -23.42 -15.30
CA GLN C 48 16.02 -22.50 -15.00
C GLN C 48 15.92 -22.30 -13.49
N VAL C 49 15.31 -21.18 -13.11
CA VAL C 49 14.99 -20.89 -11.71
C VAL C 49 13.51 -20.60 -11.63
N VAL C 50 12.80 -21.30 -10.74
CA VAL C 50 11.38 -21.08 -10.56
C VAL C 50 11.11 -20.65 -9.13
N LYS C 51 10.05 -19.86 -8.98
CA LYS C 51 9.51 -19.50 -7.68
C LYS C 51 8.50 -20.56 -7.25
N ALA C 52 8.64 -21.05 -6.02
CA ALA C 52 7.74 -22.06 -5.50
C ALA C 52 7.46 -21.81 -4.04
N TYR C 53 6.30 -22.29 -3.59
CA TYR C 53 5.97 -22.29 -2.17
C TYR C 53 6.27 -23.67 -1.60
N ASP C 54 7.07 -23.69 -0.54
CA ASP C 54 7.37 -24.92 0.20
C ASP C 54 6.30 -25.10 1.27
N ARG C 55 5.39 -26.06 1.06
CA ARG C 55 4.31 -26.29 2.01
C ARG C 55 4.82 -26.86 3.34
N VAL C 56 5.97 -27.52 3.34
CA VAL C 56 6.48 -28.13 4.57
C VAL C 56 7.07 -27.06 5.50
N GLU C 57 8.01 -26.26 4.99
CA GLU C 57 8.59 -25.18 5.80
C GLU C 57 7.75 -23.92 5.80
N GLN C 58 6.67 -23.87 5.02
CA GLN C 58 5.78 -22.71 4.93
C GLN C 58 6.57 -21.44 4.59
N GLU C 59 7.19 -21.46 3.42
CA GLU C 59 7.98 -20.33 2.96
C GLU C 59 8.09 -20.38 1.45
N TRP C 60 8.27 -19.20 0.85
CA TRP C 60 8.62 -19.12 -0.55
C TRP C 60 10.10 -19.46 -0.73
N VAL C 61 10.41 -20.17 -1.82
CA VAL C 61 11.78 -20.56 -2.12
C VAL C 61 12.02 -20.36 -3.61
N ALA C 62 13.31 -20.28 -3.97
CA ALA C 62 13.73 -20.26 -5.36
C ALA C 62 14.38 -21.60 -5.68
N ILE C 63 13.89 -22.27 -6.71
CA ILE C 63 14.37 -23.58 -7.08
C ILE C 63 15.09 -23.49 -8.42
N LYS C 64 16.39 -23.79 -8.40
CA LYS C 64 17.22 -23.83 -9.60
C LYS C 64 17.10 -25.24 -10.18
N ILE C 65 16.45 -25.35 -11.34
CA ILE C 65 16.27 -26.63 -12.02
C ILE C 65 17.41 -26.81 -13.00
N ILE C 66 18.36 -27.70 -12.68
CA ILE C 66 19.48 -27.94 -13.57
C ILE C 66 19.01 -28.71 -14.80
N LYS C 67 19.61 -28.38 -15.95
CA LYS C 67 19.36 -29.11 -17.18
C LYS C 67 19.62 -30.60 -17.01
N ASN C 68 18.76 -31.42 -17.61
CA ASN C 68 18.91 -32.88 -17.63
C ASN C 68 19.96 -33.27 -18.67
N LYS C 69 21.22 -33.01 -18.35
CA LYS C 69 22.33 -33.44 -19.18
C LYS C 69 23.57 -33.56 -18.32
N LYS C 70 24.35 -34.63 -18.56
CA LYS C 70 25.41 -35.05 -17.65
C LYS C 70 26.37 -33.91 -17.34
N ALA C 71 26.80 -33.18 -18.37
CA ALA C 71 27.80 -32.14 -18.18
C ALA C 71 27.30 -31.06 -17.22
N PHE C 72 26.02 -30.69 -17.34
CA PHE C 72 25.46 -29.67 -16.46
C PHE C 72 25.23 -30.23 -15.06
N LEU C 73 24.85 -31.50 -14.96
CA LEU C 73 24.67 -32.12 -13.66
C LEU C 73 25.99 -32.17 -12.89
N ASN C 74 27.06 -32.61 -13.56
CA ASN C 74 28.37 -32.66 -12.92
C ASN C 74 28.79 -31.30 -12.38
N GLN C 75 28.58 -30.25 -13.16
CA GLN C 75 28.93 -28.89 -12.73
C GLN C 75 28.05 -28.44 -11.56
N ALA C 76 26.75 -28.74 -11.62
CA ALA C 76 25.88 -28.32 -10.53
C ALA C 76 26.21 -29.06 -9.23
N GLN C 77 26.78 -30.26 -9.34
CA GLN C 77 27.24 -30.97 -8.16
C GLN C 77 28.39 -30.23 -7.49
N ILE C 78 29.29 -29.66 -8.29
CA ILE C 78 30.35 -28.82 -7.75
C ILE C 78 29.76 -27.63 -6.99
N GLU C 79 28.77 -26.97 -7.59
CA GLU C 79 28.12 -25.83 -6.97
C GLU C 79 27.51 -26.22 -5.63
N VAL C 80 26.86 -27.39 -5.56
CA VAL C 80 26.25 -27.83 -4.31
C VAL C 80 27.33 -28.03 -3.25
N ARG C 81 28.44 -28.67 -3.63
CA ARG C 81 29.54 -28.90 -2.69
C ARG C 81 30.09 -27.59 -2.16
N LEU C 82 30.33 -26.62 -3.06
CA LEU C 82 30.86 -25.34 -2.62
C LEU C 82 29.83 -24.56 -1.81
N LEU C 83 28.58 -24.57 -2.26
CA LEU C 83 27.52 -23.90 -1.52
C LEU C 83 27.40 -24.42 -0.10
N GLU C 84 27.32 -25.74 0.05
CA GLU C 84 27.20 -26.32 1.39
C GLU C 84 28.44 -26.04 2.23
N LEU C 85 29.62 -26.02 1.59
CA LEU C 85 30.84 -25.74 2.33
C LEU C 85 30.87 -24.28 2.78
N MET C 86 30.38 -23.37 1.94
CA MET C 86 30.33 -21.96 2.32
C MET C 86 29.29 -21.74 3.41
N ASN C 87 28.11 -22.34 3.25
CA ASN C 87 27.01 -22.10 4.17
C ASN C 87 27.27 -22.63 5.58
N LYS C 88 28.18 -23.61 5.73
CA LYS C 88 28.44 -24.13 7.06
C LYS C 88 29.49 -23.32 7.81
N HIS C 89 30.31 -22.55 7.08
CA HIS C 89 31.16 -21.57 7.75
C HIS C 89 30.32 -20.37 8.16
N ASP C 90 29.40 -19.98 7.28
CA ASP C 90 28.55 -18.81 7.45
C ASP C 90 27.18 -19.22 7.99
N THR C 91 27.18 -19.79 9.20
CA THR C 91 25.92 -20.13 9.84
C THR C 91 25.03 -18.90 10.00
N GLU C 92 25.54 -17.86 10.64
CA GLU C 92 24.90 -16.55 10.62
C GLU C 92 25.21 -15.93 9.26
N MET C 93 24.20 -15.80 8.40
CA MET C 93 24.44 -15.33 7.04
C MET C 93 24.88 -13.88 6.93
N LYS C 94 26.12 -13.58 7.33
CA LYS C 94 26.60 -12.21 7.34
C LYS C 94 27.66 -11.91 6.27
N TYR C 95 28.19 -12.92 5.61
CA TYR C 95 29.23 -12.72 4.59
C TYR C 95 28.71 -12.74 3.15
N TYR C 96 27.38 -12.75 2.95
CA TYR C 96 26.76 -12.35 1.70
C TYR C 96 26.70 -13.42 0.61
N ILE C 97 26.56 -14.69 0.98
CA ILE C 97 26.42 -15.80 0.04
C ILE C 97 25.03 -16.39 0.18
N VAL C 98 24.41 -16.72 -0.97
CA VAL C 98 23.05 -17.25 -0.97
C VAL C 98 22.99 -18.55 -0.16
N HIS C 99 21.85 -18.76 0.51
CA HIS C 99 21.64 -19.93 1.35
C HIS C 99 21.05 -21.06 0.50
N LEU C 100 21.79 -22.16 0.39
CA LEU C 100 21.29 -23.40 -0.20
C LEU C 100 20.56 -24.20 0.87
N LYS C 101 19.25 -24.34 0.74
CA LYS C 101 18.47 -25.03 1.77
C LYS C 101 18.57 -26.55 1.61
N ARG C 102 18.29 -27.07 0.42
CA ARG C 102 18.40 -28.49 0.15
C ARG C 102 18.44 -28.71 -1.36
N HIS C 103 18.60 -29.98 -1.75
CA HIS C 103 18.55 -30.36 -3.15
C HIS C 103 17.85 -31.71 -3.27
N PHE C 104 17.30 -31.97 -4.46
CA PHE C 104 16.62 -33.22 -4.72
C PHE C 104 16.65 -33.51 -6.21
N MET C 105 16.50 -34.78 -6.55
CA MET C 105 16.33 -35.19 -7.94
C MET C 105 14.84 -35.29 -8.23
N PHE C 106 14.40 -34.63 -9.30
CA PHE C 106 12.99 -34.68 -9.70
C PHE C 106 12.90 -34.79 -11.20
N ARG C 107 12.27 -35.86 -11.68
CA ARG C 107 12.10 -36.12 -13.11
C ARG C 107 13.41 -35.94 -13.88
N ASN C 108 14.47 -36.51 -13.31
CA ASN C 108 15.82 -36.55 -13.86
C ASN C 108 16.48 -35.17 -13.93
N HIS C 109 16.04 -34.21 -13.12
CA HIS C 109 16.74 -32.93 -12.99
C HIS C 109 17.19 -32.73 -11.55
N LEU C 110 18.44 -32.32 -11.38
CA LEU C 110 18.88 -31.83 -10.07
C LEU C 110 18.24 -30.48 -9.82
N CYS C 111 17.62 -30.33 -8.66
CA CYS C 111 16.92 -29.11 -8.29
C CYS C 111 17.54 -28.60 -7.00
N LEU C 112 17.98 -27.35 -7.01
CA LEU C 112 18.59 -26.73 -5.85
C LEU C 112 17.60 -25.73 -5.29
N VAL C 113 17.24 -25.91 -4.02
CA VAL C 113 16.27 -25.05 -3.35
C VAL C 113 17.03 -24.00 -2.57
N PHE C 114 16.80 -22.74 -2.91
CA PHE C 114 17.43 -21.61 -2.23
C PHE C 114 16.37 -20.80 -1.51
N GLU C 115 16.83 -20.00 -0.56
CA GLU C 115 16.02 -18.89 -0.09
C GLU C 115 15.63 -18.02 -1.27
N MET C 116 14.45 -17.41 -1.18
CA MET C 116 13.98 -16.52 -2.23
C MET C 116 14.59 -15.13 -2.06
N LEU C 117 15.19 -14.61 -3.13
CA LEU C 117 15.73 -13.27 -3.13
C LEU C 117 14.92 -12.37 -4.07
N SER C 118 15.43 -11.17 -4.33
CA SER C 118 14.79 -10.16 -5.16
C SER C 118 15.57 -9.97 -6.46
N TYR C 119 15.51 -8.76 -7.03
CA TYR C 119 16.06 -8.53 -8.36
C TYR C 119 17.58 -8.59 -8.34
N ASN C 120 18.16 -8.91 -9.50
CA ASN C 120 19.60 -8.83 -9.60
C ASN C 120 20.01 -7.39 -9.91
N LEU C 121 21.31 -7.14 -9.88
CA LEU C 121 21.78 -5.77 -10.06
C LEU C 121 21.65 -5.29 -11.50
N TYR C 122 21.54 -6.19 -12.47
CA TYR C 122 21.22 -5.75 -13.82
C TYR C 122 19.81 -5.20 -13.90
N ASP C 123 18.83 -5.93 -13.35
CA ASP C 123 17.46 -5.44 -13.33
C ASP C 123 17.40 -4.07 -12.66
N LEU C 124 18.17 -3.88 -11.60
CA LEU C 124 18.23 -2.60 -10.91
C LEU C 124 18.76 -1.52 -11.84
N LEU C 125 19.81 -1.82 -12.60
CA LEU C 125 20.33 -0.88 -13.60
C LEU C 125 19.25 -0.55 -14.63
N ARG C 126 18.65 -1.60 -15.20
CA ARG C 126 17.61 -1.40 -16.20
CA ARG C 126 17.59 -1.41 -16.19
C ARG C 126 16.48 -0.52 -15.66
N ASN C 127 16.19 -0.62 -14.37
CA ASN C 127 15.10 0.15 -13.78
C ASN C 127 15.44 1.62 -13.60
N THR C 128 16.72 1.96 -13.50
CA THR C 128 17.16 3.35 -13.55
C THR C 128 17.29 3.86 -14.98
N ASN C 129 16.83 3.08 -15.95
CA ASN C 129 17.01 3.37 -17.37
C ASN C 129 18.48 3.56 -17.72
N PHE C 130 19.33 2.77 -17.05
CA PHE C 130 20.78 2.77 -17.25
C PHE C 130 21.38 4.15 -17.01
N ARG C 131 20.73 4.94 -16.15
CA ARG C 131 21.34 6.14 -15.63
C ARG C 131 22.39 5.81 -14.58
N GLY C 132 22.36 4.60 -14.03
CA GLY C 132 23.26 4.18 -12.97
C GLY C 132 22.68 4.49 -11.60
N VAL C 133 23.12 3.71 -10.61
CA VAL C 133 22.73 3.98 -9.24
C VAL C 133 23.70 4.99 -8.63
N SER C 134 23.29 5.58 -7.52
CA SER C 134 24.06 6.59 -6.81
C SER C 134 25.43 6.08 -6.38
N LEU C 135 26.37 7.02 -6.20
CA LEU C 135 27.67 6.67 -5.66
C LEU C 135 27.55 6.11 -4.25
N ASN C 136 26.62 6.66 -3.46
CA ASN C 136 26.35 6.12 -2.13
C ASN C 136 25.89 4.67 -2.18
N LEU C 137 25.01 4.34 -3.12
CA LEU C 137 24.55 2.96 -3.23
C LEU C 137 25.67 2.07 -3.77
N THR C 138 26.44 2.57 -4.73
CA THR C 138 27.59 1.83 -5.23
C THR C 138 28.55 1.47 -4.09
N ARG C 139 28.80 2.41 -3.18
CA ARG C 139 29.67 2.14 -2.04
C ARG C 139 29.12 1.02 -1.17
N LYS C 140 27.79 1.00 -0.98
CA LYS C 140 27.18 -0.08 -0.20
C LYS C 140 27.37 -1.43 -0.89
N PHE C 141 27.15 -1.48 -2.21
CA PHE C 141 27.41 -2.72 -2.95
C PHE C 141 28.88 -3.09 -2.88
N ALA C 142 29.77 -2.10 -2.97
CA ALA C 142 31.21 -2.37 -2.97
C ALA C 142 31.66 -2.97 -1.64
N GLN C 143 31.17 -2.41 -0.52
CA GLN C 143 31.58 -2.92 0.78
C GLN C 143 31.11 -4.35 1.00
N GLN C 144 29.89 -4.67 0.58
CA GLN C 144 29.39 -6.03 0.76
C GLN C 144 30.15 -7.02 -0.11
N MET C 145 30.38 -6.65 -1.37
CA MET C 145 31.10 -7.55 -2.27
C MET C 145 32.53 -7.79 -1.80
N CYS C 146 33.20 -6.74 -1.32
CA CYS C 146 34.54 -6.90 -0.79
C CYS C 146 34.55 -7.80 0.44
N THR C 147 33.55 -7.63 1.31
CA THR C 147 33.46 -8.50 2.48
C THR C 147 33.18 -9.94 2.06
N ALA C 148 32.35 -10.12 1.03
CA ALA C 148 32.08 -11.46 0.53
C ALA C 148 33.33 -12.10 -0.04
N LEU C 149 34.11 -11.35 -0.84
CA LEU C 149 35.34 -11.90 -1.39
C LEU C 149 36.36 -12.22 -0.30
N LEU C 150 36.37 -11.42 0.78
CA LEU C 150 37.20 -11.78 1.93
C LEU C 150 36.80 -13.12 2.50
N PHE C 151 35.49 -13.38 2.58
CA PHE C 151 35.00 -14.68 3.04
C PHE C 151 35.45 -15.79 2.10
N LEU C 152 35.34 -15.56 0.79
CA LEU C 152 35.79 -16.56 -0.18
C LEU C 152 37.28 -16.85 -0.06
N ALA C 153 38.06 -15.87 0.40
CA ALA C 153 39.51 -16.01 0.49
C ALA C 153 40.00 -16.69 1.76
N THR C 154 39.12 -17.01 2.71
CA THR C 154 39.57 -17.69 3.91
C THR C 154 40.14 -19.05 3.54
N PRO C 155 41.28 -19.45 4.10
CA PRO C 155 42.03 -20.59 3.56
C PRO C 155 41.23 -21.87 3.47
N GLU C 156 40.35 -22.13 4.46
CA GLU C 156 39.53 -23.33 4.40
C GLU C 156 38.61 -23.32 3.18
N LEU C 157 38.24 -22.15 2.68
CA LEU C 157 37.42 -22.05 1.48
C LEU C 157 38.25 -21.88 0.21
N SER C 158 38.92 -20.73 0.09
CA SER C 158 39.75 -20.39 -1.07
C SER C 158 38.99 -20.58 -2.39
N ILE C 159 37.79 -20.00 -2.45
CA ILE C 159 36.87 -20.21 -3.56
C ILE C 159 36.97 -19.04 -4.54
N ILE C 160 37.13 -19.36 -5.81
CA ILE C 160 37.03 -18.40 -6.90
C ILE C 160 35.65 -18.54 -7.53
N HIS C 161 34.85 -17.47 -7.48
CA HIS C 161 33.50 -17.53 -8.04
C HIS C 161 33.53 -17.74 -9.55
N CYS C 162 34.41 -17.01 -10.24
CA CYS C 162 34.73 -17.17 -11.67
C CYS C 162 33.66 -16.62 -12.61
N ASP C 163 32.56 -16.07 -12.13
CA ASP C 163 31.57 -15.48 -13.03
C ASP C 163 30.83 -14.33 -12.35
N LEU C 164 31.55 -13.46 -11.67
CA LEU C 164 30.90 -12.29 -11.07
C LEU C 164 30.45 -11.32 -12.15
N LYS C 165 29.18 -10.92 -12.08
CA LYS C 165 28.56 -9.96 -12.99
C LYS C 165 27.28 -9.46 -12.34
N PRO C 166 26.66 -8.39 -12.86
CA PRO C 166 25.45 -7.87 -12.20
C PRO C 166 24.32 -8.87 -12.08
N GLU C 167 24.21 -9.81 -13.03
CA GLU C 167 23.15 -10.81 -12.99
C GLU C 167 23.28 -11.79 -11.82
N ASN C 168 24.48 -12.00 -11.29
CA ASN C 168 24.71 -12.96 -10.22
C ASN C 168 24.83 -12.31 -8.85
N ILE C 169 24.53 -11.03 -8.75
CA ILE C 169 24.45 -10.31 -7.49
C ILE C 169 23.00 -9.89 -7.31
N LEU C 170 22.35 -10.39 -6.26
CA LEU C 170 20.93 -10.19 -6.08
C LEU C 170 20.66 -9.44 -4.78
N LEU C 171 19.72 -8.51 -4.84
CA LEU C 171 19.24 -7.85 -3.64
C LEU C 171 18.38 -8.82 -2.84
N CYS C 172 18.45 -8.71 -1.51
CA CYS C 172 17.59 -9.55 -0.69
C CYS C 172 16.13 -9.17 -0.90
N ASN C 173 15.84 -7.88 -0.95
CA ASN C 173 14.50 -7.35 -1.12
C ASN C 173 14.60 -6.02 -1.85
N PRO C 174 13.53 -5.59 -2.53
CA PRO C 174 13.62 -4.36 -3.33
C PRO C 174 13.83 -3.07 -2.52
N LYS C 175 13.61 -3.05 -1.21
CA LYS C 175 13.69 -1.78 -0.49
C LYS C 175 14.98 -1.57 0.29
N ARG C 176 15.96 -2.47 0.17
CA ARG C 176 17.18 -2.36 0.95
C ARG C 176 18.38 -2.65 0.05
N SER C 177 19.57 -2.30 0.53
CA SER C 177 20.79 -2.43 -0.25
C SER C 177 21.51 -3.74 0.01
N ALA C 178 20.98 -4.57 0.91
CA ALA C 178 21.57 -5.87 1.19
C ALA C 178 21.55 -6.76 -0.05
N ILE C 179 22.66 -7.45 -0.29
CA ILE C 179 22.81 -8.31 -1.45
C ILE C 179 23.35 -9.68 -1.05
N LYS C 180 23.14 -10.65 -1.93
CA LYS C 180 23.76 -11.97 -1.87
C LYS C 180 24.27 -12.34 -3.26
N ILE C 181 25.32 -13.15 -3.28
CA ILE C 181 25.92 -13.63 -4.51
C ILE C 181 25.33 -14.99 -4.87
N VAL C 182 25.06 -15.23 -6.15
CA VAL C 182 24.50 -16.50 -6.61
C VAL C 182 25.38 -17.09 -7.71
N ASP C 183 24.97 -18.27 -8.18
CA ASP C 183 25.54 -18.99 -9.31
C ASP C 183 27.00 -19.36 -9.12
N PHE C 184 27.26 -20.44 -8.39
CA PHE C 184 28.61 -20.96 -8.26
C PHE C 184 28.86 -22.11 -9.22
N GLY C 185 28.10 -22.14 -10.32
CA GLY C 185 28.26 -23.17 -11.33
C GLY C 185 29.63 -23.17 -11.98
N SER C 186 30.24 -22.00 -12.14
CA SER C 186 31.57 -21.92 -12.73
C SER C 186 32.66 -21.79 -11.69
N SER C 187 32.33 -21.92 -10.41
CA SER C 187 33.28 -21.71 -9.33
C SER C 187 34.24 -22.88 -9.19
N CYS C 188 35.36 -22.61 -8.52
CA CYS C 188 36.36 -23.61 -8.23
C CYS C 188 37.11 -23.19 -6.97
N GLN C 189 38.00 -24.05 -6.51
CA GLN C 189 38.90 -23.70 -5.43
C GLN C 189 40.32 -23.52 -5.96
N LEU C 190 41.16 -22.88 -5.14
CA LEU C 190 42.48 -22.46 -5.59
C LEU C 190 43.30 -23.61 -6.15
N GLY C 191 43.15 -24.80 -5.60
CA GLY C 191 43.92 -25.92 -6.08
C GLY C 191 43.39 -26.48 -7.37
N GLN C 192 42.11 -26.80 -7.41
CA GLN C 192 41.53 -27.63 -8.47
C GLN C 192 40.61 -26.77 -9.32
N ARG C 193 41.10 -26.42 -10.51
CA ARG C 193 40.34 -25.62 -11.46
C ARG C 193 40.75 -25.97 -12.89
N TYR C 195 39.07 -25.72 -16.54
CA TYR C 195 38.35 -24.82 -17.44
C TYR C 195 39.18 -23.58 -17.76
N GLN C 196 39.06 -23.08 -18.98
CA GLN C 196 39.77 -21.88 -19.41
C GLN C 196 38.89 -20.87 -20.13
N PTR C 197 37.62 -21.21 -20.35
CA PTR C 197 36.70 -20.28 -20.98
C PTR C 197 35.92 -19.48 -19.94
O PTR C 197 34.80 -19.02 -20.19
CB PTR C 197 35.73 -21.03 -21.89
N ILE C 198 36.55 -19.27 -18.78
CA ILE C 198 35.85 -18.77 -17.61
C ILE C 198 35.67 -17.25 -17.57
N GLN C 199 34.68 -16.82 -16.78
CA GLN C 199 34.24 -15.44 -16.58
C GLN C 199 33.40 -14.96 -17.76
N SER C 200 32.38 -14.16 -17.51
CA SER C 200 31.64 -13.49 -18.59
C SER C 200 32.54 -12.42 -19.21
N ARG C 201 32.46 -12.31 -20.54
CA ARG C 201 33.52 -11.62 -21.29
C ARG C 201 33.77 -10.20 -20.78
N PHE C 202 32.68 -9.43 -20.54
CA PHE C 202 32.86 -8.05 -20.09
C PHE C 202 33.64 -7.99 -18.80
N TYR C 203 33.55 -9.02 -17.98
CA TYR C 203 34.12 -9.05 -16.64
C TYR C 203 35.33 -9.97 -16.54
N ARG C 204 35.88 -10.37 -17.69
CA ARG C 204 36.98 -11.32 -17.75
C ARG C 204 38.30 -10.62 -17.51
N SER C 205 39.14 -11.22 -16.67
CA SER C 205 40.40 -10.63 -16.24
C SER C 205 41.46 -10.74 -17.33
N PRO C 206 42.48 -9.86 -17.30
CA PRO C 206 43.58 -10.01 -18.26
C PRO C 206 44.28 -11.37 -18.19
N GLU C 207 44.48 -11.91 -17.00
CA GLU C 207 45.18 -13.19 -16.89
C GLU C 207 44.42 -14.31 -17.59
N VAL C 208 43.09 -14.28 -17.51
CA VAL C 208 42.30 -15.31 -18.20
C VAL C 208 42.30 -15.06 -19.71
N LEU C 209 42.15 -13.80 -20.13
CA LEU C 209 42.24 -13.48 -21.55
C LEU C 209 43.58 -13.90 -22.15
N LEU C 210 44.65 -13.79 -21.36
CA LEU C 210 45.98 -14.12 -21.82
C LEU C 210 46.32 -15.60 -21.65
N GLY C 211 45.39 -16.40 -21.16
CA GLY C 211 45.66 -17.82 -20.98
C GLY C 211 46.66 -18.13 -19.88
N MET C 212 46.77 -17.27 -18.88
CA MET C 212 47.72 -17.43 -17.79
C MET C 212 47.06 -18.12 -16.60
N PRO C 213 47.86 -18.64 -15.67
CA PRO C 213 47.28 -19.10 -14.39
C PRO C 213 46.56 -17.97 -13.68
N TYR C 214 45.56 -18.33 -12.88
CA TYR C 214 44.75 -17.34 -12.19
C TYR C 214 44.42 -17.82 -10.78
N ASP C 215 43.98 -16.89 -9.95
CA ASP C 215 43.63 -17.18 -8.56
C ASP C 215 42.43 -16.32 -8.18
N LEU C 216 42.22 -16.13 -6.88
CA LEU C 216 41.04 -15.40 -6.41
C LEU C 216 41.03 -13.95 -6.90
N ALA C 217 42.19 -13.44 -7.35
CA ALA C 217 42.28 -12.07 -7.82
C ALA C 217 41.42 -11.80 -9.06
N ILE C 218 41.02 -12.84 -9.80
CA ILE C 218 40.17 -12.60 -10.96
C ILE C 218 38.79 -12.12 -10.53
N ASP C 219 38.34 -12.52 -9.33
CA ASP C 219 37.07 -12.01 -8.83
C ASP C 219 37.16 -10.52 -8.53
N MET C 220 38.33 -10.05 -8.11
CA MET C 220 38.50 -8.63 -7.82
C MET C 220 38.47 -7.81 -9.11
N TRP C 221 39.06 -8.32 -10.19
CA TRP C 221 38.93 -7.66 -11.49
C TRP C 221 37.46 -7.52 -11.87
N SER C 222 36.70 -8.61 -11.79
CA SER C 222 35.29 -8.55 -12.14
C SER C 222 34.57 -7.50 -11.31
N LEU C 223 34.88 -7.44 -10.01
CA LEU C 223 34.21 -6.49 -9.13
C LEU C 223 34.50 -5.04 -9.53
N GLY C 224 35.76 -4.74 -9.87
CA GLY C 224 36.10 -3.42 -10.35
C GLY C 224 35.25 -3.01 -11.55
N CYS C 225 35.11 -3.92 -12.52
CA CYS C 225 34.27 -3.63 -13.69
C CYS C 225 32.82 -3.43 -13.27
N ILE C 226 32.33 -4.25 -12.35
CA ILE C 226 30.92 -4.19 -11.96
C ILE C 226 30.61 -2.85 -11.30
N LEU C 227 31.47 -2.42 -10.39
CA LEU C 227 31.21 -1.19 -9.63
C LEU C 227 31.17 0.03 -10.54
N VAL C 228 32.06 0.10 -11.53
CA VAL C 228 32.02 1.23 -12.46
C VAL C 228 30.71 1.22 -13.22
N GLU C 229 30.32 0.04 -13.71
CA GLU C 229 29.07 -0.09 -14.45
C GLU C 229 27.86 0.19 -13.58
N MET C 230 27.91 -0.18 -12.30
CA MET C 230 26.79 0.12 -11.42
C MET C 230 26.56 1.63 -11.31
N HIS C 231 27.63 2.42 -11.36
CA HIS C 231 27.49 3.86 -11.24
C HIS C 231 27.31 4.58 -12.56
N THR C 232 27.92 4.10 -13.65
CA THR C 232 27.74 4.74 -14.96
C THR C 232 26.54 4.21 -15.72
N GLY C 233 26.08 2.99 -15.41
CA GLY C 233 24.97 2.39 -16.11
C GLY C 233 25.34 1.55 -17.31
N GLU C 234 26.61 1.53 -17.72
CA GLU C 234 27.00 0.75 -18.88
C GLU C 234 28.33 0.05 -18.62
N PRO C 235 28.57 -1.08 -19.29
CA PRO C 235 29.81 -1.83 -19.02
C PRO C 235 31.06 -1.02 -19.32
N LEU C 236 32.07 -1.18 -18.46
CA LEU C 236 33.34 -0.51 -18.64
C LEU C 236 34.06 -1.02 -19.86
N PHE C 237 34.13 -2.34 -20.02
CA PHE C 237 34.83 -3.00 -21.12
C PHE C 237 33.84 -3.90 -21.83
N SER C 238 33.24 -3.40 -22.92
CA SER C 238 32.14 -4.10 -23.59
C SER C 238 32.62 -4.77 -24.87
N GLY C 239 33.60 -5.66 -24.74
CA GLY C 239 34.16 -6.32 -25.90
C GLY C 239 33.17 -7.28 -26.53
N ALA C 240 33.16 -7.31 -27.86
CA ALA C 240 32.32 -8.26 -28.59
C ALA C 240 32.97 -9.63 -28.72
N ASN C 241 34.28 -9.70 -28.50
CA ASN C 241 35.06 -10.92 -28.54
C ASN C 241 36.35 -10.65 -27.79
N GLU C 242 37.18 -11.69 -27.65
CA GLU C 242 38.37 -11.56 -26.81
C GLU C 242 39.31 -10.46 -27.32
N VAL C 243 39.51 -10.37 -28.64
CA VAL C 243 40.38 -9.32 -29.18
C VAL C 243 39.79 -7.95 -28.89
N ASP C 244 38.49 -7.78 -29.16
CA ASP C 244 37.83 -6.51 -28.85
C ASP C 244 37.91 -6.20 -27.36
N GLN C 245 37.76 -7.24 -26.53
CA GLN C 245 37.79 -7.05 -25.08
C GLN C 245 39.16 -6.57 -24.60
N MET C 246 40.23 -7.23 -25.06
CA MET C 246 41.56 -6.83 -24.63
C MET C 246 41.87 -5.40 -25.08
N ASN C 247 41.45 -5.05 -26.30
CA ASN C 247 41.70 -3.69 -26.80
C ASN C 247 40.98 -2.65 -25.97
N LYS C 248 39.76 -2.94 -25.51
CA LYS C 248 39.05 -1.97 -24.71
C LYS C 248 39.68 -1.80 -23.34
N ILE C 249 40.26 -2.88 -22.80
CA ILE C 249 41.03 -2.72 -21.56
C ILE C 249 42.27 -1.86 -21.81
N VAL C 250 42.94 -2.06 -22.95
CA VAL C 250 44.12 -1.25 -23.27
C VAL C 250 43.74 0.22 -23.50
N GLU C 251 42.54 0.48 -24.03
CA GLU C 251 42.10 1.86 -24.21
C GLU C 251 42.12 2.62 -22.89
N VAL C 252 41.72 1.98 -21.80
CA VAL C 252 41.62 2.65 -20.51
C VAL C 252 42.93 2.54 -19.71
N LEU C 253 43.58 1.38 -19.73
CA LEU C 253 44.67 1.08 -18.82
C LEU C 253 46.03 0.96 -19.49
N GLY C 254 46.11 1.08 -20.81
CA GLY C 254 47.39 1.00 -21.50
C GLY C 254 47.84 -0.41 -21.78
N ILE C 255 49.02 -0.51 -22.37
CA ILE C 255 49.63 -1.83 -22.66
C ILE C 255 50.00 -2.51 -21.35
N PRO C 256 49.67 -3.79 -21.18
CA PRO C 256 50.08 -4.51 -19.98
C PRO C 256 51.59 -4.52 -19.86
N PRO C 257 52.12 -4.60 -18.64
CA PRO C 257 53.58 -4.56 -18.47
C PRO C 257 54.24 -5.78 -19.09
N ALA C 258 55.49 -5.58 -19.53
CA ALA C 258 56.17 -6.61 -20.32
C ALA C 258 56.41 -7.89 -19.53
N HIS C 259 56.69 -7.79 -18.22
CA HIS C 259 56.98 -8.99 -17.45
C HIS C 259 55.77 -9.94 -17.41
N ILE C 260 54.58 -9.40 -17.59
CA ILE C 260 53.38 -10.23 -17.69
C ILE C 260 53.26 -10.83 -19.09
N LEU C 261 53.34 -9.99 -20.13
CA LEU C 261 53.21 -10.48 -21.49
C LEU C 261 54.30 -11.49 -21.85
N ASP C 262 55.49 -11.34 -21.27
CA ASP C 262 56.56 -12.29 -21.51
C ASP C 262 56.23 -13.70 -21.01
N GLN C 263 55.26 -13.83 -20.11
CA GLN C 263 54.85 -15.13 -19.57
C GLN C 263 53.47 -15.56 -20.05
N ALA C 264 52.89 -14.83 -21.01
CA ALA C 264 51.50 -15.05 -21.39
C ALA C 264 51.41 -15.96 -22.60
N PRO C 265 50.81 -17.15 -22.47
CA PRO C 265 50.68 -18.03 -23.64
C PRO C 265 49.92 -17.41 -24.80
N LYS C 266 48.92 -16.56 -24.54
CA LYS C 266 48.11 -15.96 -25.59
C LYS C 266 48.48 -14.51 -25.86
N ALA C 267 49.69 -14.09 -25.50
CA ALA C 267 50.12 -12.71 -25.74
C ALA C 267 49.97 -12.31 -27.20
N ARG C 268 50.36 -13.21 -28.11
CA ARG C 268 50.38 -12.86 -29.53
C ARG C 268 49.01 -12.96 -30.18
N LYS C 269 47.97 -13.21 -29.38
CA LYS C 269 46.60 -13.04 -29.86
C LYS C 269 46.21 -11.57 -29.92
N PHE C 270 46.82 -10.72 -29.09
CA PHE C 270 46.52 -9.31 -29.03
C PHE C 270 47.71 -8.40 -29.25
N PHE C 271 48.92 -8.85 -28.93
CA PHE C 271 50.09 -7.98 -28.92
C PHE C 271 51.20 -8.58 -29.77
N GLU C 272 52.18 -7.75 -30.10
CA GLU C 272 53.37 -8.18 -30.81
C GLU C 272 54.60 -7.64 -30.10
N LYS C 273 55.64 -8.47 -29.99
CA LYS C 273 56.86 -8.09 -29.30
C LYS C 273 57.86 -7.55 -30.30
N LEU C 274 58.37 -6.35 -30.03
CA LEU C 274 59.27 -5.64 -30.92
C LEU C 274 60.71 -6.02 -30.66
N PRO C 275 61.63 -5.69 -31.58
CA PRO C 275 63.05 -6.03 -31.38
C PRO C 275 63.64 -5.57 -30.06
N ASP C 276 63.23 -4.41 -29.54
CA ASP C 276 63.75 -3.90 -28.28
C ASP C 276 63.13 -4.55 -27.05
N GLY C 277 62.29 -5.57 -27.22
CA GLY C 277 61.68 -6.28 -26.12
C GLY C 277 60.41 -5.65 -25.59
N THR C 278 59.99 -4.52 -26.13
CA THR C 278 58.74 -3.89 -25.72
C THR C 278 57.58 -4.45 -26.53
N TRP C 279 56.37 -4.27 -26.00
CA TRP C 279 55.16 -4.82 -26.60
C TRP C 279 54.28 -3.68 -27.07
N ASN C 280 53.60 -3.89 -28.20
CA ASN C 280 52.54 -3.01 -28.64
C ASN C 280 51.35 -3.86 -29.09
N LEU C 281 50.23 -3.19 -29.37
CA LEU C 281 49.13 -3.92 -29.95
C LEU C 281 49.53 -4.44 -31.32
N LYS C 282 49.00 -5.60 -31.68
CA LYS C 282 49.29 -6.16 -32.99
C LYS C 282 48.64 -5.31 -34.08
N LYS C 283 49.36 -5.14 -35.18
CA LYS C 283 48.88 -4.33 -36.29
C LYS C 283 47.61 -4.93 -36.89
N THR C 284 46.63 -4.07 -37.13
CA THR C 284 45.31 -4.52 -37.56
C THR C 284 44.47 -3.39 -38.14
N ASP C 286 43.39 -4.30 -41.32
CA ASP C 286 43.88 -3.54 -42.48
C ASP C 286 44.35 -2.16 -42.03
N GLY C 287 44.97 -2.13 -40.85
CA GLY C 287 45.48 -0.92 -40.23
C GLY C 287 44.51 0.21 -40.03
N LYS C 288 43.21 -0.06 -40.04
CA LYS C 288 42.22 1.00 -39.92
C LYS C 288 42.08 1.41 -38.45
N ARG C 289 41.59 2.64 -38.23
CA ARG C 289 41.56 3.19 -36.88
C ARG C 289 40.26 2.76 -36.21
N GLU C 290 40.38 2.09 -35.06
CA GLU C 290 39.19 1.62 -34.35
C GLU C 290 39.19 1.89 -32.85
N TYR C 291 40.34 2.01 -32.21
CA TYR C 291 40.41 2.17 -30.76
C TYR C 291 41.11 3.48 -30.42
N LYS C 292 40.78 4.03 -29.25
CA LYS C 292 41.58 5.12 -28.72
C LYS C 292 43.01 4.62 -28.53
N PRO C 293 44.01 5.48 -28.69
CA PRO C 293 45.38 5.06 -28.43
C PRO C 293 45.51 4.57 -26.99
N PRO C 294 46.45 3.68 -26.72
CA PRO C 294 46.50 3.02 -25.40
C PRO C 294 46.56 4.03 -24.25
N GLY C 295 45.70 3.80 -23.25
CA GLY C 295 45.68 4.60 -22.05
C GLY C 295 45.04 5.97 -22.18
N THR C 296 44.45 6.32 -23.31
CA THR C 296 43.89 7.65 -23.49
C THR C 296 42.40 7.74 -23.17
N ARG C 297 41.71 6.61 -22.96
CA ARG C 297 40.32 6.63 -22.49
C ARG C 297 40.35 6.53 -20.97
N LYS C 298 40.54 7.69 -20.32
CA LYS C 298 40.81 7.73 -18.89
C LYS C 298 39.57 7.39 -18.08
N LEU C 299 39.72 6.49 -17.10
CA LEU C 299 38.67 6.28 -16.12
C LEU C 299 38.29 7.58 -15.43
N HIS C 300 39.27 8.49 -15.26
CA HIS C 300 38.99 9.82 -14.72
C HIS C 300 37.84 10.51 -15.46
N ASN C 301 37.78 10.32 -16.78
CA ASN C 301 36.73 10.94 -17.56
C ASN C 301 35.49 10.05 -17.69
N ILE C 302 35.67 8.73 -17.71
CA ILE C 302 34.52 7.82 -17.67
C ILE C 302 33.67 8.12 -16.45
N LEU C 303 34.31 8.31 -15.29
CA LEU C 303 33.58 8.59 -14.06
C LEU C 303 33.10 10.02 -13.96
N GLY C 304 33.60 10.93 -14.80
CA GLY C 304 33.23 12.33 -14.68
C GLY C 304 33.68 12.90 -13.36
N VAL C 305 34.90 12.58 -12.93
CA VAL C 305 35.42 12.94 -11.62
C VAL C 305 35.23 14.42 -11.34
N GLU C 306 35.52 15.27 -12.32
CA GLU C 306 35.50 16.71 -12.14
C GLU C 306 34.37 17.39 -12.89
N THR C 307 33.49 16.62 -13.54
CA THR C 307 32.45 17.18 -14.39
C THR C 307 31.07 16.68 -14.00
N GLY C 308 30.83 16.44 -12.71
CA GLY C 308 29.50 16.05 -12.31
C GLY C 308 29.18 14.58 -12.48
N GLY C 309 30.19 13.72 -12.40
CA GLY C 309 29.96 12.31 -12.47
C GLY C 309 29.74 11.84 -13.89
N PRO C 310 29.37 10.56 -14.04
CA PRO C 310 29.18 9.99 -15.39
C PRO C 310 28.20 10.79 -16.24
N GLY C 311 28.66 11.24 -17.41
CA GLY C 311 27.82 12.00 -18.30
C GLY C 311 27.33 13.33 -17.75
N GLY C 312 27.96 13.84 -16.69
CA GLY C 312 27.51 15.02 -15.99
C GLY C 312 26.20 14.91 -15.26
N ARG C 313 25.67 13.68 -15.10
CA ARG C 313 24.31 13.51 -14.59
C ARG C 313 24.22 13.63 -13.07
N ARG C 314 25.35 13.71 -12.37
CA ARG C 314 25.33 13.86 -10.92
C ARG C 314 25.70 15.27 -10.46
N ALA C 315 25.86 16.20 -11.39
CA ALA C 315 26.18 17.58 -11.02
C ALA C 315 25.07 18.16 -10.16
N GLY C 316 25.45 18.76 -9.04
CA GLY C 316 24.50 19.36 -8.13
C GLY C 316 23.90 18.42 -7.10
N GLU C 317 24.40 17.20 -7.01
CA GLU C 317 23.88 16.20 -6.08
C GLU C 317 24.80 16.07 -4.88
N SER C 318 24.21 15.87 -3.70
CA SER C 318 25.06 15.49 -2.57
C SER C 318 25.54 14.07 -2.77
N GLY C 319 26.60 13.72 -2.03
CA GLY C 319 27.18 12.40 -2.14
C GLY C 319 27.97 12.13 -3.42
N HIS C 320 28.35 13.17 -4.16
CA HIS C 320 29.09 13.01 -5.42
C HIS C 320 30.13 14.11 -5.58
N THR C 321 30.93 14.33 -4.55
CA THR C 321 31.96 15.36 -4.61
C THR C 321 33.15 14.90 -5.43
N VAL C 322 33.99 15.87 -5.84
CA VAL C 322 35.25 15.53 -6.50
C VAL C 322 36.09 14.62 -5.61
N ALA C 323 36.15 14.93 -4.31
CA ALA C 323 36.89 14.09 -3.37
C ALA C 323 36.34 12.67 -3.33
N ASP C 324 35.01 12.52 -3.29
CA ASP C 324 34.41 11.19 -3.34
C ASP C 324 34.83 10.44 -4.60
N TYR C 325 34.74 11.12 -5.75
CA TYR C 325 35.08 10.47 -7.02
C TYR C 325 36.54 10.07 -7.06
N LEU C 326 37.43 10.91 -6.52
CA LEU C 326 38.85 10.57 -6.54
C LEU C 326 39.13 9.32 -5.73
N LYS C 327 38.47 9.17 -4.57
CA LYS C 327 38.61 7.96 -3.78
C LYS C 327 38.07 6.76 -4.54
N PHE C 328 36.87 6.89 -5.12
CA PHE C 328 36.29 5.81 -5.91
C PHE C 328 37.22 5.41 -7.04
N LYS C 329 37.75 6.40 -7.76
CA LYS C 329 38.64 6.12 -8.87
C LYS C 329 39.90 5.37 -8.42
N ASP C 330 40.48 5.77 -7.30
CA ASP C 330 41.67 5.09 -6.80
C ASP C 330 41.38 3.62 -6.50
N LEU C 331 40.27 3.35 -5.82
CA LEU C 331 39.94 1.97 -5.49
C LEU C 331 39.74 1.14 -6.75
N ILE C 332 38.98 1.66 -7.72
CA ILE C 332 38.75 0.93 -8.96
C ILE C 332 40.08 0.61 -9.65
N LEU C 333 40.98 1.59 -9.71
CA LEU C 333 42.25 1.38 -10.39
C LEU C 333 43.08 0.29 -9.70
N ARG C 334 43.03 0.24 -8.36
CA ARG C 334 43.72 -0.83 -7.64
CA ARG C 334 43.73 -0.83 -7.66
C ARG C 334 43.06 -2.18 -7.88
N MET C 335 41.74 -2.19 -8.09
CA MET C 335 41.05 -3.42 -8.45
C MET C 335 41.37 -3.85 -9.87
N LEU C 336 41.84 -2.92 -10.71
CA LEU C 336 42.12 -3.18 -12.11
C LEU C 336 43.60 -3.18 -12.41
N ASP C 337 44.43 -3.40 -11.39
CA ASP C 337 45.85 -3.67 -11.57
C ASP C 337 46.01 -4.84 -12.54
N TYR C 338 46.86 -4.65 -13.56
CA TYR C 338 47.13 -5.73 -14.51
C TYR C 338 47.75 -6.93 -13.79
N ASP C 339 48.54 -6.68 -12.75
CA ASP C 339 49.30 -7.70 -12.06
C ASP C 339 48.44 -8.31 -10.96
N PRO C 340 48.03 -9.58 -11.07
CA PRO C 340 47.21 -10.18 -10.00
C PRO C 340 47.95 -10.34 -8.68
N LYS C 341 49.28 -10.32 -8.68
CA LYS C 341 50.01 -10.42 -7.43
C LYS C 341 49.96 -9.14 -6.62
N THR C 342 49.73 -8.00 -7.28
CA THR C 342 49.64 -6.70 -6.63
C THR C 342 48.26 -6.08 -6.68
N ARG C 343 47.32 -6.67 -7.42
CA ARG C 343 45.94 -6.21 -7.39
C ARG C 343 45.46 -6.18 -5.94
N ILE C 344 44.70 -5.13 -5.61
CA ILE C 344 44.26 -4.97 -4.22
C ILE C 344 43.45 -6.19 -3.81
N GLN C 345 43.62 -6.59 -2.57
CA GLN C 345 42.99 -7.79 -2.04
C GLN C 345 41.87 -7.44 -1.08
N PRO C 346 40.92 -8.36 -0.87
CA PRO C 346 39.70 -8.01 -0.10
C PRO C 346 39.97 -7.32 1.23
N TYR C 347 40.90 -7.83 2.03
CA TYR C 347 41.16 -7.22 3.34
C TYR C 347 41.59 -5.76 3.19
N TYR C 348 42.50 -5.48 2.25
CA TYR C 348 43.01 -4.12 2.12
C TYR C 348 42.05 -3.21 1.37
N ALA C 349 41.22 -3.75 0.49
CA ALA C 349 40.17 -2.94 -0.12
C ALA C 349 39.22 -2.41 0.94
N LEU C 350 38.88 -3.24 1.93
CA LEU C 350 37.98 -2.82 2.99
C LEU C 350 38.55 -1.68 3.82
N GLN C 351 39.87 -1.51 3.86
CA GLN C 351 40.49 -0.41 4.61
C GLN C 351 40.66 0.85 3.77
N HIS C 352 40.22 0.82 2.51
CA HIS C 352 40.40 1.95 1.60
C HIS C 352 39.58 3.16 2.06
N SER C 353 40.09 4.36 1.74
CA SER C 353 39.42 5.59 2.15
C SER C 353 38.05 5.79 1.52
N PHE C 354 37.76 5.11 0.41
CA PHE C 354 36.44 5.20 -0.20
C PHE C 354 35.33 4.79 0.76
N PHE C 355 35.65 3.97 1.76
CA PHE C 355 34.68 3.44 2.70
C PHE C 355 34.63 4.20 4.01
N LYS C 356 35.56 5.12 4.25
CA LYS C 356 35.50 5.95 5.44
C LYS C 356 34.26 6.84 5.39
N LYS C 357 33.49 6.82 6.47
CA LYS C 357 32.21 7.53 6.50
C LYS C 357 32.01 8.25 7.83
N VAL D 11 30.05 -43.11 29.05
CA VAL D 11 29.22 -43.64 30.13
C VAL D 11 28.46 -42.52 30.82
N TYR D 12 27.18 -42.36 30.47
CA TYR D 12 26.31 -41.37 31.08
C TYR D 12 25.26 -42.08 31.91
N ASN D 13 25.13 -41.65 33.17
CA ASN D 13 24.19 -42.25 34.14
C ASN D 13 24.39 -43.77 34.18
N ASP D 14 25.65 -44.18 34.25
CA ASP D 14 26.05 -45.58 34.27
C ASP D 14 25.46 -46.38 33.09
N GLY D 15 25.25 -45.70 31.96
CA GLY D 15 24.80 -46.34 30.74
C GLY D 15 23.37 -46.09 30.36
N TYR D 16 22.54 -45.53 31.26
CA TYR D 16 21.13 -45.37 30.98
C TYR D 16 20.80 -44.11 30.19
N ASP D 17 21.71 -43.14 30.15
CA ASP D 17 21.46 -41.86 29.49
C ASP D 17 22.22 -41.75 28.18
N ASP D 18 21.76 -40.85 27.33
CA ASP D 18 22.53 -40.44 26.16
C ASP D 18 23.39 -39.24 26.55
N ASP D 19 24.07 -38.63 25.57
CA ASP D 19 24.91 -37.48 25.87
C ASP D 19 24.13 -36.19 26.10
N ASN D 20 22.79 -36.23 26.05
CA ASN D 20 21.94 -35.06 26.20
C ASN D 20 21.04 -35.18 27.43
N TYR D 21 21.51 -35.89 28.45
CA TYR D 21 20.82 -36.10 29.73
C TYR D 21 19.47 -36.81 29.58
N ASP D 22 19.18 -37.40 28.43
CA ASP D 22 17.92 -38.12 28.22
C ASP D 22 18.06 -39.59 28.58
N TYR D 23 16.96 -40.17 29.07
CA TYR D 23 16.90 -41.61 29.31
C TYR D 23 16.79 -42.35 27.98
N ILE D 24 17.65 -43.35 27.78
CA ILE D 24 17.62 -44.12 26.54
C ILE D 24 16.38 -45.00 26.56
N VAL D 25 15.33 -44.57 25.87
CA VAL D 25 14.06 -45.26 25.94
C VAL D 25 14.16 -46.59 25.21
N LYS D 26 13.72 -47.66 25.87
CA LYS D 26 13.75 -49.00 25.33
C LYS D 26 12.34 -49.56 25.37
N ASN D 27 11.79 -49.88 24.20
CA ASN D 27 10.41 -50.32 24.14
C ASN D 27 10.27 -51.69 24.79
N GLY D 28 9.17 -51.90 25.52
CA GLY D 28 8.97 -53.16 26.20
C GLY D 28 9.58 -53.26 27.58
N GLU D 29 10.32 -52.22 28.01
CA GLU D 29 10.92 -52.24 29.33
C GLU D 29 9.85 -52.11 30.41
N LYS D 30 10.02 -52.86 31.50
CA LYS D 30 9.12 -52.81 32.65
C LYS D 30 9.79 -52.07 33.79
N TRP D 31 9.07 -51.15 34.42
CA TRP D 31 9.59 -50.32 35.50
C TRP D 31 8.88 -50.62 36.82
N MET D 32 9.67 -50.85 37.87
CA MET D 32 9.18 -50.90 39.25
C MET D 32 8.06 -51.91 39.45
N ASP D 33 8.07 -52.98 38.65
CA ASP D 33 6.99 -53.97 38.65
C ASP D 33 5.61 -53.32 38.54
N ARG D 34 5.50 -52.28 37.71
CA ARG D 34 4.22 -51.60 37.55
C ARG D 34 3.97 -51.10 36.14
N TYR D 35 4.91 -50.36 35.55
CA TYR D 35 4.70 -49.71 34.26
C TYR D 35 5.41 -50.48 33.15
N GLU D 36 4.69 -50.74 32.05
CA GLU D 36 5.23 -51.36 30.85
C GLU D 36 5.35 -50.29 29.77
N ILE D 37 6.59 -49.94 29.41
CA ILE D 37 6.85 -48.88 28.43
C ILE D 37 6.55 -49.38 27.02
N ASP D 38 5.61 -48.73 26.33
CA ASP D 38 5.35 -49.13 24.95
C ASP D 38 6.33 -48.46 23.99
N SER D 39 6.33 -47.13 23.92
CA SER D 39 7.20 -46.45 22.97
C SER D 39 7.26 -44.96 23.30
N LEU D 40 8.27 -44.32 22.72
CA LEU D 40 8.39 -42.86 22.76
C LEU D 40 7.30 -42.22 21.90
N ILE D 41 6.63 -41.21 22.45
CA ILE D 41 5.63 -40.45 21.70
C ILE D 41 6.00 -39.00 21.49
N GLY D 42 6.97 -38.45 22.22
CA GLY D 42 7.36 -37.07 22.00
C GLY D 42 8.67 -36.74 22.68
N LYS D 43 9.32 -35.69 22.17
CA LYS D 43 10.54 -35.16 22.75
C LYS D 43 10.41 -33.65 22.87
N GLY D 44 11.10 -33.09 23.86
CA GLY D 44 11.14 -31.66 24.07
C GLY D 44 12.39 -31.29 24.84
N SER D 45 12.54 -29.99 25.10
CA SER D 45 13.69 -29.51 25.86
C SER D 45 13.70 -30.06 27.28
N PHE D 46 12.52 -30.40 27.83
CA PHE D 46 12.45 -30.96 29.17
C PHE D 46 13.00 -32.37 29.25
N GLY D 47 12.99 -33.10 28.14
CA GLY D 47 13.21 -34.53 28.16
C GLY D 47 12.27 -35.23 27.19
N GLN D 48 11.56 -36.26 27.64
CA GLN D 48 10.80 -37.11 26.75
C GLN D 48 9.43 -37.44 27.34
N VAL D 49 8.51 -37.85 26.47
CA VAL D 49 7.22 -38.40 26.87
C VAL D 49 7.05 -39.75 26.19
N VAL D 50 6.78 -40.79 26.98
CA VAL D 50 6.56 -42.13 26.44
C VAL D 50 5.16 -42.58 26.83
N LYS D 51 4.60 -43.47 26.02
CA LYS D 51 3.37 -44.16 26.35
C LYS D 51 3.69 -45.42 27.15
N ALA D 52 3.02 -45.60 28.28
CA ALA D 52 3.23 -46.75 29.13
C ALA D 52 1.90 -47.23 29.69
N TYR D 53 1.82 -48.52 29.99
CA TYR D 53 0.67 -49.11 30.65
C TYR D 53 0.96 -49.30 32.14
N ASP D 54 0.08 -48.76 32.98
CA ASP D 54 0.15 -48.93 34.42
C ASP D 54 -0.62 -50.21 34.77
N ARG D 55 0.11 -51.27 35.12
CA ARG D 55 -0.53 -52.54 35.42
C ARG D 55 -1.41 -52.48 36.66
N VAL D 56 -1.13 -51.56 37.59
CA VAL D 56 -1.91 -51.49 38.83
C VAL D 56 -3.27 -50.86 38.58
N GLU D 57 -3.29 -49.65 38.01
CA GLU D 57 -4.57 -49.02 37.69
C GLU D 57 -5.16 -49.51 36.37
N GLN D 58 -4.38 -50.29 35.61
CA GLN D 58 -4.77 -50.88 34.32
C GLN D 58 -5.42 -49.85 33.40
N GLU D 59 -4.59 -48.89 33.01
CA GLU D 59 -4.97 -47.82 32.12
C GLU D 59 -3.71 -47.39 31.40
N TRP D 60 -3.87 -46.90 30.17
CA TRP D 60 -2.75 -46.30 29.48
C TRP D 60 -2.48 -44.92 30.06
N VAL D 61 -1.19 -44.60 30.22
CA VAL D 61 -0.78 -43.31 30.75
C VAL D 61 0.39 -42.80 29.93
N ALA D 62 0.64 -41.51 30.03
CA ALA D 62 1.80 -40.87 29.43
C ALA D 62 2.78 -40.49 30.54
N ILE D 63 4.03 -40.89 30.39
CA ILE D 63 5.06 -40.63 31.39
C ILE D 63 6.04 -39.62 30.80
N LYS D 64 6.14 -38.46 31.45
CA LYS D 64 7.08 -37.42 31.09
C LYS D 64 8.39 -37.68 31.82
N ILE D 65 9.43 -38.08 31.09
CA ILE D 65 10.73 -38.37 31.67
C ILE D 65 11.60 -37.12 31.58
N ILE D 66 11.80 -36.45 32.71
CA ILE D 66 12.60 -35.24 32.76
C ILE D 66 14.08 -35.57 32.58
N LYS D 67 14.80 -34.66 31.92
CA LYS D 67 16.25 -34.78 31.78
C LYS D 67 16.92 -34.89 33.14
N ASN D 68 17.91 -35.79 33.24
CA ASN D 68 18.71 -35.97 34.45
C ASN D 68 19.76 -34.87 34.51
N LYS D 69 19.29 -33.66 34.85
CA LYS D 69 20.15 -32.51 35.00
C LYS D 69 19.46 -31.53 35.94
N LYS D 70 20.24 -30.94 36.86
CA LYS D 70 19.65 -30.19 37.96
C LYS D 70 18.71 -29.10 37.48
N ALA D 71 19.13 -28.33 36.47
CA ALA D 71 18.32 -27.21 36.00
C ALA D 71 16.97 -27.67 35.50
N PHE D 72 16.94 -28.82 34.80
CA PHE D 72 15.67 -29.35 34.31
C PHE D 72 14.86 -29.99 35.43
N LEU D 73 15.51 -30.62 36.39
CA LEU D 73 14.78 -31.15 37.55
C LEU D 73 14.14 -30.02 38.33
N ASN D 74 14.88 -28.92 38.53
CA ASN D 74 14.31 -27.75 39.18
C ASN D 74 13.08 -27.25 38.43
N GLN D 75 13.10 -27.33 37.09
CA GLN D 75 11.99 -26.95 36.22
C GLN D 75 10.77 -27.75 36.58
N ALA D 76 10.94 -29.06 36.53
CA ALA D 76 9.86 -30.01 36.68
C ALA D 76 9.28 -30.01 38.09
N GLN D 77 10.08 -29.69 39.11
CA GLN D 77 9.53 -29.61 40.46
C GLN D 77 8.55 -28.46 40.56
N ILE D 78 8.87 -27.33 39.93
CA ILE D 78 7.93 -26.23 39.82
C ILE D 78 6.68 -26.70 39.09
N GLU D 79 6.86 -27.45 38.00
CA GLU D 79 5.73 -27.95 37.23
C GLU D 79 4.82 -28.84 38.07
N VAL D 80 5.38 -29.79 38.82
CA VAL D 80 4.53 -30.67 39.62
C VAL D 80 3.79 -29.86 40.69
N ARG D 81 4.46 -28.89 41.31
CA ARG D 81 3.81 -28.08 42.33
C ARG D 81 2.57 -27.38 41.76
N LEU D 82 2.71 -26.76 40.58
CA LEU D 82 1.58 -26.07 39.99
C LEU D 82 0.51 -27.05 39.54
N LEU D 83 0.91 -28.17 38.91
CA LEU D 83 -0.06 -29.18 38.50
C LEU D 83 -0.86 -29.70 39.69
N GLU D 84 -0.17 -30.08 40.77
CA GLU D 84 -0.87 -30.58 41.95
C GLU D 84 -1.75 -29.49 42.56
N LEU D 85 -1.33 -28.23 42.48
CA LEU D 85 -2.16 -27.15 43.00
C LEU D 85 -3.42 -26.97 42.14
N MET D 86 -3.28 -27.08 40.82
CA MET D 86 -4.42 -26.94 39.94
C MET D 86 -5.36 -28.13 40.05
N ASN D 87 -4.81 -29.35 40.03
CA ASN D 87 -5.65 -30.53 40.00
C ASN D 87 -6.45 -30.71 41.29
N LYS D 88 -6.02 -30.10 42.39
CA LYS D 88 -6.70 -30.19 43.67
C LYS D 88 -7.80 -29.14 43.85
N HIS D 89 -7.89 -28.16 42.96
CA HIS D 89 -8.94 -27.15 43.07
C HIS D 89 -10.31 -27.78 42.82
N ASP D 90 -11.33 -27.22 43.47
CA ASP D 90 -12.68 -27.78 43.38
C ASP D 90 -13.57 -26.96 42.44
N THR D 91 -13.13 -26.85 41.19
CA THR D 91 -13.94 -26.27 40.14
C THR D 91 -14.03 -27.26 38.97
N GLU D 92 -15.11 -27.20 38.20
CA GLU D 92 -15.19 -27.99 36.98
C GLU D 92 -14.29 -27.47 35.87
N MET D 93 -13.79 -26.23 35.98
CA MET D 93 -12.90 -25.66 34.98
C MET D 93 -11.54 -26.32 34.95
N LYS D 94 -11.18 -27.05 36.00
CA LYS D 94 -9.83 -27.56 36.15
C LYS D 94 -9.55 -28.73 35.22
N TYR D 95 -10.55 -29.19 34.49
CA TYR D 95 -10.37 -30.30 33.56
C TYR D 95 -9.93 -29.83 32.18
N TYR D 96 -9.66 -28.54 32.00
CA TYR D 96 -8.92 -28.12 30.83
C TYR D 96 -7.41 -28.14 31.06
N ILE D 97 -6.97 -28.63 32.22
CA ILE D 97 -5.56 -28.80 32.52
C ILE D 97 -5.31 -30.29 32.70
N VAL D 98 -4.20 -30.77 32.12
CA VAL D 98 -3.91 -32.20 32.14
C VAL D 98 -3.81 -32.69 33.58
N HIS D 99 -4.27 -33.92 33.80
CA HIS D 99 -4.25 -34.52 35.12
C HIS D 99 -2.92 -35.20 35.37
N LEU D 100 -2.18 -34.69 36.35
CA LEU D 100 -0.97 -35.35 36.84
C LEU D 100 -1.40 -36.37 37.90
N LYS D 101 -1.21 -37.65 37.60
CA LYS D 101 -1.65 -38.70 38.52
C LYS D 101 -0.68 -38.87 39.69
N ARG D 102 0.61 -39.05 39.40
CA ARG D 102 1.63 -39.19 40.42
C ARG D 102 2.98 -38.90 39.80
N HIS D 103 4.02 -38.92 40.64
CA HIS D 103 5.39 -38.74 40.18
C HIS D 103 6.32 -39.66 40.97
N PHE D 104 7.45 -39.99 40.37
CA PHE D 104 8.43 -40.85 41.02
C PHE D 104 9.80 -40.61 40.42
N MET D 105 10.84 -40.97 41.19
CA MET D 105 12.21 -40.97 40.70
C MET D 105 12.55 -42.36 40.19
N PHE D 106 13.04 -42.43 38.96
CA PHE D 106 13.44 -43.71 38.38
C PHE D 106 14.75 -43.54 37.64
N ARG D 107 15.77 -44.29 38.07
CA ARG D 107 17.10 -44.23 37.50
C ARG D 107 17.57 -42.78 37.37
N ASN D 108 17.36 -42.02 38.43
CA ASN D 108 17.77 -40.63 38.55
C ASN D 108 17.06 -39.70 37.58
N HIS D 109 15.87 -40.07 37.12
CA HIS D 109 15.02 -39.18 36.34
C HIS D 109 13.73 -38.95 37.10
N LEU D 110 13.31 -37.70 37.18
CA LEU D 110 11.95 -37.42 37.64
C LEU D 110 10.97 -37.78 36.54
N CYS D 111 9.94 -38.54 36.89
CA CYS D 111 8.95 -39.03 35.93
C CYS D 111 7.57 -38.56 36.35
N LEU D 112 6.87 -37.89 35.44
CA LEU D 112 5.53 -37.39 35.69
C LEU D 112 4.55 -38.27 34.93
N VAL D 113 3.61 -38.87 35.67
CA VAL D 113 2.62 -39.77 35.09
C VAL D 113 1.32 -38.99 34.89
N PHE D 114 0.90 -38.87 33.63
CA PHE D 114 -0.31 -38.16 33.26
C PHE D 114 -1.32 -39.14 32.68
N GLU D 115 -2.58 -38.71 32.68
CA GLU D 115 -3.57 -39.35 31.83
C GLU D 115 -3.10 -39.34 30.39
N MET D 116 -3.49 -40.37 29.64
CA MET D 116 -3.12 -40.43 28.23
C MET D 116 -4.07 -39.58 27.41
N LEU D 117 -3.52 -38.66 26.62
CA LEU D 117 -4.29 -37.84 25.71
C LEU D 117 -3.95 -38.20 24.26
N SER D 118 -4.42 -37.36 23.32
CA SER D 118 -4.27 -37.56 21.88
C SER D 118 -3.32 -36.50 21.31
N TYR D 119 -3.49 -36.16 20.03
CA TYR D 119 -2.57 -35.29 19.34
C TYR D 119 -2.69 -33.84 19.83
N ASN D 120 -1.62 -33.09 19.63
CA ASN D 120 -1.63 -31.66 19.93
C ASN D 120 -2.21 -30.89 18.74
N LEU D 121 -2.43 -29.59 18.94
CA LEU D 121 -3.04 -28.79 17.89
C LEU D 121 -2.07 -28.52 16.74
N TYR D 122 -0.76 -28.66 16.96
CA TYR D 122 0.18 -28.58 15.85
C TYR D 122 0.00 -29.77 14.90
N ASP D 123 -0.07 -30.98 15.46
CA ASP D 123 -0.35 -32.16 14.64
C ASP D 123 -1.66 -31.99 13.89
N LEU D 124 -2.68 -31.42 14.55
CA LEU D 124 -3.95 -31.17 13.87
C LEU D 124 -3.77 -30.22 12.70
N LEU D 125 -2.98 -29.17 12.89
CA LEU D 125 -2.68 -28.26 11.78
C LEU D 125 -1.95 -28.99 10.66
N ARG D 126 -0.85 -29.68 10.99
CA ARG D 126 -0.06 -30.35 9.96
CA ARG D 126 -0.05 -30.35 9.96
C ARG D 126 -0.89 -31.34 9.16
N ASN D 127 -1.85 -32.01 9.79
CA ASN D 127 -2.66 -32.99 9.10
C ASN D 127 -3.78 -32.36 8.28
N THR D 128 -4.11 -31.08 8.51
CA THR D 128 -4.91 -30.34 7.54
C THR D 128 -4.07 -29.79 6.40
N ASN D 129 -2.79 -30.19 6.33
CA ASN D 129 -1.81 -29.61 5.41
C ASN D 129 -1.72 -28.09 5.57
N PHE D 130 -1.84 -27.62 6.81
CA PHE D 130 -1.75 -26.21 7.17
C PHE D 130 -2.77 -25.36 6.41
N ARG D 131 -3.89 -25.97 6.01
CA ARG D 131 -5.03 -25.21 5.51
C ARG D 131 -5.84 -24.58 6.64
N GLY D 132 -5.68 -25.04 7.88
CA GLY D 132 -6.46 -24.53 8.99
C GLY D 132 -7.74 -25.30 9.25
N VAL D 133 -8.20 -25.20 10.50
CA VAL D 133 -9.47 -25.78 10.91
C VAL D 133 -10.61 -24.80 10.60
N SER D 134 -11.83 -25.31 10.60
CA SER D 134 -13.00 -24.48 10.41
C SER D 134 -13.09 -23.42 11.52
N LEU D 135 -13.82 -22.34 11.23
CA LEU D 135 -14.07 -21.33 12.26
C LEU D 135 -14.89 -21.91 13.41
N ASN D 136 -15.82 -22.82 13.09
CA ASN D 136 -16.60 -23.48 14.13
C ASN D 136 -15.71 -24.25 15.11
N LEU D 137 -14.71 -24.97 14.57
CA LEU D 137 -13.79 -25.67 15.45
C LEU D 137 -12.86 -24.68 16.15
N THR D 138 -12.41 -23.65 15.43
CA THR D 138 -11.62 -22.59 16.05
C THR D 138 -12.36 -21.99 17.23
N ARG D 139 -13.67 -21.75 17.07
CA ARG D 139 -14.45 -21.17 18.16
C ARG D 139 -14.49 -22.09 19.37
N LYS D 140 -14.60 -23.40 19.15
CA LYS D 140 -14.61 -24.36 20.26
C LYS D 140 -13.29 -24.35 21.01
N PHE D 141 -12.17 -24.31 20.27
CA PHE D 141 -10.88 -24.21 20.93
C PHE D 141 -10.78 -22.92 21.72
N ALA D 142 -11.29 -21.82 21.14
CA ALA D 142 -11.20 -20.53 21.80
C ALA D 142 -11.98 -20.51 23.12
N GLN D 143 -13.18 -21.09 23.12
CA GLN D 143 -14.00 -21.05 24.33
C GLN D 143 -13.37 -21.87 25.45
N GLN D 144 -12.86 -23.06 25.13
CA GLN D 144 -12.20 -23.87 26.14
C GLN D 144 -10.93 -23.19 26.64
N MET D 145 -10.13 -22.62 25.72
CA MET D 145 -8.89 -21.96 26.12
C MET D 145 -9.18 -20.73 26.99
N CYS D 146 -10.21 -19.96 26.64
CA CYS D 146 -10.58 -18.82 27.47
C CYS D 146 -11.02 -19.27 28.85
N THR D 147 -11.78 -20.37 28.91
CA THR D 147 -12.21 -20.91 30.19
C THR D 147 -11.04 -21.43 31.00
N ALA D 148 -10.08 -22.08 30.34
CA ALA D 148 -8.89 -22.55 31.06
C ALA D 148 -8.12 -21.39 31.64
N LEU D 149 -7.97 -20.31 30.86
CA LEU D 149 -7.29 -19.12 31.36
C LEU D 149 -8.06 -18.46 32.50
N LEU D 150 -9.39 -18.52 32.47
CA LEU D 150 -10.15 -18.04 33.63
C LEU D 150 -9.78 -18.85 34.87
N PHE D 151 -9.65 -20.17 34.71
CA PHE D 151 -9.22 -21.01 35.83
C PHE D 151 -7.79 -20.69 36.26
N LEU D 152 -6.86 -20.50 35.31
CA LEU D 152 -5.52 -20.13 35.72
C LEU D 152 -5.53 -18.81 36.48
N ALA D 153 -6.52 -17.95 36.19
CA ALA D 153 -6.60 -16.62 36.79
C ALA D 153 -7.29 -16.58 38.16
N THR D 154 -7.85 -17.68 38.66
CA THR D 154 -8.45 -17.60 39.98
C THR D 154 -7.37 -17.25 41.00
N PRO D 155 -7.66 -16.34 41.93
CA PRO D 155 -6.57 -15.68 42.69
C PRO D 155 -5.67 -16.62 43.48
N GLU D 156 -6.22 -17.67 44.08
CA GLU D 156 -5.37 -18.61 44.82
C GLU D 156 -4.35 -19.28 43.91
N LEU D 157 -4.65 -19.38 42.62
CA LEU D 157 -3.71 -19.97 41.65
C LEU D 157 -2.81 -18.88 41.04
N SER D 158 -3.41 -17.98 40.27
CA SER D 158 -2.69 -16.90 39.60
C SER D 158 -1.50 -17.43 38.80
N ILE D 159 -1.78 -18.40 37.92
CA ILE D 159 -0.75 -19.09 37.17
C ILE D 159 -0.64 -18.49 35.78
N ILE D 160 0.59 -18.12 35.39
CA ILE D 160 0.91 -17.77 34.02
C ILE D 160 1.56 -19.00 33.39
N HIS D 161 0.93 -19.54 32.36
CA HIS D 161 1.48 -20.73 31.72
C HIS D 161 2.84 -20.45 31.09
N CYS D 162 2.96 -19.31 30.40
CA CYS D 162 4.20 -18.73 29.84
C CYS D 162 4.71 -19.42 28.58
N ASP D 163 4.08 -20.47 28.08
CA ASP D 163 4.52 -21.07 26.82
C ASP D 163 3.34 -21.69 26.09
N LEU D 164 2.22 -20.99 26.02
CA LEU D 164 1.09 -21.48 25.25
C LEU D 164 1.41 -21.43 23.77
N LYS D 165 1.19 -22.55 23.09
CA LYS D 165 1.35 -22.65 21.64
C LYS D 165 0.62 -23.91 21.20
N PRO D 166 0.42 -24.10 19.89
CA PRO D 166 -0.33 -25.28 19.44
C PRO D 166 0.27 -26.60 19.93
N GLU D 167 1.59 -26.69 20.11
CA GLU D 167 2.18 -27.93 20.61
C GLU D 167 1.74 -28.26 22.02
N ASN D 168 1.42 -27.24 22.82
CA ASN D 168 1.11 -27.44 24.23
C ASN D 168 -0.38 -27.47 24.50
N ILE D 169 -1.20 -27.56 23.45
CA ILE D 169 -2.63 -27.76 23.56
C ILE D 169 -2.94 -29.12 22.92
N LEU D 170 -3.53 -30.02 23.70
CA LEU D 170 -3.71 -31.41 23.29
C LEU D 170 -5.19 -31.76 23.23
N LEU D 171 -5.56 -32.57 22.23
CA LEU D 171 -6.89 -33.14 22.17
C LEU D 171 -7.02 -34.30 23.15
N CYS D 172 -8.17 -34.40 23.81
CA CYS D 172 -8.41 -35.55 24.67
C CYS D 172 -8.61 -36.82 23.86
N ASN D 173 -9.35 -36.72 22.75
CA ASN D 173 -9.67 -37.84 21.87
C ASN D 173 -9.54 -37.31 20.45
N PRO D 174 -9.03 -38.13 19.53
CA PRO D 174 -8.76 -37.62 18.17
C PRO D 174 -10.00 -37.28 17.36
N LYS D 175 -11.18 -37.78 17.72
CA LYS D 175 -12.40 -37.54 16.95
C LYS D 175 -13.31 -36.52 17.62
N ARG D 176 -12.82 -35.82 18.64
CA ARG D 176 -13.60 -34.86 19.42
C ARG D 176 -12.80 -33.57 19.57
N SER D 177 -13.48 -32.52 19.99
CA SER D 177 -12.87 -31.20 20.09
C SER D 177 -12.42 -30.83 21.49
N ALA D 178 -12.65 -31.70 22.48
CA ALA D 178 -12.19 -31.42 23.84
C ALA D 178 -10.66 -31.31 23.86
N ILE D 179 -10.15 -30.28 24.55
CA ILE D 179 -8.71 -30.05 24.62
C ILE D 179 -8.31 -29.84 26.07
N LYS D 180 -7.01 -30.07 26.33
CA LYS D 180 -6.38 -29.72 27.59
C LYS D 180 -5.02 -29.09 27.31
N ILE D 181 -4.56 -28.28 28.27
CA ILE D 181 -3.25 -27.63 28.20
C ILE D 181 -2.22 -28.50 28.91
N VAL D 182 -1.02 -28.59 28.33
CA VAL D 182 0.08 -29.35 28.90
C VAL D 182 1.30 -28.45 29.04
N ASP D 183 2.38 -29.04 29.55
CA ASP D 183 3.70 -28.41 29.65
C ASP D 183 3.67 -27.17 30.51
N PHE D 184 3.66 -27.33 31.83
CA PHE D 184 3.77 -26.20 32.73
C PHE D 184 5.20 -26.00 33.22
N GLY D 185 6.17 -26.46 32.44
CA GLY D 185 7.58 -26.34 32.81
C GLY D 185 8.07 -24.91 32.94
N SER D 186 7.54 -24.00 32.14
CA SER D 186 7.94 -22.59 32.19
C SER D 186 6.97 -21.74 32.99
N SER D 187 6.01 -22.36 33.66
CA SER D 187 4.98 -21.58 34.34
C SER D 187 5.53 -20.92 35.60
N CYS D 188 4.80 -19.91 36.06
CA CYS D 188 5.09 -19.19 37.29
C CYS D 188 3.78 -18.65 37.83
N GLN D 189 3.85 -18.05 39.02
CA GLN D 189 2.72 -17.34 39.58
C GLN D 189 2.98 -15.84 39.61
N LEU D 190 1.89 -15.08 39.79
CA LEU D 190 1.96 -13.62 39.72
C LEU D 190 2.94 -13.05 40.74
N GLY D 191 3.03 -13.70 41.91
CA GLY D 191 3.88 -13.21 42.98
C GLY D 191 5.35 -13.46 42.74
N GLN D 192 5.68 -14.40 41.87
CA GLN D 192 7.05 -14.89 41.71
C GLN D 192 7.58 -14.54 40.33
N ILE D 194 10.32 -12.23 37.11
CA ILE D 194 10.82 -10.99 36.54
C ILE D 194 11.80 -11.30 35.40
N TYR D 195 11.50 -12.34 34.63
CA TYR D 195 12.43 -12.82 33.62
C TYR D 195 12.10 -12.25 32.25
N GLN D 196 13.08 -12.35 31.35
CA GLN D 196 12.90 -11.95 29.96
C GLN D 196 13.21 -13.12 29.05
N PTR D 197 12.86 -12.99 27.78
N PTR D 197 12.85 -12.98 27.77
CA PTR D 197 13.07 -14.04 26.78
CA PTR D 197 13.09 -14.02 26.76
C PTR D 197 12.34 -15.33 27.16
C PTR D 197 12.37 -15.32 27.18
O PTR D 197 12.83 -16.45 26.95
O PTR D 197 12.90 -16.42 27.01
CB PTR D 197 14.55 -14.31 26.55
CB PTR D 197 14.60 -14.23 26.54
CG PTR D 197 14.83 -14.70 25.12
CG PTR D 197 15.23 -13.49 25.35
CD1 PTR D 197 15.14 -13.73 24.17
CD1 PTR D 197 15.86 -12.26 25.51
CD2 PTR D 197 14.75 -16.01 24.71
CD2 PTR D 197 15.20 -14.04 24.08
CE1 PTR D 197 15.38 -14.08 22.85
CE1 PTR D 197 16.44 -11.60 24.42
CE2 PTR D 197 14.97 -16.38 23.40
CE2 PTR D 197 15.77 -13.39 23.00
CZ PTR D 197 15.30 -15.41 22.47
CZ PTR D 197 16.39 -12.17 23.16
OH PTR D 197 15.50 -15.80 21.25
OH PTR D 197 16.94 -11.52 22.16
P PTR D 197 14.35 -16.75 20.60
P PTR D 197 17.37 -12.11 20.70
O1P PTR D 197 14.52 -18.12 21.12
O1P PTR D 197 16.32 -12.99 20.14
O2P PTR D 197 12.96 -16.20 21.00
O2P PTR D 197 17.57 -10.94 19.73
O3P PTR D 197 14.45 -16.81 19.06
O3P PTR D 197 18.69 -12.90 20.80
N ILE D 198 11.16 -15.17 27.71
CA ILE D 198 10.26 -16.29 28.00
C ILE D 198 9.21 -16.33 26.89
N GLN D 199 8.52 -17.47 26.77
CA GLN D 199 7.52 -17.74 25.73
C GLN D 199 8.22 -18.11 24.42
N SER D 200 7.60 -18.98 23.62
CA SER D 200 8.10 -19.23 22.28
C SER D 200 7.94 -17.98 21.43
N ARG D 201 8.94 -17.73 20.57
CA ARG D 201 9.07 -16.42 19.94
C ARG D 201 7.82 -16.03 19.16
N PHE D 202 7.25 -16.96 18.37
CA PHE D 202 6.08 -16.63 17.57
C PHE D 202 4.94 -16.12 18.43
N TYR D 203 4.89 -16.58 19.68
CA TYR D 203 3.79 -16.31 20.59
C TYR D 203 4.19 -15.38 21.73
N ARG D 204 5.33 -14.71 21.60
CA ARG D 204 5.85 -13.87 22.67
C ARG D 204 5.19 -12.49 22.66
N SER D 205 4.77 -12.03 23.84
CA SER D 205 4.01 -10.80 23.97
C SER D 205 4.90 -9.57 23.84
N PRO D 206 4.31 -8.43 23.48
CA PRO D 206 5.08 -7.16 23.45
C PRO D 206 5.74 -6.84 24.78
N GLU D 207 5.08 -7.12 25.90
CA GLU D 207 5.68 -6.78 27.19
C GLU D 207 7.00 -7.51 27.37
N VAL D 208 7.04 -8.78 26.97
CA VAL D 208 8.26 -9.57 27.11
C VAL D 208 9.31 -9.15 26.07
N LEU D 209 8.87 -8.89 24.83
CA LEU D 209 9.81 -8.39 23.84
C LEU D 209 10.47 -7.09 24.28
N LEU D 210 9.73 -6.25 25.00
CA LEU D 210 10.22 -4.95 25.43
C LEU D 210 10.92 -4.99 26.79
N GLY D 211 11.04 -6.16 27.42
CA GLY D 211 11.70 -6.24 28.71
C GLY D 211 10.96 -5.58 29.86
N MET D 212 9.64 -5.51 29.77
CA MET D 212 8.77 -4.86 30.74
C MET D 212 8.20 -5.89 31.72
N PRO D 213 7.61 -5.43 32.83
CA PRO D 213 6.85 -6.36 33.69
C PRO D 213 5.74 -7.04 32.92
N TYR D 214 5.36 -8.23 33.37
CA TYR D 214 4.28 -8.96 32.74
C TYR D 214 3.46 -9.69 33.79
N ASP D 215 2.26 -10.09 33.37
CA ASP D 215 1.34 -10.80 34.25
C ASP D 215 0.59 -11.81 33.38
N LEU D 216 -0.60 -12.20 33.84
CA LEU D 216 -1.36 -13.24 33.17
C LEU D 216 -1.77 -12.84 31.75
N ALA D 217 -1.73 -11.55 31.42
CA ALA D 217 -2.16 -11.10 30.10
C ALA D 217 -1.27 -11.64 28.99
N ILE D 218 -0.04 -12.09 29.29
CA ILE D 218 0.81 -12.59 28.22
C ILE D 218 0.26 -13.89 27.66
N ASP D 219 -0.48 -14.66 28.46
CA ASP D 219 -1.11 -15.87 27.93
C ASP D 219 -2.22 -15.53 26.96
N MET D 220 -2.94 -14.43 27.21
CA MET D 220 -4.00 -14.03 26.30
C MET D 220 -3.45 -13.54 24.98
N TRP D 221 -2.31 -12.85 25.01
CA TRP D 221 -1.61 -12.52 23.77
C TRP D 221 -1.30 -13.79 22.97
N SER D 222 -0.67 -14.77 23.62
CA SER D 222 -0.35 -16.03 22.95
C SER D 222 -1.60 -16.67 22.37
N LEU D 223 -2.71 -16.60 23.13
CA LEU D 223 -3.95 -17.21 22.68
C LEU D 223 -4.46 -16.54 21.40
N GLY D 224 -4.41 -15.21 21.34
CA GLY D 224 -4.78 -14.52 20.11
C GLY D 224 -4.01 -15.01 18.92
N CYS D 225 -2.68 -15.16 19.07
CA CYS D 225 -1.86 -15.69 17.99
C CYS D 225 -2.27 -17.11 17.62
N ILE D 226 -2.56 -17.95 18.62
CA ILE D 226 -2.86 -19.35 18.38
C ILE D 226 -4.15 -19.49 17.60
N LEU D 227 -5.19 -18.77 18.00
CA LEU D 227 -6.49 -18.93 17.36
C LEU D 227 -6.44 -18.52 15.89
N VAL D 228 -5.71 -17.44 15.58
CA VAL D 228 -5.56 -17.04 14.19
C VAL D 228 -4.84 -18.15 13.41
N GLU D 229 -3.77 -18.69 13.99
CA GLU D 229 -3.03 -19.76 13.33
C GLU D 229 -3.86 -21.03 13.17
N MET D 230 -4.74 -21.33 14.14
CA MET D 230 -5.57 -22.52 14.01
C MET D 230 -6.49 -22.42 12.79
N HIS D 231 -6.96 -21.22 12.47
CA HIS D 231 -7.87 -21.06 11.33
C HIS D 231 -7.14 -20.78 10.02
N THR D 232 -6.00 -20.08 10.04
CA THR D 232 -5.27 -19.82 8.80
C THR D 232 -4.29 -20.92 8.44
N GLY D 233 -3.86 -21.72 9.42
CA GLY D 233 -2.89 -22.77 9.21
C GLY D 233 -1.45 -22.37 9.38
N GLU D 234 -1.16 -21.09 9.58
CA GLU D 234 0.22 -20.64 9.70
C GLU D 234 0.35 -19.65 10.84
N PRO D 235 1.54 -19.56 11.44
CA PRO D 235 1.71 -18.64 12.57
C PRO D 235 1.45 -17.19 12.17
N LEU D 236 0.84 -16.44 13.09
CA LEU D 236 0.55 -15.03 12.81
C LEU D 236 1.82 -14.20 12.72
N PHE D 237 2.71 -14.34 13.70
CA PHE D 237 3.94 -13.56 13.77
C PHE D 237 5.11 -14.54 13.86
N SER D 238 5.73 -14.83 12.72
CA SER D 238 6.77 -15.87 12.65
C SER D 238 8.16 -15.23 12.57
N GLY D 239 8.49 -14.44 13.59
CA GLY D 239 9.78 -13.78 13.61
C GLY D 239 10.90 -14.78 13.82
N ALA D 240 12.00 -14.57 13.09
CA ALA D 240 13.19 -15.40 13.23
C ALA D 240 14.06 -14.97 14.40
N ASN D 241 13.82 -13.77 14.93
CA ASN D 241 14.54 -13.24 16.08
C ASN D 241 13.67 -12.14 16.66
N GLU D 242 14.09 -11.58 17.79
CA GLU D 242 13.25 -10.61 18.48
C GLU D 242 12.94 -9.40 17.61
N VAL D 243 13.95 -8.89 16.90
CA VAL D 243 13.74 -7.73 16.02
C VAL D 243 12.77 -8.06 14.91
N ASP D 244 12.98 -9.19 14.24
CA ASP D 244 12.05 -9.62 13.20
C ASP D 244 10.65 -9.82 13.77
N GLN D 245 10.56 -10.38 14.98
CA GLN D 245 9.27 -10.64 15.60
C GLN D 245 8.52 -9.34 15.88
N MET D 246 9.20 -8.36 16.48
CA MET D 246 8.54 -7.09 16.75
C MET D 246 8.11 -6.41 15.47
N ASN D 247 8.96 -6.47 14.43
CA ASN D 247 8.58 -5.88 13.15
C ASN D 247 7.37 -6.58 12.54
N LYS D 248 7.25 -7.89 12.72
CA LYS D 248 6.08 -8.58 12.18
C LYS D 248 4.82 -8.20 12.94
N ILE D 249 4.92 -7.99 14.25
CA ILE D 249 3.78 -7.52 15.01
C ILE D 249 3.36 -6.13 14.56
N VAL D 250 4.36 -5.25 14.34
CA VAL D 250 4.06 -3.87 13.93
C VAL D 250 3.40 -3.82 12.56
N GLU D 251 3.74 -4.75 11.66
CA GLU D 251 3.08 -4.78 10.35
C GLU D 251 1.56 -4.87 10.50
N VAL D 252 1.09 -5.66 11.46
CA VAL D 252 -0.33 -5.88 11.62
C VAL D 252 -0.97 -4.85 12.53
N LEU D 253 -0.28 -4.49 13.61
CA LEU D 253 -0.89 -3.72 14.69
C LEU D 253 -0.36 -2.31 14.77
N GLY D 254 0.61 -1.94 13.96
CA GLY D 254 1.14 -0.59 13.99
C GLY D 254 2.16 -0.42 15.09
N ILE D 255 2.64 0.81 15.21
CA ILE D 255 3.59 1.16 16.28
C ILE D 255 2.88 1.03 17.63
N PRO D 256 3.51 0.42 18.63
CA PRO D 256 2.92 0.41 19.96
C PRO D 256 2.77 1.84 20.47
N PRO D 257 1.79 2.08 21.34
CA PRO D 257 1.56 3.45 21.82
C PRO D 257 2.71 3.96 22.70
N ALA D 258 2.84 5.29 22.72
CA ALA D 258 3.98 5.91 23.39
C ALA D 258 4.00 5.60 24.89
N HIS D 259 2.82 5.54 25.52
CA HIS D 259 2.79 5.30 26.96
C HIS D 259 3.40 3.96 27.31
N ILE D 260 3.43 3.02 26.37
CA ILE D 260 4.15 1.77 26.58
C ILE D 260 5.64 1.94 26.32
N LEU D 261 6.00 2.45 25.13
CA LEU D 261 7.40 2.53 24.74
C LEU D 261 8.20 3.44 25.66
N ASP D 262 7.57 4.50 26.21
CA ASP D 262 8.29 5.37 27.13
C ASP D 262 8.73 4.64 28.39
N GLN D 263 8.12 3.50 28.71
CA GLN D 263 8.46 2.72 29.89
C GLN D 263 9.16 1.41 29.56
N ALA D 264 9.53 1.19 28.30
CA ALA D 264 10.05 -0.10 27.87
C ALA D 264 11.56 -0.09 27.89
N PRO D 265 12.21 -0.90 28.74
CA PRO D 265 13.68 -0.89 28.79
C PRO D 265 14.35 -1.20 27.47
N LYS D 266 13.76 -2.08 26.65
CA LYS D 266 14.33 -2.47 25.37
C LYS D 266 13.64 -1.78 24.21
N ALA D 267 13.02 -0.62 24.47
CA ALA D 267 12.35 0.11 23.42
C ALA D 267 13.29 0.41 22.26
N ARG D 268 14.52 0.83 22.56
CA ARG D 268 15.29 1.32 21.41
C ARG D 268 16.02 0.15 20.71
N LYS D 269 15.70 -1.12 21.06
CA LYS D 269 16.13 -2.25 20.25
C LYS D 269 15.34 -2.33 18.95
N PHE D 270 14.12 -1.78 18.95
CA PHE D 270 13.24 -1.80 17.80
C PHE D 270 12.82 -0.43 17.31
N PHE D 271 12.77 0.57 18.19
CA PHE D 271 12.14 1.84 17.86
C PHE D 271 13.08 2.99 18.12
N GLU D 272 12.71 4.15 17.57
CA GLU D 272 13.43 5.40 17.77
C GLU D 272 12.45 6.47 18.23
N LYS D 273 12.90 7.29 19.17
CA LYS D 273 12.10 8.37 19.70
C LYS D 273 12.46 9.63 18.93
N LEU D 274 11.46 10.30 18.39
CA LEU D 274 11.65 11.50 17.59
C LEU D 274 11.62 12.74 18.49
N PRO D 275 12.09 13.89 17.99
CA PRO D 275 12.08 15.11 18.82
C PRO D 275 10.72 15.44 19.43
N ASP D 276 9.62 15.18 18.72
CA ASP D 276 8.29 15.49 19.26
C ASP D 276 7.79 14.48 20.27
N GLY D 277 8.61 13.49 20.64
CA GLY D 277 8.21 12.49 21.60
C GLY D 277 7.47 11.30 21.02
N THR D 278 7.25 11.28 19.71
CA THR D 278 6.62 10.13 19.08
C THR D 278 7.67 9.11 18.70
N TRP D 279 7.23 7.88 18.46
CA TRP D 279 8.11 6.75 18.18
C TRP D 279 7.84 6.23 16.77
N ASN D 280 8.91 5.80 16.09
CA ASN D 280 8.78 5.00 14.88
C ASN D 280 9.75 3.82 14.96
N LEU D 281 9.63 2.93 13.99
CA LEU D 281 10.54 1.80 13.88
C LEU D 281 11.96 2.24 13.53
N LYS D 282 12.92 1.47 14.06
CA LYS D 282 14.27 1.52 13.55
C LYS D 282 14.34 0.66 12.29
N LYS D 283 15.03 1.15 11.27
CA LYS D 283 15.29 0.31 10.12
C LYS D 283 16.30 -0.76 10.53
N THR D 284 16.06 -2.00 10.10
CA THR D 284 16.89 -3.10 10.57
C THR D 284 18.34 -2.92 10.10
N LYS D 285 19.28 -3.34 10.94
CA LYS D 285 20.69 -3.15 10.62
C LYS D 285 21.08 -3.92 9.37
N ASP D 286 20.84 -5.22 9.37
CA ASP D 286 20.86 -5.98 8.12
C ASP D 286 19.59 -5.68 7.34
N GLY D 287 19.72 -5.53 6.03
CA GLY D 287 18.57 -5.22 5.21
C GLY D 287 17.93 -6.44 4.60
N LYS D 288 18.10 -7.60 5.24
CA LYS D 288 17.71 -8.86 4.60
C LYS D 288 16.20 -8.97 4.45
N ARG D 289 15.45 -8.45 5.41
CA ARG D 289 14.00 -8.55 5.45
C ARG D 289 13.38 -7.17 5.28
N GLU D 290 12.25 -7.11 4.59
CA GLU D 290 11.52 -5.86 4.39
C GLU D 290 10.10 -6.06 4.89
N TYR D 291 9.51 -4.98 5.38
CA TYR D 291 8.20 -5.05 6.03
C TYR D 291 7.19 -4.12 5.37
N LYS D 292 5.92 -4.52 5.44
CA LYS D 292 4.84 -3.61 5.11
C LYS D 292 4.87 -2.42 6.07
N PRO D 293 4.41 -1.25 5.62
CA PRO D 293 4.34 -0.11 6.53
C PRO D 293 3.48 -0.45 7.73
N PRO D 294 3.73 0.20 8.87
CA PRO D 294 3.07 -0.21 10.12
C PRO D 294 1.56 -0.24 10.00
N GLY D 295 0.97 -1.34 10.46
CA GLY D 295 -0.47 -1.49 10.47
C GLY D 295 -1.13 -1.74 9.13
N THR D 296 -0.38 -1.91 8.04
CA THR D 296 -1.03 -2.11 6.75
C THR D 296 -1.20 -3.57 6.38
N ARG D 297 -0.62 -4.49 7.17
CA ARG D 297 -0.87 -5.91 6.99
C ARG D 297 -2.07 -6.25 7.87
N LYS D 298 -3.26 -6.01 7.32
CA LYS D 298 -4.48 -6.02 8.10
C LYS D 298 -4.89 -7.43 8.51
N LEU D 299 -5.21 -7.61 9.80
CA LEU D 299 -5.86 -8.83 10.23
C LEU D 299 -7.13 -9.06 9.45
N HIS D 300 -7.82 -7.98 9.07
CA HIS D 300 -9.00 -8.04 8.22
C HIS D 300 -8.73 -8.85 6.95
N ASN D 301 -7.53 -8.73 6.38
CA ASN D 301 -7.18 -9.45 5.16
C ASN D 301 -6.52 -10.79 5.42
N ILE D 302 -5.74 -10.91 6.49
CA ILE D 302 -5.18 -12.21 6.85
C ILE D 302 -6.30 -13.23 7.05
N LEU D 303 -7.37 -12.82 7.72
CA LEU D 303 -8.50 -13.71 7.94
C LEU D 303 -9.40 -13.84 6.70
N GLY D 304 -9.28 -12.93 5.74
CA GLY D 304 -10.18 -12.93 4.59
C GLY D 304 -11.62 -12.67 4.98
N VAL D 305 -11.85 -11.69 5.84
CA VAL D 305 -13.18 -11.43 6.40
C VAL D 305 -14.24 -11.35 5.31
N GLU D 306 -13.95 -10.64 4.23
CA GLU D 306 -14.95 -10.37 3.20
C GLU D 306 -14.64 -11.08 1.89
N THR D 307 -13.61 -11.93 1.86
CA THR D 307 -13.17 -12.59 0.63
C THR D 307 -13.13 -14.11 0.79
N GLY D 308 -14.02 -14.66 1.60
CA GLY D 308 -14.14 -16.11 1.72
C GLY D 308 -13.17 -16.79 2.66
N GLY D 309 -12.68 -16.09 3.69
CA GLY D 309 -11.83 -16.72 4.67
C GLY D 309 -10.41 -16.89 4.17
N PRO D 310 -9.58 -17.58 4.95
CA PRO D 310 -8.16 -17.76 4.57
C PRO D 310 -8.03 -18.37 3.18
N GLY D 311 -7.34 -17.65 2.31
CA GLY D 311 -7.15 -18.11 0.93
C GLY D 311 -8.41 -18.26 0.12
N GLY D 312 -9.51 -17.66 0.55
CA GLY D 312 -10.79 -17.85 -0.11
C GLY D 312 -11.37 -19.23 -0.02
N ARG D 313 -10.80 -20.10 0.82
CA ARG D 313 -11.17 -21.51 0.85
C ARG D 313 -12.46 -21.77 1.61
N ARG D 314 -13.00 -20.76 2.28
CA ARG D 314 -14.26 -20.89 3.01
C ARG D 314 -15.42 -20.25 2.26
N ALA D 315 -15.20 -19.76 1.05
CA ALA D 315 -16.29 -19.22 0.24
C ALA D 315 -17.30 -20.32 -0.04
N GLY D 316 -18.57 -20.04 0.21
CA GLY D 316 -19.60 -21.03 -0.03
C GLY D 316 -19.83 -22.01 1.10
N GLU D 317 -19.20 -21.80 2.25
CA GLU D 317 -19.34 -22.67 3.40
C GLU D 317 -20.25 -22.04 4.44
N SER D 318 -21.01 -22.89 5.13
CA SER D 318 -21.74 -22.43 6.29
C SER D 318 -20.78 -22.18 7.45
N GLY D 319 -21.25 -21.42 8.44
CA GLY D 319 -20.47 -21.10 9.62
C GLY D 319 -19.31 -20.16 9.41
N HIS D 320 -19.25 -19.47 8.27
CA HIS D 320 -18.13 -18.57 7.96
C HIS D 320 -18.64 -17.31 7.29
N THR D 321 -19.68 -16.71 7.88
CA THR D 321 -20.25 -15.50 7.30
C THR D 321 -19.34 -14.30 7.61
N VAL D 322 -19.56 -13.22 6.86
CA VAL D 322 -18.83 -11.98 7.13
C VAL D 322 -19.00 -11.56 8.59
N ALA D 323 -20.23 -11.65 9.09
CA ALA D 323 -20.48 -11.30 10.49
C ALA D 323 -19.67 -12.20 11.43
N ASP D 324 -19.62 -13.51 11.13
CA ASP D 324 -18.81 -14.42 11.94
C ASP D 324 -17.35 -13.99 11.95
N TYR D 325 -16.79 -13.73 10.76
CA TYR D 325 -15.39 -13.34 10.69
C TYR D 325 -15.16 -12.02 11.42
N LEU D 326 -16.12 -11.08 11.30
CA LEU D 326 -16.00 -9.80 11.97
C LEU D 326 -15.97 -9.96 13.48
N LYS D 327 -16.82 -10.84 14.02
CA LYS D 327 -16.78 -11.09 15.46
C LYS D 327 -15.45 -11.71 15.86
N PHE D 328 -15.00 -12.70 15.09
CA PHE D 328 -13.70 -13.33 15.34
C PHE D 328 -12.59 -12.29 15.33
N LYS D 329 -12.59 -11.41 14.33
CA LYS D 329 -11.53 -10.41 14.22
C LYS D 329 -11.52 -9.46 15.42
N ASP D 330 -12.70 -9.00 15.84
CA ASP D 330 -12.74 -8.08 16.98
C ASP D 330 -12.17 -8.73 18.23
N LEU D 331 -12.55 -9.98 18.51
CA LEU D 331 -12.03 -10.66 19.69
C LEU D 331 -10.51 -10.81 19.62
N ILE D 332 -9.99 -11.25 18.47
CA ILE D 332 -8.54 -11.41 18.34
C ILE D 332 -7.83 -10.10 18.59
N LEU D 333 -8.33 -9.00 18.02
CA LEU D 333 -7.71 -7.70 18.22
C LEU D 333 -7.79 -7.28 19.68
N ARG D 334 -8.85 -7.70 20.39
CA ARG D 334 -8.91 -7.48 21.83
C ARG D 334 -7.82 -8.28 22.55
N MET D 335 -7.54 -9.50 22.08
CA MET D 335 -6.49 -10.32 22.66
C MET D 335 -5.10 -9.82 22.31
N LEU D 336 -4.96 -9.02 21.25
CA LEU D 336 -3.66 -8.53 20.82
C LEU D 336 -3.47 -7.06 21.12
N ASP D 337 -4.23 -6.54 22.09
CA ASP D 337 -4.00 -5.22 22.65
C ASP D 337 -2.55 -5.07 23.10
N TYR D 338 -1.91 -3.99 22.65
CA TYR D 338 -0.53 -3.73 23.10
C TYR D 338 -0.46 -3.53 24.60
N ASP D 339 -1.49 -2.94 25.19
CA ASP D 339 -1.48 -2.59 26.61
C ASP D 339 -1.96 -3.78 27.42
N PRO D 340 -1.11 -4.39 28.25
CA PRO D 340 -1.57 -5.54 29.06
C PRO D 340 -2.63 -5.18 30.09
N LYS D 341 -2.72 -3.91 30.50
CA LYS D 341 -3.75 -3.54 31.47
C LYS D 341 -5.14 -3.51 30.85
N THR D 342 -5.24 -3.31 29.54
CA THR D 342 -6.53 -3.23 28.86
C THR D 342 -6.79 -4.38 27.91
N ARG D 343 -5.80 -5.25 27.66
CA ARG D 343 -6.05 -6.47 26.90
C ARG D 343 -7.19 -7.25 27.53
N ILE D 344 -8.05 -7.82 26.68
CA ILE D 344 -9.23 -8.51 27.17
C ILE D 344 -8.83 -9.64 28.12
N GLN D 345 -9.62 -9.82 29.16
CA GLN D 345 -9.34 -10.81 30.18
C GLN D 345 -10.31 -11.98 30.04
N PRO D 346 -9.94 -13.17 30.53
CA PRO D 346 -10.73 -14.37 30.22
C PRO D 346 -12.22 -14.22 30.49
N TYR D 347 -12.59 -13.69 31.66
CA TYR D 347 -14.00 -13.55 32.01
C TYR D 347 -14.76 -12.74 30.97
N TYR D 348 -14.17 -11.64 30.50
CA TYR D 348 -14.86 -10.81 29.53
C TYR D 348 -14.77 -11.37 28.11
N ALA D 349 -13.67 -12.05 27.77
CA ALA D 349 -13.58 -12.72 26.49
C ALA D 349 -14.66 -13.79 26.36
N LEU D 350 -14.97 -14.48 27.45
CA LEU D 350 -16.03 -15.48 27.42
C LEU D 350 -17.39 -14.86 27.11
N GLN D 351 -17.56 -13.56 27.36
CA GLN D 351 -18.80 -12.85 27.07
C GLN D 351 -18.85 -12.29 25.66
N HIS D 352 -17.82 -12.49 24.85
CA HIS D 352 -17.74 -11.87 23.54
C HIS D 352 -18.81 -12.41 22.60
N SER D 353 -19.26 -11.55 21.68
CA SER D 353 -20.30 -11.95 20.73
C SER D 353 -19.84 -13.07 19.81
N PHE D 354 -18.52 -13.26 19.68
CA PHE D 354 -18.00 -14.37 18.90
C PHE D 354 -18.48 -15.72 19.43
N PHE D 355 -18.84 -15.80 20.71
CA PHE D 355 -19.23 -17.06 21.33
C PHE D 355 -20.74 -17.28 21.39
N LYS D 356 -21.56 -16.28 21.09
CA LYS D 356 -22.99 -16.53 20.98
C LYS D 356 -23.25 -17.42 19.77
N LYS D 357 -23.95 -18.53 19.98
CA LYS D 357 -24.13 -19.51 18.91
C LYS D 357 -25.54 -20.09 18.86
S SO4 E . -20.06 20.33 36.68
O1 SO4 E . -20.63 21.23 37.68
O2 SO4 E . -20.16 18.95 37.15
O3 SO4 E . -20.79 20.47 35.42
O4 SO4 E . -18.64 20.67 36.47
O1 PG4 F . -36.13 29.65 5.22
C1 PG4 F . -35.61 28.47 4.64
C2 PG4 F . -34.70 28.82 3.47
O2 PG4 F . -35.34 29.74 2.62
C3 PG4 F . -34.66 30.04 1.45
C4 PG4 F . -35.63 30.39 0.32
O3 PG4 F . -36.59 31.34 0.71
C5 PG4 F . -37.40 31.72 -0.38
C6 PG4 F . -38.55 32.66 0.00
O4 PG4 F . -38.67 32.85 1.39
C7 PG4 F . -39.82 33.54 1.77
C8 PG4 F . -40.42 32.90 3.01
O5 PG4 F . -39.48 32.93 4.05
C10 KR8 G . -24.94 29.60 10.45
C12 KR8 G . -25.15 29.39 11.83
C13 KR8 G . -26.22 28.95 12.65
C15 KR8 G . -24.76 29.24 14.47
N KR8 G . -29.29 28.58 8.85
C KR8 G . -30.44 27.53 12.75
C1 KR8 G . -30.42 26.57 11.75
C11 KR8 G . -23.62 30.04 10.36
C14 KR8 G . -26.04 28.87 14.00
C16 KR8 G . -30.10 28.03 7.77
C2 KR8 G . -30.03 26.92 10.47
C3 KR8 G . -29.67 28.22 10.18
C4 KR8 G . -29.69 29.18 11.19
C5 KR8 G . -30.08 28.83 12.47
C6 KR8 G . -27.97 28.86 8.59
C7 KR8 G . -26.34 29.16 7.04
C8 KR8 G . -25.41 29.42 8.03
C9 KR8 G . -25.87 29.37 9.34
N1 KR8 G . -27.62 28.87 7.29
N2 KR8 G . -23.01 30.13 11.53
N3 KR8 G . -23.96 29.72 12.39
N4 KR8 G . -23.74 29.65 13.72
N5 KR8 G . -27.15 29.09 9.63
S SO4 H . -3.76 21.16 -10.66
O1 SO4 H . -5.15 20.77 -10.88
O2 SO4 H . -3.30 20.66 -9.38
O3 SO4 H . -2.98 20.59 -11.75
O4 SO4 H . -3.65 22.61 -10.69
S SO4 I . -16.47 14.82 -43.04
O1 SO4 I . -17.05 13.49 -43.16
O2 SO4 I . -16.23 15.10 -41.62
O3 SO4 I . -17.41 15.79 -43.58
O4 SO4 I . -15.20 14.90 -43.76
O1 PG4 J . -28.98 -5.88 -28.09
C1 PG4 J . -29.81 -6.09 -29.21
C2 PG4 J . -31.24 -5.69 -28.86
O2 PG4 J . -31.24 -4.48 -28.14
C3 PG4 J . -32.52 -4.03 -27.83
C4 PG4 J . -32.46 -2.63 -27.26
O3 PG4 J . -31.92 -2.63 -25.97
C5 PG4 J . -31.81 -1.35 -25.42
C6 PG4 J . -31.09 -1.42 -24.09
O4 PG4 J . -29.71 -1.37 -24.30
C7 PG4 J . -28.94 -1.75 -23.20
C8 PG4 J . -27.46 -1.68 -23.56
O5 PG4 J . -27.10 -2.87 -24.22
O1 PG4 K . -23.35 20.84 -10.02
C1 PG4 K . -23.60 21.43 -8.79
C2 PG4 K . -25.08 21.37 -8.48
O2 PG4 K . -25.68 22.60 -8.75
C3 PG4 K . -27.07 22.56 -8.81
C4 PG4 K . -27.62 23.72 -9.64
O3 PG4 K . -27.30 23.55 -10.99
C5 PG4 K . -28.14 24.23 -11.90
C6 PG4 K . -27.36 24.69 -13.12
O4 PG4 K . -26.69 23.64 -13.74
C7 PG4 K . -25.80 24.06 -14.74
C8 PG4 K . -24.96 22.88 -15.26
O5 PG4 K . -24.00 22.51 -14.31
C10 KR8 L . -20.59 12.63 -20.91
C12 KR8 L . -20.76 13.06 -22.24
C13 KR8 L . -20.98 14.29 -22.90
C15 KR8 L . -20.94 13.07 -24.91
N KR8 L . -20.90 16.87 -18.82
C KR8 L . -21.21 18.68 -22.59
C1 KR8 L . -20.13 18.97 -21.78
C11 KR8 L . -20.42 11.24 -21.00
C14 KR8 L . -21.07 14.32 -24.27
C16 KR8 L . -20.49 17.74 -17.72
C2 KR8 L . -20.02 18.36 -20.54
C3 KR8 L . -20.99 17.46 -20.11
C4 KR8 L . -22.08 17.18 -20.94
C5 KR8 L . -22.17 17.80 -22.18
C6 KR8 L . -20.65 15.51 -18.71
C7 KR8 L . -20.07 13.75 -17.41
C8 KR8 L . -20.17 12.89 -18.48
C9 KR8 L . -20.52 13.46 -19.69
N1 KR8 L . -20.31 15.07 -17.50
N2 KR8 L . -20.45 10.79 -22.24
N3 KR8 L . -20.66 11.91 -22.97
N4 KR8 L . -20.74 11.89 -24.31
N5 KR8 L . -20.78 14.77 -19.84
S SO4 M . 19.88 0.53 3.30
O1 SO4 M . 19.15 -0.59 2.71
O2 SO4 M . 20.08 0.25 4.72
O3 SO4 M . 21.17 0.67 2.62
O4 SO4 M . 19.09 1.75 3.15
S SO4 N . 32.89 -15.87 -24.92
O1 SO4 N . 32.45 -15.26 -23.67
O2 SO4 N . 33.03 -17.32 -24.75
O3 SO4 N . 31.91 -15.58 -25.97
O4 SO4 N . 34.18 -15.30 -25.30
O1 PG4 O . 28.32 -38.28 -7.88
C1 PG4 O . 28.18 -38.91 -9.12
C2 PG4 O . 26.75 -39.43 -9.27
O2 PG4 O . 25.90 -38.32 -9.16
C3 PG4 O . 24.53 -38.57 -9.26
C4 PG4 O . 23.82 -37.23 -9.46
O3 PG4 O . 23.19 -36.81 -8.28
C5 PG4 O . 23.34 -35.45 -8.00
C6 PG4 O . 22.87 -35.14 -6.57
O4 PG4 O . 23.59 -34.07 -6.02
C7 PG4 O . 24.86 -34.43 -5.56
C8 PG4 O . 25.65 -33.23 -5.04
O5 PG4 O . 27.01 -33.48 -5.23
O1 PG4 P . 8.44 -12.76 -5.21
C1 PG4 P . 8.36 -12.37 -3.86
C2 PG4 P . 7.66 -13.45 -3.04
O2 PG4 P . 6.32 -13.10 -2.84
C3 PG4 P . 5.40 -14.17 -2.87
C4 PG4 P . 4.11 -13.72 -3.56
O3 PG4 P . 3.76 -14.60 -4.59
C5 PG4 P . 3.06 -13.99 -5.65
C6 PG4 P . 3.50 -14.54 -7.01
O4 PG4 P . 4.62 -13.83 -7.48
C7 PG4 P . 4.94 -14.08 -8.81
C8 PG4 P . 6.02 -13.11 -9.30
O5 PG4 P . 7.25 -13.41 -8.70
C10 KR8 Q . 19.68 -18.29 -7.48
C12 KR8 Q . 20.15 -18.19 -8.81
C13 KR8 Q . 19.80 -17.46 -9.96
C15 KR8 Q . 21.58 -18.54 -11.03
N KR8 Q . 15.90 -15.45 -7.86
C KR8 Q . 17.20 -13.81 -11.51
C1 KR8 Q . 17.04 -13.00 -10.40
C11 KR8 Q . 20.52 -19.22 -6.87
C14 KR8 Q . 20.52 -17.62 -11.11
C16 KR8 Q . 14.82 -14.72 -7.20
C2 KR8 Q . 16.62 -13.54 -9.20
C3 KR8 Q . 16.37 -14.91 -9.09
C4 KR8 Q . 16.53 -15.72 -10.20
C5 KR8 Q . 16.95 -15.17 -11.40
C6 KR8 Q . 16.75 -16.17 -7.05
C7 KR8 Q . 17.34 -16.87 -4.98
C8 KR8 Q . 18.38 -17.60 -5.49
C9 KR8 Q . 18.56 -17.56 -6.86
N1 KR8 Q . 16.50 -16.14 -5.74
N2 KR8 Q . 21.45 -19.69 -7.69
N3 KR8 Q . 21.20 -19.06 -8.83
N4 KR8 Q . 21.94 -19.25 -9.95
N5 KR8 Q . 17.75 -16.86 -7.67
S SO4 R . -17.41 -32.14 19.50
O1 SO4 R . -18.66 -32.44 20.21
O2 SO4 R . -16.33 -32.94 20.07
O3 SO4 R . -17.57 -32.47 18.09
O4 SO4 R . -17.09 -30.73 19.65
S SO4 S . -2.29 -42.93 43.04
O1 SO4 S . -3.53 -42.63 43.75
O2 SO4 S . -1.77 -44.20 43.55
O3 SO4 S . -2.55 -43.04 41.61
O4 SO4 S . -1.32 -41.87 43.28
C10 KR8 T . 1.96 -34.18 28.55
C12 KR8 T . 2.97 -33.51 27.82
C13 KR8 T . 3.48 -33.56 26.51
C15 KR8 T . 4.93 -31.83 27.14
N KR8 T . 0.74 -37.09 25.05
C KR8 T . 3.35 -35.09 22.43
C1 KR8 T . 2.03 -35.24 22.10
C11 KR8 T . 2.00 -33.61 29.83
C14 KR8 T . 4.48 -32.71 26.14
C16 KR8 T . -0.21 -38.01 24.44
C2 KR8 T . 1.16 -35.90 22.97
C3 KR8 T . 1.63 -36.41 24.17
C4 KR8 T . 2.98 -36.26 24.50
C5 KR8 T . 3.83 -35.60 23.63
C6 KR8 T . 0.48 -36.60 26.31
C7 KR8 T . -0.81 -36.63 28.16
C8 KR8 T . -0.02 -35.68 28.78
C9 KR8 T . 1.06 -35.23 28.04
N1 KR8 T . -0.60 -37.11 26.94
N2 KR8 T . 2.91 -32.65 29.94
N3 KR8 T . 3.47 -32.62 28.72
N4 KR8 T . 4.46 -31.76 28.39
N5 KR8 T . 1.32 -35.66 26.80
#